data_3OFJ
# 
_entry.id   3OFJ 
# 
_audit_conform.dict_name       mmcif_pdbx.dic 
_audit_conform.dict_version    5.379 
_audit_conform.dict_location   http://mmcif.pdb.org/dictionaries/ascii/mmcif_pdbx.dic 
# 
loop_
_database_2.database_id 
_database_2.database_code 
_database_2.pdbx_database_accession 
_database_2.pdbx_DOI 
PDB   3OFJ         pdb_00003ofj 10.2210/pdb3ofj/pdb 
RCSB  RCSB061051   ?            ?                   
WWPDB D_1000061051 ?            ?                   
# 
_pdbx_database_related.db_name        PDB 
_pdbx_database_related.db_id          3OFK 
_pdbx_database_related.details        . 
_pdbx_database_related.content_type   unspecified 
# 
_pdbx_database_status.status_code                     REL 
_pdbx_database_status.entry_id                        3OFJ 
_pdbx_database_status.recvd_initial_deposition_date   2010-08-15 
_pdbx_database_status.deposit_site                    RCSB 
_pdbx_database_status.process_site                    RCSB 
_pdbx_database_status.status_code_sf                  REL 
_pdbx_database_status.status_code_mr                  ? 
_pdbx_database_status.SG_entry                        ? 
_pdbx_database_status.status_code_cs                  ? 
_pdbx_database_status.pdb_format_compatible           Y 
_pdbx_database_status.status_code_nmr_data            ? 
_pdbx_database_status.methods_development_category    ? 
# 
loop_
_audit_author.name 
_audit_author.pdbx_ordinal 
'Cakici, O.'     1 
'Sikorski, M.'   2 
'Stepkowski, T.' 3 
'Bujacz, G.'     4 
'Jaskolski, M.'  5 
# 
loop_
_citation.id 
_citation.title 
_citation.journal_abbrev 
_citation.journal_volume 
_citation.page_first 
_citation.page_last 
_citation.year 
_citation.journal_id_ASTM 
_citation.country 
_citation.journal_id_ISSN 
_citation.journal_id_CSD 
_citation.book_publisher 
_citation.pdbx_database_id_PubMed 
_citation.pdbx_database_id_DOI 
primary 'Crystal Structures of NodS N-Methyltransferase from Bradyrhizobium japonicum in Ligand-Free Form and as SAH Complex.' 
J.Mol.Biol.                404 874  889  2010 JMOBAK UK 0022-2836 0070 ? 20970431 10.1016/j.jmb.2010.10.016 
1       
;Cloning, expression, purification, crystallization  
and preliminary X-ray analysis of NodS  
N-methyltransferase from Bradyrhizobium  
japonicum WM9
;
'Acta Crystallogr.,Sect.F' F64 1149 1152 2008 ?      DK 1744-3091 ?    ? 19052372 ?                         
# 
loop_
_citation_author.citation_id 
_citation_author.name 
_citation_author.ordinal 
_citation_author.identifier_ORCID 
primary 'Cakici, O.'     1  ? 
primary 'Sikorski, M.'   2  ? 
primary 'Stepkowski, T.' 3  ? 
primary 'Bujacz, G.'     4  ? 
primary 'Jaskolski, M.'  5  ? 
1       'Cakici, O.'     6  ? 
1       'Sikorski, M.'   7  ? 
1       'Stepkowski, T.' 8  ? 
1       'Bujacz, G.'     9  ? 
1       'Jaskolski, M.'  10 ? 
# 
_cell.entry_id           3OFJ 
_cell.length_a           48.700 
_cell.length_b           48.700 
_cell.length_c           141.530 
_cell.angle_alpha        90.00 
_cell.angle_beta         90.00 
_cell.angle_gamma        90.00 
_cell.Z_PDB              8 
_cell.pdbx_unique_axis   ? 
_cell.length_a_esd       ? 
_cell.length_b_esd       ? 
_cell.length_c_esd       ? 
_cell.angle_alpha_esd    ? 
_cell.angle_beta_esd     ? 
_cell.angle_gamma_esd    ? 
# 
_symmetry.entry_id                         3OFJ 
_symmetry.space_group_name_H-M             'P 43 2 2' 
_symmetry.pdbx_full_space_group_name_H-M   ? 
_symmetry.cell_setting                     ? 
_symmetry.Int_Tables_number                95 
_symmetry.space_group_name_Hall            ? 
# 
loop_
_entity.id 
_entity.type 
_entity.src_method 
_entity.pdbx_description 
_entity.formula_weight 
_entity.pdbx_number_of_molecules 
_entity.pdbx_ec 
_entity.pdbx_mutation 
_entity.pdbx_fragment 
_entity.details 
1 polymer man 'Nodulation protein S' 24152.400 1  2.1.1.- ? ? ? 
2 water   nat water                  18.015    18 ?       ? ? ? 
# 
_entity_poly.entity_id                      1 
_entity_poly.type                           'polypeptide(L)' 
_entity_poly.nstd_linkage                   no 
_entity_poly.nstd_monomer                   no 
_entity_poly.pdbx_seq_one_letter_code       
;GIDPFTMVSVDNTYQSLERELANDDPWRLDDNPFERERHTQLLRLSLSSGAVSNGLEIGCAAGAFTEKLAPHCKRLTVID
VMPRAIGRACQRTKRWSHISWAATDILQFSTAELFDLIVVAEVLYYLEDMTQMRTAIDNMVKMLAPGGHLVFGSARDATC
RRWGHVAGAETVITILTEALTEVERVQCQGQSADEDCLLARFRNPERSSIRPDGRA
;
_entity_poly.pdbx_seq_one_letter_code_can   
;GIDPFTMVSVDNTYQSLERELANDDPWRLDDNPFERERHTQLLRLSLSSGAVSNGLEIGCAAGAFTEKLAPHCKRLTVID
VMPRAIGRACQRTKRWSHISWAATDILQFSTAELFDLIVVAEVLYYLEDMTQMRTAIDNMVKMLAPGGHLVFGSARDATC
RRWGHVAGAETVITILTEALTEVERVQCQGQSADEDCLLARFRNPERSSIRPDGRA
;
_entity_poly.pdbx_strand_id                 A 
_entity_poly.pdbx_target_identifier         ? 
# 
loop_
_entity_poly_seq.entity_id 
_entity_poly_seq.num 
_entity_poly_seq.mon_id 
_entity_poly_seq.hetero 
1 1   GLY n 
1 2   ILE n 
1 3   ASP n 
1 4   PRO n 
1 5   PHE n 
1 6   THR n 
1 7   MET n 
1 8   VAL n 
1 9   SER n 
1 10  VAL n 
1 11  ASP n 
1 12  ASN n 
1 13  THR n 
1 14  TYR n 
1 15  GLN n 
1 16  SER n 
1 17  LEU n 
1 18  GLU n 
1 19  ARG n 
1 20  GLU n 
1 21  LEU n 
1 22  ALA n 
1 23  ASN n 
1 24  ASP n 
1 25  ASP n 
1 26  PRO n 
1 27  TRP n 
1 28  ARG n 
1 29  LEU n 
1 30  ASP n 
1 31  ASP n 
1 32  ASN n 
1 33  PRO n 
1 34  PHE n 
1 35  GLU n 
1 36  ARG n 
1 37  GLU n 
1 38  ARG n 
1 39  HIS n 
1 40  THR n 
1 41  GLN n 
1 42  LEU n 
1 43  LEU n 
1 44  ARG n 
1 45  LEU n 
1 46  SER n 
1 47  LEU n 
1 48  SER n 
1 49  SER n 
1 50  GLY n 
1 51  ALA n 
1 52  VAL n 
1 53  SER n 
1 54  ASN n 
1 55  GLY n 
1 56  LEU n 
1 57  GLU n 
1 58  ILE n 
1 59  GLY n 
1 60  CYS n 
1 61  ALA n 
1 62  ALA n 
1 63  GLY n 
1 64  ALA n 
1 65  PHE n 
1 66  THR n 
1 67  GLU n 
1 68  LYS n 
1 69  LEU n 
1 70  ALA n 
1 71  PRO n 
1 72  HIS n 
1 73  CYS n 
1 74  LYS n 
1 75  ARG n 
1 76  LEU n 
1 77  THR n 
1 78  VAL n 
1 79  ILE n 
1 80  ASP n 
1 81  VAL n 
1 82  MET n 
1 83  PRO n 
1 84  ARG n 
1 85  ALA n 
1 86  ILE n 
1 87  GLY n 
1 88  ARG n 
1 89  ALA n 
1 90  CYS n 
1 91  GLN n 
1 92  ARG n 
1 93  THR n 
1 94  LYS n 
1 95  ARG n 
1 96  TRP n 
1 97  SER n 
1 98  HIS n 
1 99  ILE n 
1 100 SER n 
1 101 TRP n 
1 102 ALA n 
1 103 ALA n 
1 104 THR n 
1 105 ASP n 
1 106 ILE n 
1 107 LEU n 
1 108 GLN n 
1 109 PHE n 
1 110 SER n 
1 111 THR n 
1 112 ALA n 
1 113 GLU n 
1 114 LEU n 
1 115 PHE n 
1 116 ASP n 
1 117 LEU n 
1 118 ILE n 
1 119 VAL n 
1 120 VAL n 
1 121 ALA n 
1 122 GLU n 
1 123 VAL n 
1 124 LEU n 
1 125 TYR n 
1 126 TYR n 
1 127 LEU n 
1 128 GLU n 
1 129 ASP n 
1 130 MET n 
1 131 THR n 
1 132 GLN n 
1 133 MET n 
1 134 ARG n 
1 135 THR n 
1 136 ALA n 
1 137 ILE n 
1 138 ASP n 
1 139 ASN n 
1 140 MET n 
1 141 VAL n 
1 142 LYS n 
1 143 MET n 
1 144 LEU n 
1 145 ALA n 
1 146 PRO n 
1 147 GLY n 
1 148 GLY n 
1 149 HIS n 
1 150 LEU n 
1 151 VAL n 
1 152 PHE n 
1 153 GLY n 
1 154 SER n 
1 155 ALA n 
1 156 ARG n 
1 157 ASP n 
1 158 ALA n 
1 159 THR n 
1 160 CYS n 
1 161 ARG n 
1 162 ARG n 
1 163 TRP n 
1 164 GLY n 
1 165 HIS n 
1 166 VAL n 
1 167 ALA n 
1 168 GLY n 
1 169 ALA n 
1 170 GLU n 
1 171 THR n 
1 172 VAL n 
1 173 ILE n 
1 174 THR n 
1 175 ILE n 
1 176 LEU n 
1 177 THR n 
1 178 GLU n 
1 179 ALA n 
1 180 LEU n 
1 181 THR n 
1 182 GLU n 
1 183 VAL n 
1 184 GLU n 
1 185 ARG n 
1 186 VAL n 
1 187 GLN n 
1 188 CYS n 
1 189 GLN n 
1 190 GLY n 
1 191 GLN n 
1 192 SER n 
1 193 ALA n 
1 194 ASP n 
1 195 GLU n 
1 196 ASP n 
1 197 CYS n 
1 198 LEU n 
1 199 LEU n 
1 200 ALA n 
1 201 ARG n 
1 202 PHE n 
1 203 ARG n 
1 204 ASN n 
1 205 PRO n 
1 206 GLU n 
1 207 ARG n 
1 208 SER n 
1 209 SER n 
1 210 ILE n 
1 211 ARG n 
1 212 PRO n 
1 213 ASP n 
1 214 GLY n 
1 215 ARG n 
1 216 ALA n 
# 
_entity_src_gen.entity_id                          1 
_entity_src_gen.pdbx_src_id                        1 
_entity_src_gen.pdbx_alt_source_flag               sample 
_entity_src_gen.pdbx_seq_type                      ? 
_entity_src_gen.pdbx_beg_seq_num                   ? 
_entity_src_gen.pdbx_end_seq_num                   ? 
_entity_src_gen.gene_src_common_name               ? 
_entity_src_gen.gene_src_genus                     ? 
_entity_src_gen.pdbx_gene_src_gene                 nodS 
_entity_src_gen.gene_src_species                   ? 
_entity_src_gen.gene_src_strain                    WM9 
_entity_src_gen.gene_src_tissue                    ? 
_entity_src_gen.gene_src_tissue_fraction           ? 
_entity_src_gen.gene_src_details                   
;The crystallized protein has a heptapeptide tag (GIDPFTM-) attached at the N-terminus (residues -6 through 0). The first codon of the nodS sequence (gtg) has been translated in this NodS protein as Val1, which is different from the Met1 residue occurring in NodS isolated from Bradyrhizobium japonicum WM9. The present protein is therefore a single-site variant of the natural polypeptide.
;
_entity_src_gen.pdbx_gene_src_fragment             ? 
_entity_src_gen.pdbx_gene_src_scientific_name      'Bradyrhizobium sp.' 
_entity_src_gen.pdbx_gene_src_ncbi_taxonomy_id     133505 
_entity_src_gen.pdbx_gene_src_variant              ? 
_entity_src_gen.pdbx_gene_src_cell_line            ? 
_entity_src_gen.pdbx_gene_src_atcc                 ? 
_entity_src_gen.pdbx_gene_src_organ                ? 
_entity_src_gen.pdbx_gene_src_organelle            ? 
_entity_src_gen.pdbx_gene_src_cell                 ? 
_entity_src_gen.pdbx_gene_src_cellular_location    ? 
_entity_src_gen.host_org_common_name               ? 
_entity_src_gen.pdbx_host_org_scientific_name      'Escherichia coli' 
_entity_src_gen.pdbx_host_org_ncbi_taxonomy_id     469008 
_entity_src_gen.host_org_genus                     ? 
_entity_src_gen.pdbx_host_org_gene                 ? 
_entity_src_gen.pdbx_host_org_organ                ? 
_entity_src_gen.host_org_species                   ? 
_entity_src_gen.pdbx_host_org_tissue               ? 
_entity_src_gen.pdbx_host_org_tissue_fraction      ? 
_entity_src_gen.pdbx_host_org_strain               'BL21 CODONPLUS(DE3)RIPL' 
_entity_src_gen.pdbx_host_org_variant              ? 
_entity_src_gen.pdbx_host_org_cell_line            ? 
_entity_src_gen.pdbx_host_org_atcc                 ? 
_entity_src_gen.pdbx_host_org_culture_collection   ? 
_entity_src_gen.pdbx_host_org_cell                 ? 
_entity_src_gen.pdbx_host_org_organelle            ? 
_entity_src_gen.pdbx_host_org_cellular_location    ? 
_entity_src_gen.pdbx_host_org_vector_type          PLASMID 
_entity_src_gen.pdbx_host_org_vector               ? 
_entity_src_gen.host_org_details                   ? 
_entity_src_gen.expression_system_id               ? 
_entity_src_gen.plasmid_name                       pET151/D-TOPO 
_entity_src_gen.plasmid_details                    ? 
_entity_src_gen.pdbx_description                   ? 
# 
_struct_ref.id                         1 
_struct_ref.db_name                    UNP 
_struct_ref.db_code                    Q9AQ22_BRASW 
_struct_ref.pdbx_db_accession          Q9AQ22 
_struct_ref.entity_id                  1 
_struct_ref.pdbx_seq_one_letter_code   
;SVDNTYQSLERELANDDPWRLDDNPFERERHTQLLRLSLSSGAVSNGLEIGCAAGAFTEKLAPHCKRLTVIDVMPRAIGR
ACQRTKRWSHISWAATDILQFSTAELFDLIVVAEVLYYLEDMTQMRTAIDNMVKMLAPGGHLVFGSARDATCRRWGHVAG
AETVITILTEALTEVERVQCQGQSADEDCLLARFRNPERSSIRPDGRA
;
_struct_ref.pdbx_align_begin           2 
_struct_ref.pdbx_db_isoform            ? 
# 
_struct_ref_seq.align_id                      1 
_struct_ref_seq.ref_id                        1 
_struct_ref_seq.pdbx_PDB_id_code              3OFJ 
_struct_ref_seq.pdbx_strand_id                A 
_struct_ref_seq.seq_align_beg                 9 
_struct_ref_seq.pdbx_seq_align_beg_ins_code   ? 
_struct_ref_seq.seq_align_end                 216 
_struct_ref_seq.pdbx_seq_align_end_ins_code   ? 
_struct_ref_seq.pdbx_db_accession             Q9AQ22 
_struct_ref_seq.db_align_beg                  2 
_struct_ref_seq.pdbx_db_align_beg_ins_code    ? 
_struct_ref_seq.db_align_end                  209 
_struct_ref_seq.pdbx_db_align_end_ins_code    ? 
_struct_ref_seq.pdbx_auth_seq_align_beg       2 
_struct_ref_seq.pdbx_auth_seq_align_end       209 
# 
loop_
_struct_ref_seq_dif.align_id 
_struct_ref_seq_dif.pdbx_pdb_id_code 
_struct_ref_seq_dif.mon_id 
_struct_ref_seq_dif.pdbx_pdb_strand_id 
_struct_ref_seq_dif.seq_num 
_struct_ref_seq_dif.pdbx_pdb_ins_code 
_struct_ref_seq_dif.pdbx_seq_db_name 
_struct_ref_seq_dif.pdbx_seq_db_accession_code 
_struct_ref_seq_dif.db_mon_id 
_struct_ref_seq_dif.pdbx_seq_db_seq_num 
_struct_ref_seq_dif.details 
_struct_ref_seq_dif.pdbx_auth_seq_num 
_struct_ref_seq_dif.pdbx_ordinal 
1 3OFJ GLY A 1 ? UNP Q9AQ22 ? ? 'expression tag' -6 1 
1 3OFJ ILE A 2 ? UNP Q9AQ22 ? ? 'expression tag' -5 2 
1 3OFJ ASP A 3 ? UNP Q9AQ22 ? ? 'expression tag' -4 3 
1 3OFJ PRO A 4 ? UNP Q9AQ22 ? ? 'expression tag' -3 4 
1 3OFJ PHE A 5 ? UNP Q9AQ22 ? ? 'expression tag' -2 5 
1 3OFJ THR A 6 ? UNP Q9AQ22 ? ? 'expression tag' -1 6 
1 3OFJ MET A 7 ? UNP Q9AQ22 ? ? 'expression tag' 0  7 
1 3OFJ VAL A 8 ? UNP Q9AQ22 ? ? 'SEE REMARK 999' 1  8 
# 
loop_
_chem_comp.id 
_chem_comp.type 
_chem_comp.mon_nstd_flag 
_chem_comp.name 
_chem_comp.pdbx_synonyms 
_chem_comp.formula 
_chem_comp.formula_weight 
ALA 'L-peptide linking' y ALANINE         ? 'C3 H7 N O2'     89.093  
ARG 'L-peptide linking' y ARGININE        ? 'C6 H15 N4 O2 1' 175.209 
ASN 'L-peptide linking' y ASPARAGINE      ? 'C4 H8 N2 O3'    132.118 
ASP 'L-peptide linking' y 'ASPARTIC ACID' ? 'C4 H7 N O4'     133.103 
CYS 'L-peptide linking' y CYSTEINE        ? 'C3 H7 N O2 S'   121.158 
GLN 'L-peptide linking' y GLUTAMINE       ? 'C5 H10 N2 O3'   146.144 
GLU 'L-peptide linking' y 'GLUTAMIC ACID' ? 'C5 H9 N O4'     147.129 
GLY 'peptide linking'   y GLYCINE         ? 'C2 H5 N O2'     75.067  
HIS 'L-peptide linking' y HISTIDINE       ? 'C6 H10 N3 O2 1' 156.162 
HOH non-polymer         . WATER           ? 'H2 O'           18.015  
ILE 'L-peptide linking' y ISOLEUCINE      ? 'C6 H13 N O2'    131.173 
LEU 'L-peptide linking' y LEUCINE         ? 'C6 H13 N O2'    131.173 
LYS 'L-peptide linking' y LYSINE          ? 'C6 H15 N2 O2 1' 147.195 
MET 'L-peptide linking' y METHIONINE      ? 'C5 H11 N O2 S'  149.211 
PHE 'L-peptide linking' y PHENYLALANINE   ? 'C9 H11 N O2'    165.189 
PRO 'L-peptide linking' y PROLINE         ? 'C5 H9 N O2'     115.130 
SER 'L-peptide linking' y SERINE          ? 'C3 H7 N O3'     105.093 
THR 'L-peptide linking' y THREONINE       ? 'C4 H9 N O3'     119.119 
TRP 'L-peptide linking' y TRYPTOPHAN      ? 'C11 H12 N2 O2'  204.225 
TYR 'L-peptide linking' y TYROSINE        ? 'C9 H11 N O3'    181.189 
VAL 'L-peptide linking' y VALINE          ? 'C5 H11 N O2'    117.146 
# 
_exptl.entry_id          3OFJ 
_exptl.method            'X-RAY DIFFRACTION' 
_exptl.crystals_number   1 
# 
_exptl_crystal.id                    1 
_exptl_crystal.density_meas          ? 
_exptl_crystal.density_Matthews      1.74 
_exptl_crystal.density_percent_sol   29.2 
_exptl_crystal.description           ? 
_exptl_crystal.F_000                 ? 
_exptl_crystal.preparation           ? 
# 
_exptl_crystal_grow.crystal_id      1 
_exptl_crystal_grow.method          'VAPOR DIFFUSION, SITTING DROP' 
_exptl_crystal_grow.temp            292 
_exptl_crystal_grow.temp_details    ? 
_exptl_crystal_grow.pH              7.9 
_exptl_crystal_grow.pdbx_details    
'28% PEG 3350, 0.1 M magnesium chloride, pH 7.9, VAPOR DIFFUSION, SITTING DROP, temperature 292K' 
_exptl_crystal_grow.pdbx_pH_range   ? 
# 
_diffrn.id                     1 
_diffrn.ambient_temp           100 
_diffrn.ambient_temp_details   ? 
_diffrn.crystal_id             1 
# 
_diffrn_detector.diffrn_id              1 
_diffrn_detector.detector               CCD 
_diffrn_detector.type                   'MAR CCD 165 mm' 
_diffrn_detector.pdbx_collection_date   2007-12-10 
_diffrn_detector.details                mirrors 
# 
_diffrn_radiation.diffrn_id                        1 
_diffrn_radiation.wavelength_id                    1 
_diffrn_radiation.pdbx_monochromatic_or_laue_m_l   M 
_diffrn_radiation.monochromator                    'Si(111)' 
_diffrn_radiation.pdbx_diffrn_protocol             'SINGLE WAVELENGTH' 
_diffrn_radiation.pdbx_scattering_type             x-ray 
# 
_diffrn_radiation_wavelength.id           1 
_diffrn_radiation_wavelength.wavelength   0.8086 
_diffrn_radiation_wavelength.wt           1.0 
# 
_diffrn_source.diffrn_id                   1 
_diffrn_source.source                      SYNCHROTRON 
_diffrn_source.type                        'EMBL/DESY, HAMBURG BEAMLINE X13' 
_diffrn_source.pdbx_synchrotron_site       'EMBL/DESY, HAMBURG' 
_diffrn_source.pdbx_synchrotron_beamline   X13 
_diffrn_source.pdbx_wavelength             ? 
_diffrn_source.pdbx_wavelength_list        0.8086 
# 
_reflns.entry_id                     3OFJ 
_reflns.observed_criterion_sigma_I   -3 
_reflns.observed_criterion_sigma_F   ? 
_reflns.d_resolution_low             20 
_reflns.d_resolution_high            2.42 
_reflns.number_obs                   6954 
_reflns.number_all                   ? 
_reflns.percent_possible_obs         99.6 
_reflns.pdbx_Rmerge_I_obs            0.087 
_reflns.pdbx_Rsym_value              ? 
_reflns.pdbx_netI_over_sigmaI        16.7 
_reflns.B_iso_Wilson_estimate        59.1 
_reflns.pdbx_redundancy              6.74 
_reflns.R_free_details               ? 
_reflns.limit_h_max                  ? 
_reflns.limit_h_min                  ? 
_reflns.limit_k_max                  ? 
_reflns.limit_k_min                  ? 
_reflns.limit_l_max                  ? 
_reflns.limit_l_min                  ? 
_reflns.observed_criterion_F_max     ? 
_reflns.observed_criterion_F_min     ? 
_reflns.pdbx_chi_squared             ? 
_reflns.pdbx_scaling_rejects         ? 
_reflns.pdbx_ordinal                 1 
_reflns.pdbx_diffrn_id               1 
# 
_reflns_shell.d_res_high             2.42 
_reflns_shell.d_res_low              2.51 
_reflns_shell.percent_possible_all   97.3 
_reflns_shell.Rmerge_I_obs           0.440 
_reflns_shell.pdbx_Rsym_value        ? 
_reflns_shell.meanI_over_sigI_obs    2.1 
_reflns_shell.pdbx_redundancy        ? 
_reflns_shell.percent_possible_obs   ? 
_reflns_shell.number_unique_all      ? 
_reflns_shell.number_measured_all    ? 
_reflns_shell.number_measured_obs    ? 
_reflns_shell.number_unique_obs      ? 
_reflns_shell.pdbx_chi_squared       ? 
_reflns_shell.pdbx_ordinal           1 
_reflns_shell.pdbx_diffrn_id         1 
# 
_refine.entry_id                                 3OFJ 
_refine.ls_number_reflns_obs                     5300 
_refine.ls_number_reflns_all                     ? 
_refine.pdbx_ls_sigma_I                          -3 
_refine.pdbx_ls_sigma_F                          ? 
_refine.pdbx_data_cutoff_high_absF               ? 
_refine.pdbx_data_cutoff_low_absF                ? 
_refine.pdbx_data_cutoff_high_rms_absF           ? 
_refine.ls_d_res_low                             20 
_refine.ls_d_res_high                            2.43 
_refine.ls_percent_reflns_obs                    ? 
_refine.ls_R_factor_obs                          0.2127 
_refine.ls_R_factor_all                          ? 
_refine.ls_R_factor_R_work                       0.2033 
_refine.ls_R_factor_R_free                       0.2764 
_refine.ls_R_factor_R_free_error                 ? 
_refine.ls_R_factor_R_free_error_details         ? 
_refine.ls_percent_reflns_R_free                 12.7 
_refine.ls_number_reflns_R_free                  768 
_refine.ls_number_parameters                     ? 
_refine.ls_number_restraints                     ? 
_refine.occupancy_min                            ? 
_refine.occupancy_max                            ? 
_refine.correlation_coeff_Fo_to_Fc               0.941 
_refine.correlation_coeff_Fo_to_Fc_free          0.901 
_refine.B_iso_mean                               80.922 
_refine.aniso_B[1][1]                            -0.17 
_refine.aniso_B[2][2]                            -0.17 
_refine.aniso_B[3][3]                            0.34 
_refine.aniso_B[1][2]                            0.00 
_refine.aniso_B[1][3]                            0.00 
_refine.aniso_B[2][3]                            0.00 
_refine.solvent_model_details                    'BABINET MODEL WITH MASK' 
_refine.solvent_model_param_ksol                 ? 
_refine.solvent_model_param_bsol                 ? 
_refine.pdbx_solvent_vdw_probe_radii             1.20 
_refine.pdbx_solvent_ion_probe_radii             0.80 
_refine.pdbx_solvent_shrinkage_radii             0.80 
_refine.pdbx_ls_cross_valid_method               R-FREE 
_refine.details                                  'HYDROGEN ATOMS WERE ADDED AT RIDING POSITIONS' 
_refine.pdbx_starting_model                      'NodS from NodS-SAH complex (3OFK)' 
_refine.pdbx_method_to_determine_struct          'MOLECULAR REPLACEMENT' 
_refine.pdbx_isotropic_thermal_model             ? 
_refine.pdbx_stereochemistry_target_values       'Engh & Huber' 
_refine.pdbx_stereochem_target_val_spec_case     ? 
_refine.pdbx_R_Free_selection_details            RANDOM 
_refine.pdbx_overall_ESU_R_Free                  0.354 
_refine.overall_SU_ML                            0.247 
_refine.overall_SU_B                             24.485 
_refine.overall_SU_R_Cruickshank_DPI             ? 
_refine.ls_redundancy_reflns_obs                 ? 
_refine.B_iso_min                                ? 
_refine.B_iso_max                                ? 
_refine.overall_SU_R_free                        ? 
_refine.ls_wR_factor_R_free                      ? 
_refine.ls_wR_factor_R_work                      ? 
_refine.overall_FOM_free_R_set                   ? 
_refine.overall_FOM_work_R_set                   ? 
_refine.pdbx_overall_phase_error                 ? 
_refine.pdbx_refine_id                           'X-RAY DIFFRACTION' 
_refine.pdbx_overall_ESU_R                       ? 
_refine.pdbx_diffrn_id                           1 
_refine.pdbx_TLS_residual_ADP_flag               ? 
_refine.pdbx_overall_SU_R_free_Cruickshank_DPI   ? 
_refine.pdbx_overall_SU_R_Blow_DPI               ? 
_refine.pdbx_overall_SU_R_free_Blow_DPI          ? 
# 
_refine_hist.pdbx_refine_id                   'X-RAY DIFFRACTION' 
_refine_hist.cycle_id                         LAST 
_refine_hist.pdbx_number_atoms_protein        1326 
_refine_hist.pdbx_number_atoms_nucleic_acid   0 
_refine_hist.pdbx_number_atoms_ligand         0 
_refine_hist.number_atoms_solvent             18 
_refine_hist.number_atoms_total               1344 
_refine_hist.d_res_high                       2.43 
_refine_hist.d_res_low                        20 
# 
loop_
_refine_ls_restr.type 
_refine_ls_restr.dev_ideal 
_refine_ls_restr.dev_ideal_target 
_refine_ls_restr.weight 
_refine_ls_restr.number 
_refine_ls_restr.pdbx_refine_id 
_refine_ls_restr.pdbx_restraint_function 
r_bond_refined_d             0.018  0.021  ? 1349 'X-RAY DIFFRACTION' ? 
r_bond_other_d               ?      ?      ? ?    'X-RAY DIFFRACTION' ? 
r_angle_refined_deg          1.843  1.949  ? 1837 'X-RAY DIFFRACTION' ? 
r_angle_other_deg            ?      ?      ? ?    'X-RAY DIFFRACTION' ? 
r_dihedral_angle_1_deg       6.905  5.000  ? 177  'X-RAY DIFFRACTION' ? 
r_dihedral_angle_2_deg       34.212 24.182 ? 55   'X-RAY DIFFRACTION' ? 
r_dihedral_angle_3_deg       18.855 15.000 ? 212  'X-RAY DIFFRACTION' ? 
r_dihedral_angle_4_deg       18.501 15.000 ? 8    'X-RAY DIFFRACTION' ? 
r_chiral_restr               0.114  0.200  ? 220  'X-RAY DIFFRACTION' ? 
r_gen_planes_refined         0.006  0.021  ? 1010 'X-RAY DIFFRACTION' ? 
r_gen_planes_other           ?      ?      ? ?    'X-RAY DIFFRACTION' ? 
r_nbd_refined                ?      ?      ? ?    'X-RAY DIFFRACTION' ? 
r_nbd_other                  ?      ?      ? ?    'X-RAY DIFFRACTION' ? 
r_nbtor_refined              ?      ?      ? ?    'X-RAY DIFFRACTION' ? 
r_nbtor_other                ?      ?      ? ?    'X-RAY DIFFRACTION' ? 
r_xyhbond_nbd_refined        ?      ?      ? ?    'X-RAY DIFFRACTION' ? 
r_xyhbond_nbd_other          ?      ?      ? ?    'X-RAY DIFFRACTION' ? 
r_metal_ion_refined          ?      ?      ? ?    'X-RAY DIFFRACTION' ? 
r_metal_ion_other            ?      ?      ? ?    'X-RAY DIFFRACTION' ? 
r_symmetry_vdw_refined       ?      ?      ? ?    'X-RAY DIFFRACTION' ? 
r_symmetry_vdw_other         ?      ?      ? ?    'X-RAY DIFFRACTION' ? 
r_symmetry_hbond_refined     ?      ?      ? ?    'X-RAY DIFFRACTION' ? 
r_symmetry_hbond_other       ?      ?      ? ?    'X-RAY DIFFRACTION' ? 
r_symmetry_metal_ion_refined ?      ?      ? ?    'X-RAY DIFFRACTION' ? 
r_symmetry_metal_ion_other   ?      ?      ? ?    'X-RAY DIFFRACTION' ? 
r_mcbond_it                  0.955  1.500  ? 883  'X-RAY DIFFRACTION' ? 
r_mcbond_other               ?      ?      ? ?    'X-RAY DIFFRACTION' ? 
r_mcangle_it                 1.934  2.500  ? 1406 'X-RAY DIFFRACTION' ? 
r_scbond_it                  5.171  5.000  ? 466  'X-RAY DIFFRACTION' ? 
r_scangle_it                 7.843  10.000 ? 431  'X-RAY DIFFRACTION' ? 
r_rigid_bond_restr           ?      ?      ? ?    'X-RAY DIFFRACTION' ? 
r_sphericity_free            ?      ?      ? ?    'X-RAY DIFFRACTION' ? 
r_sphericity_bonded          ?      ?      ? ?    'X-RAY DIFFRACTION' ? 
# 
_struct.entry_id                  3OFJ 
_struct.title                     'Crystal structure of N-methyltransferase NodS from Bradyrhizobium japonicum WM9' 
_struct.pdbx_model_details        ? 
_struct.pdbx_CASP_flag            ? 
_struct.pdbx_model_type_details   ? 
# 
_struct_keywords.entry_id        3OFJ 
_struct_keywords.pdbx_keywords   TRANSFERASE 
_struct_keywords.text            
;NODS, N-METHYLTRANSFERASE, SAH, SAM, NOD FACTOR, NODULATION, NITROGEN FIXATION, SYMBIOSIS, alpha/beta structure, variant of Rossmann fold, SAM-dependent N-methyltransferase, S-adenosyl-L-methionine (SAM), lipochitooligosaccharide, Methylation, TRANSFERASE
;
# 
loop_
_struct_asym.id 
_struct_asym.pdbx_blank_PDB_chainid_flag 
_struct_asym.pdbx_modified 
_struct_asym.entity_id 
_struct_asym.details 
A N N 1 ? 
B N N 2 ? 
# 
_struct_biol.id        1 
_struct_biol.details   ? 
# 
loop_
_struct_conf.conf_type_id 
_struct_conf.id 
_struct_conf.pdbx_PDB_helix_id 
_struct_conf.beg_label_comp_id 
_struct_conf.beg_label_asym_id 
_struct_conf.beg_label_seq_id 
_struct_conf.pdbx_beg_PDB_ins_code 
_struct_conf.end_label_comp_id 
_struct_conf.end_label_asym_id 
_struct_conf.end_label_seq_id 
_struct_conf.pdbx_end_PDB_ins_code 
_struct_conf.beg_auth_comp_id 
_struct_conf.beg_auth_asym_id 
_struct_conf.beg_auth_seq_id 
_struct_conf.end_auth_comp_id 
_struct_conf.end_auth_asym_id 
_struct_conf.end_auth_seq_id 
_struct_conf.pdbx_PDB_helix_class 
_struct_conf.details 
_struct_conf.pdbx_PDB_helix_length 
HELX_P HELX_P1 1 ASN A 32  ? SER A 48  ? ASN A 25  SER A 41  1 ? 17 
HELX_P HELX_P2 2 GLY A 63  ? ALA A 70  ? GLY A 56  ALA A 63  1 ? 8  
HELX_P HELX_P3 3 MET A 82  ? THR A 93  ? MET A 75  THR A 86  1 ? 12 
HELX_P HELX_P4 4 ASP A 129 ? MET A 143 ? ASP A 122 MET A 136 1 ? 15 
HELX_P HELX_P5 5 ARG A 156 ? ARG A 162 ? ARG A 149 ARG A 155 1 ? 7  
HELX_P HELX_P6 6 GLY A 168 ? LEU A 180 ? GLY A 161 LEU A 173 1 ? 13 
# 
_struct_conf_type.id          HELX_P 
_struct_conf_type.criteria    ? 
_struct_conf_type.reference   ? 
# 
_struct_sheet.id               A 
_struct_sheet.type             ? 
_struct_sheet.number_strands   7 
_struct_sheet.details          ? 
# 
loop_
_struct_sheet_order.sheet_id 
_struct_sheet_order.range_id_1 
_struct_sheet_order.range_id_2 
_struct_sheet_order.offset 
_struct_sheet_order.sense 
A 1 2 ? parallel      
A 2 3 ? parallel      
A 3 4 ? parallel      
A 4 5 ? parallel      
A 5 6 ? anti-parallel 
A 6 7 ? anti-parallel 
# 
loop_
_struct_sheet_range.sheet_id 
_struct_sheet_range.id 
_struct_sheet_range.beg_label_comp_id 
_struct_sheet_range.beg_label_asym_id 
_struct_sheet_range.beg_label_seq_id 
_struct_sheet_range.pdbx_beg_PDB_ins_code 
_struct_sheet_range.end_label_comp_id 
_struct_sheet_range.end_label_asym_id 
_struct_sheet_range.end_label_seq_id 
_struct_sheet_range.pdbx_end_PDB_ins_code 
_struct_sheet_range.beg_auth_comp_id 
_struct_sheet_range.beg_auth_asym_id 
_struct_sheet_range.beg_auth_seq_id 
_struct_sheet_range.end_auth_comp_id 
_struct_sheet_range.end_auth_asym_id 
_struct_sheet_range.end_auth_seq_id 
A 1 ILE A 99  ? ALA A 102 ? ILE A 92  ALA A 95  
A 2 CYS A 73  ? ILE A 79  ? CYS A 66  ILE A 72  
A 3 VAL A 52  ? ILE A 58  ? VAL A 45  ILE A 51  
A 4 PHE A 115 ? VAL A 120 ? PHE A 108 VAL A 113 
A 5 LEU A 144 ? ALA A 155 ? LEU A 137 ALA A 148 
A 6 CYS A 197 ? ARG A 203 ? CYS A 190 ARG A 196 
A 7 THR A 181 ? GLN A 187 ? THR A 174 GLN A 180 
# 
loop_
_pdbx_struct_sheet_hbond.sheet_id 
_pdbx_struct_sheet_hbond.range_id_1 
_pdbx_struct_sheet_hbond.range_id_2 
_pdbx_struct_sheet_hbond.range_1_label_atom_id 
_pdbx_struct_sheet_hbond.range_1_label_comp_id 
_pdbx_struct_sheet_hbond.range_1_label_asym_id 
_pdbx_struct_sheet_hbond.range_1_label_seq_id 
_pdbx_struct_sheet_hbond.range_1_PDB_ins_code 
_pdbx_struct_sheet_hbond.range_1_auth_atom_id 
_pdbx_struct_sheet_hbond.range_1_auth_comp_id 
_pdbx_struct_sheet_hbond.range_1_auth_asym_id 
_pdbx_struct_sheet_hbond.range_1_auth_seq_id 
_pdbx_struct_sheet_hbond.range_2_label_atom_id 
_pdbx_struct_sheet_hbond.range_2_label_comp_id 
_pdbx_struct_sheet_hbond.range_2_label_asym_id 
_pdbx_struct_sheet_hbond.range_2_label_seq_id 
_pdbx_struct_sheet_hbond.range_2_PDB_ins_code 
_pdbx_struct_sheet_hbond.range_2_auth_atom_id 
_pdbx_struct_sheet_hbond.range_2_auth_comp_id 
_pdbx_struct_sheet_hbond.range_2_auth_asym_id 
_pdbx_struct_sheet_hbond.range_2_auth_seq_id 
A 1 2 O SER A 100 ? O SER A 93  N VAL A 78  ? N VAL A 71  
A 2 3 O ARG A 75  ? O ARG A 68  N GLY A 55  ? N GLY A 48  
A 3 4 N LEU A 56  ? N LEU A 49  O LEU A 117 ? O LEU A 110 
A 4 5 N VAL A 120 ? N VAL A 113 O VAL A 151 ? O VAL A 144 
A 5 6 N LEU A 150 ? N LEU A 143 O PHE A 202 ? O PHE A 195 
A 6 7 O ARG A 201 ? O ARG A 194 N VAL A 183 ? N VAL A 176 
# 
_atom_sites.entry_id                    3OFJ 
_atom_sites.fract_transf_matrix[1][1]   0.01335900 
_atom_sites.fract_transf_matrix[1][2]   -0.01334821 
_atom_sites.fract_transf_matrix[1][3]   -0.00806272 
_atom_sites.fract_transf_matrix[2][1]   -0.01546237 
_atom_sites.fract_transf_matrix[2][2]   -0.00996005 
_atom_sites.fract_transf_matrix[2][3]   -0.00913004 
_atom_sites.fract_transf_matrix[3][1]   0.00069655 
_atom_sites.fract_transf_matrix[3][2]   0.00413318 
_atom_sites.fract_transf_matrix[3][3]   -0.00568858 
_atom_sites.fract_transf_vector[1]      0.453021 
_atom_sites.fract_transf_vector[2]      -0.070342 
_atom_sites.fract_transf_vector[3]      0.105497 
# 
loop_
_atom_type.symbol 
C 
N 
O 
S 
# 
loop_
_atom_site.group_PDB 
_atom_site.id 
_atom_site.type_symbol 
_atom_site.label_atom_id 
_atom_site.label_alt_id 
_atom_site.label_comp_id 
_atom_site.label_asym_id 
_atom_site.label_entity_id 
_atom_site.label_seq_id 
_atom_site.pdbx_PDB_ins_code 
_atom_site.Cartn_x 
_atom_site.Cartn_y 
_atom_site.Cartn_z 
_atom_site.occupancy 
_atom_site.B_iso_or_equiv 
_atom_site.pdbx_formal_charge 
_atom_site.auth_seq_id 
_atom_site.auth_comp_id 
_atom_site.auth_asym_id 
_atom_site.auth_atom_id 
_atom_site.pdbx_PDB_model_num 
ATOM   1    N N   . LEU A 1 29  ? 2.243   7.301   17.719  1.00 135.53 ? 22  LEU A N   1 
ATOM   2    C CA  . LEU A 1 29  ? 0.773   7.116   17.481  1.00 135.20 ? 22  LEU A CA  1 
ATOM   3    C C   . LEU A 1 29  ? 0.298   5.633   17.512  1.00 128.60 ? 22  LEU A C   1 
ATOM   4    O O   . LEU A 1 29  ? -0.709  5.272   16.884  1.00 125.97 ? 22  LEU A O   1 
ATOM   5    C CB  . LEU A 1 29  ? 0.352   7.845   16.191  1.00 133.65 ? 22  LEU A CB  1 
ATOM   6    C CG  . LEU A 1 29  ? -0.171  9.294   16.329  1.00 143.96 ? 22  LEU A CG  1 
ATOM   7    C CD1 . LEU A 1 29  ? -0.050  9.906   17.757  1.00 152.74 ? 22  LEU A CD1 1 
ATOM   8    C CD2 . LEU A 1 29  ? 0.447   10.220  15.261  1.00 143.86 ? 22  LEU A CD2 1 
ATOM   9    N N   . ASP A 1 30  ? 1.033   4.803   18.266  1.00 126.38 ? 23  ASP A N   1 
ATOM   10   C CA  . ASP A 1 30  ? 0.699   3.393   18.555  1.00 120.71 ? 23  ASP A CA  1 
ATOM   11   C C   . ASP A 1 30  ? -0.680  3.217   19.203  1.00 124.26 ? 23  ASP A C   1 
ATOM   12   O O   . ASP A 1 30  ? -1.467  2.349   18.808  1.00 121.01 ? 23  ASP A O   1 
ATOM   13   C CB  . ASP A 1 30  ? 1.708   2.771   19.557  1.00 121.17 ? 23  ASP A CB  1 
ATOM   14   C CG  . ASP A 1 30  ? 3.134   2.659   19.023  1.00 115.59 ? 23  ASP A CG  1 
ATOM   15   O OD1 . ASP A 1 30  ? 3.324   2.603   17.785  1.00 109.70 ? 23  ASP A OD1 1 
ATOM   16   O OD2 . ASP A 1 30  ? 4.072   2.592   19.861  1.00 110.69 ? 23  ASP A OD2 1 
ATOM   17   N N   . ASP A 1 31  ? -0.951  3.999   20.239  1.00 131.42 ? 24  ASP A N   1 
ATOM   18   C CA  . ASP A 1 31  ? -2.083  3.711   21.104  1.00 135.18 ? 24  ASP A CA  1 
ATOM   19   C C   . ASP A 1 31  ? -3.372  4.455   20.701  1.00 138.06 ? 24  ASP A C   1 
ATOM   20   O O   . ASP A 1 31  ? -4.354  4.448   21.469  1.00 143.92 ? 24  ASP A O   1 
ATOM   21   C CB  . ASP A 1 31  ? -1.718  4.040   22.541  1.00 143.21 ? 24  ASP A CB  1 
ATOM   22   C CG  . ASP A 1 31  ? -1.648  5.518   22.768  1.00 154.01 ? 24  ASP A CG  1 
ATOM   23   O OD1 . ASP A 1 31  ? -2.695  6.110   23.147  1.00 167.13 ? 24  ASP A OD1 1 
ATOM   24   O OD2 . ASP A 1 31  ? -0.560  6.092   22.524  1.00 156.61 ? 24  ASP A OD2 1 
ATOM   25   N N   . ASN A 1 32  ? -3.374  5.110   19.526  1.00 133.63 ? 25  ASN A N   1 
ATOM   26   C CA  . ASN A 1 32  ? -4.630  5.653   18.991  1.00 134.08 ? 25  ASN A CA  1 
ATOM   27   C C   . ASN A 1 32  ? -5.332  4.501   18.238  1.00 124.80 ? 25  ASN A C   1 
ATOM   28   O O   . ASN A 1 32  ? -4.745  3.908   17.322  1.00 116.09 ? 25  ASN A O   1 
ATOM   29   C CB  . ASN A 1 32  ? -4.448  7.021   18.255  1.00 136.96 ? 25  ASN A CB  1 
ATOM   30   C CG  . ASN A 1 32  ? -4.755  6.980   16.745  1.00 132.79 ? 25  ASN A CG  1 
ATOM   31   O OD1 . ASN A 1 32  ? -5.914  6.859   16.322  1.00 135.04 ? 25  ASN A OD1 1 
ATOM   32   N ND2 . ASN A 1 32  ? -3.709  7.152   15.933  1.00 128.39 ? 25  ASN A ND2 1 
ATOM   33   N N   . PRO A 1 33  ? -6.554  4.139   18.694  1.00 126.63 ? 26  PRO A N   1 
ATOM   34   C CA  . PRO A 1 33  ? -7.268  2.896   18.377  1.00 120.98 ? 26  PRO A CA  1 
ATOM   35   C C   . PRO A 1 33  ? -7.560  2.687   16.902  1.00 114.10 ? 26  PRO A C   1 
ATOM   36   O O   . PRO A 1 33  ? -7.518  1.556   16.426  1.00 107.94 ? 26  PRO A O   1 
ATOM   37   C CB  . PRO A 1 33  ? -8.586  3.036   19.146  1.00 129.11 ? 26  PRO A CB  1 
ATOM   38   C CG  . PRO A 1 33  ? -8.765  4.497   19.344  1.00 138.05 ? 26  PRO A CG  1 
ATOM   39   C CD  . PRO A 1 33  ? -7.371  5.017   19.554  1.00 137.36 ? 26  PRO A CD  1 
ATOM   40   N N   . PHE A 1 34  ? -7.852  3.778   16.192  1.00 115.32 ? 27  PHE A N   1 
ATOM   41   C CA  . PHE A 1 34  ? -8.259  3.691   14.810  1.00 109.85 ? 27  PHE A CA  1 
ATOM   42   C C   . PHE A 1 34  ? -7.106  3.159   13.986  1.00 100.71 ? 27  PHE A C   1 
ATOM   43   O O   . PHE A 1 34  ? -7.281  2.185   13.234  1.00 94.11  ? 27  PHE A O   1 
ATOM   44   C CB  . PHE A 1 34  ? -8.788  5.044   14.255  1.00 115.09 ? 27  PHE A CB  1 
ATOM   45   C CG  . PHE A 1 34  ? -8.786  5.117   12.737  1.00 107.69 ? 27  PHE A CG  1 
ATOM   46   C CD1 . PHE A 1 34  ? -9.741  4.432   11.998  1.00 102.56 ? 27  PHE A CD1 1 
ATOM   47   C CD2 . PHE A 1 34  ? -7.780  5.821   12.053  1.00 103.97 ? 27  PHE A CD2 1 
ATOM   48   C CE1 . PHE A 1 34  ? -9.735  4.474   10.608  1.00 102.80 ? 27  PHE A CE1 1 
ATOM   49   C CE2 . PHE A 1 34  ? -7.751  5.868   10.648  1.00 104.12 ? 27  PHE A CE2 1 
ATOM   50   C CZ  . PHE A 1 34  ? -8.730  5.192   9.923   1.00 104.07 ? 27  PHE A CZ  1 
ATOM   51   N N   . GLU A 1 35  ? -5.950  3.814   14.133  1.00 100.13 ? 28  GLU A N   1 
ATOM   52   C CA  . GLU A 1 35  ? -4.718  3.424   13.425  1.00 94.16  ? 28  GLU A CA  1 
ATOM   53   C C   . GLU A 1 35  ? -4.273  1.997   13.768  1.00 88.21  ? 28  GLU A C   1 
ATOM   54   O O   . GLU A 1 35  ? -3.778  1.266   12.919  1.00 81.89  ? 28  GLU A O   1 
ATOM   55   C CB  . GLU A 1 35  ? -3.587  4.431   13.705  1.00 96.87  ? 28  GLU A CB  1 
ATOM   56   C CG  . GLU A 1 35  ? -3.739  5.770   12.964  1.00 104.29 ? 28  GLU A CG  1 
ATOM   57   C CD  . GLU A 1 35  ? -3.830  5.612   11.437  1.00 109.05 ? 28  GLU A CD  1 
ATOM   58   O OE1 . GLU A 1 35  ? -4.626  6.368   10.823  1.00 117.23 ? 28  GLU A OE1 1 
ATOM   59   O OE2 . GLU A 1 35  ? -3.114  4.742   10.855  1.00 100.63 ? 28  GLU A OE2 1 
ATOM   60   N N   . ARG A 1 36  ? -4.491  1.638   15.028  1.00 91.33  ? 29  ARG A N   1 
ATOM   61   C CA  . ARG A 1 36  ? -4.346  0.289   15.536  1.00 87.86  ? 29  ARG A CA  1 
ATOM   62   C C   . ARG A 1 36  ? -5.143  -0.692  14.677  1.00 83.09  ? 29  ARG A C   1 
ATOM   63   O O   . ARG A 1 36  ? -4.571  -1.636  14.157  1.00 77.43  ? 29  ARG A O   1 
ATOM   64   C CB  . ARG A 1 36  ? -4.776  0.235   17.033  1.00 93.83  ? 29  ARG A CB  1 
ATOM   65   N N   . GLU A 1 37  ? -6.444  -0.441  14.503  1.00 86.24  ? 30  GLU A N   1 
ATOM   66   C CA  . GLU A 1 37  ? -7.327  -1.345  13.743  1.00 84.44  ? 30  GLU A CA  1 
ATOM   67   C C   . GLU A 1 37  ? -6.943  -1.409  12.253  1.00 78.64  ? 30  GLU A C   1 
ATOM   68   O O   . GLU A 1 37  ? -6.943  -2.485  11.629  1.00 75.44  ? 30  GLU A O   1 
ATOM   69   C CB  . GLU A 1 37  ? -8.815  -0.952  13.931  1.00 91.10  ? 30  GLU A CB  1 
ATOM   70   C CG  . GLU A 1 37  ? -9.870  -1.871  13.226  1.00 92.98  ? 30  GLU A CG  1 
ATOM   71   C CD  . GLU A 1 37  ? -10.057 -3.230  13.905  1.00 101.71 ? 30  GLU A CD  1 
ATOM   72   O OE1 . GLU A 1 37  ? -10.522 -3.219  15.077  1.00 114.60 ? 30  GLU A OE1 1 
ATOM   73   O OE2 . GLU A 1 37  ? -9.745  -4.298  13.290  1.00 89.23  ? 30  GLU A OE2 1 
ATOM   74   N N   . ARG A 1 38  ? -6.581  -0.264  11.698  1.00 77.62  ? 31  ARG A N   1 
ATOM   75   C CA  . ARG A 1 38  ? -6.317  -0.164  10.279  1.00 73.88  ? 31  ARG A CA  1 
ATOM   76   C C   . ARG A 1 38  ? -5.060  -0.978  9.934   1.00 67.73  ? 31  ARG A C   1 
ATOM   77   O O   . ARG A 1 38  ? -5.056  -1.781  8.983   1.00 63.59  ? 31  ARG A O   1 
ATOM   78   C CB  . ARG A 1 38  ? -6.168  1.313   9.906   1.00 75.88  ? 31  ARG A CB  1 
ATOM   79   C CG  . ARG A 1 38  ? -6.078  1.592   8.438   1.00 77.17  ? 31  ARG A CG  1 
ATOM   80   C CD  . ARG A 1 38  ? -5.873  3.101   8.206   1.00 91.55  ? 31  ARG A CD  1 
ATOM   81   N NE  . ARG A 1 38  ? -4.473  3.519   8.373   1.00 89.78  ? 31  ARG A NE  1 
ATOM   82   C CZ  . ARG A 1 38  ? -3.527  3.354   7.455   1.00 85.08  ? 31  ARG A CZ  1 
ATOM   83   N NH1 . ARG A 1 38  ? -3.823  2.783   6.290   1.00 82.18  ? 31  ARG A NH1 1 
ATOM   84   N NH2 . ARG A 1 38  ? -2.279  3.746   7.706   1.00 86.21  ? 31  ARG A NH2 1 
ATOM   85   N N   . HIS A 1 39  ? -4.018  -0.776  10.746  1.00 66.80  ? 32  HIS A N   1 
ATOM   86   C CA  . HIS A 1 39  ? -2.786  -1.549  10.668  1.00 62.56  ? 32  HIS A CA  1 
ATOM   87   C C   . HIS A 1 39  ? -3.017  -3.071  10.806  1.00 59.94  ? 32  HIS A C   1 
ATOM   88   O O   . HIS A 1 39  ? -2.299  -3.861  10.220  1.00 55.31  ? 32  HIS A O   1 
ATOM   89   C CB  . HIS A 1 39  ? -1.818  -1.034  11.733  1.00 64.53  ? 32  HIS A CB  1 
ATOM   90   C CG  . HIS A 1 39  ? -0.859  -0.001  11.225  1.00 70.04  ? 32  HIS A CG  1 
ATOM   91   N ND1 . HIS A 1 39  ? 0.445   0.088   11.668  1.00 74.49  ? 32  HIS A ND1 1 
ATOM   92   C CD2 . HIS A 1 39  ? -0.997  0.968   10.282  1.00 78.92  ? 32  HIS A CD2 1 
ATOM   93   C CE1 . HIS A 1 39  ? 1.060   1.075   11.034  1.00 75.33  ? 32  HIS A CE1 1 
ATOM   94   N NE2 . HIS A 1 39  ? 0.207   1.627   10.189  1.00 74.20  ? 32  HIS A NE2 1 
ATOM   95   N N   . THR A 1 40  ? -4.039  -3.459  11.569  1.00 62.86  ? 33  THR A N   1 
ATOM   96   C CA  . THR A 1 40  ? -4.302  -4.859  11.856  1.00 61.86  ? 33  THR A CA  1 
ATOM   97   C C   . THR A 1 40  ? -4.990  -5.535  10.670  1.00 60.23  ? 33  THR A C   1 
ATOM   98   O O   . THR A 1 40  ? -4.659  -6.666  10.297  1.00 58.39  ? 33  THR A O   1 
ATOM   99   C CB  . THR A 1 40  ? -5.130  -5.001  13.157  1.00 67.19  ? 33  THR A CB  1 
ATOM   100  O OG1 . THR A 1 40  ? -4.318  -4.623  14.275  1.00 66.16  ? 33  THR A OG1 1 
ATOM   101  C CG2 . THR A 1 40  ? -5.625  -6.420  13.342  1.00 65.67  ? 33  THR A CG2 1 
ATOM   102  N N   . GLN A 1 41  ? -5.934  -4.818  10.080  1.00 61.58  ? 34  GLN A N   1 
ATOM   103  C CA  . GLN A 1 41  ? -6.587  -5.224  8.844   1.00 60.55  ? 34  GLN A CA  1 
ATOM   104  C C   . GLN A 1 41  ? -5.589  -5.301  7.695   1.00 57.03  ? 34  GLN A C   1 
ATOM   105  O O   . GLN A 1 41  ? -5.531  -6.303  6.955   1.00 56.46  ? 34  GLN A O   1 
ATOM   106  C CB  . GLN A 1 41  ? -7.693  -4.216  8.503   1.00 64.37  ? 34  GLN A CB  1 
ATOM   107  C CG  . GLN A 1 41  ? -8.860  -4.188  9.526   1.00 66.37  ? 34  GLN A CG  1 
ATOM   108  C CD  . GLN A 1 41  ? -9.533  -5.567  9.698   1.00 72.17  ? 34  GLN A CD  1 
ATOM   109  O OE1 . GLN A 1 41  ? -9.557  -6.389  8.763   1.00 66.58  ? 34  GLN A OE1 1 
ATOM   110  N NE2 . GLN A 1 41  ? -10.082 -5.823  10.896  1.00 74.56  ? 34  GLN A NE2 1 
ATOM   111  N N   . LEU A 1 42  ? -4.791  -4.251  7.528   1.00 55.23  ? 35  LEU A N   1 
ATOM   112  C CA  . LEU A 1 42  ? -3.786  -4.251  6.482   1.00 50.34  ? 35  LEU A CA  1 
ATOM   113  C C   . LEU A 1 42  ? -2.917  -5.463  6.610   1.00 46.91  ? 35  LEU A C   1 
ATOM   114  O O   . LEU A 1 42  ? -2.627  -6.151  5.616   1.00 45.85  ? 35  LEU A O   1 
ATOM   115  C CB  . LEU A 1 42  ? -2.925  -3.015  6.591   1.00 50.61  ? 35  LEU A CB  1 
ATOM   116  C CG  . LEU A 1 42  ? -3.516  -1.888  5.743   1.00 56.03  ? 35  LEU A CG  1 
ATOM   117  C CD1 . LEU A 1 42  ? -3.009  -0.555  6.213   1.00 52.87  ? 35  LEU A CD1 1 
ATOM   118  C CD2 . LEU A 1 42  ? -3.149  -2.131  4.282   1.00 51.45  ? 35  LEU A CD2 1 
ATOM   119  N N   . LEU A 1 43  ? -2.493  -5.745  7.840   1.00 46.52  ? 36  LEU A N   1 
ATOM   120  C CA  . LEU A 1 43  ? -1.592  -6.873  8.084   1.00 42.74  ? 36  LEU A CA  1 
ATOM   121  C C   . LEU A 1 43  ? -2.317  -8.195  7.847   1.00 43.49  ? 36  LEU A C   1 
ATOM   122  O O   . LEU A 1 43  ? -1.783  -9.083  7.169   1.00 40.45  ? 36  LEU A O   1 
ATOM   123  C CB  . LEU A 1 43  ? -0.995  -6.825  9.482   1.00 42.35  ? 36  LEU A CB  1 
ATOM   124  C CG  . LEU A 1 43  ? 0.202   -7.788  9.490   1.00 39.20  ? 36  LEU A CG  1 
ATOM   125  C CD1 . LEU A 1 43  ? 1.254   -7.534  8.385   1.00 26.36  ? 36  LEU A CD1 1 
ATOM   126  C CD2 . LEU A 1 43  ? 0.835   -7.858  10.843  1.00 30.00  ? 36  LEU A CD2 1 
ATOM   127  N N   . ARG A 1 44  ? -3.549  -8.297  8.366   1.00 46.37  ? 37  ARG A N   1 
ATOM   128  C CA  . ARG A 1 44  ? -4.319  -9.521  8.195   1.00 48.97  ? 37  ARG A CA  1 
ATOM   129  C C   . ARG A 1 44  ? -4.393  -9.920  6.695   1.00 49.27  ? 37  ARG A C   1 
ATOM   130  O O   . ARG A 1 44  ? -4.052  -11.057 6.321   1.00 50.60  ? 37  ARG A O   1 
ATOM   131  C CB  . ARG A 1 44  ? -5.707  -9.382  8.828   1.00 52.74  ? 37  ARG A CB  1 
ATOM   132  C CG  . ARG A 1 44  ? -6.608  -10.548 8.556   1.00 53.74  ? 37  ARG A CG  1 
ATOM   133  C CD  . ARG A 1 44  ? -7.993  -10.406 9.248   1.00 65.38  ? 37  ARG A CD  1 
ATOM   134  N NE  . ARG A 1 44  ? -8.888  -9.379  8.681   1.00 57.81  ? 37  ARG A NE  1 
ATOM   135  C CZ  . ARG A 1 44  ? -9.389  -9.385  7.442   1.00 61.43  ? 37  ARG A CZ  1 
ATOM   136  N NH1 . ARG A 1 44  ? -9.064  -10.345 6.588   1.00 60.20  ? 37  ARG A NH1 1 
ATOM   137  N NH2 . ARG A 1 44  ? -10.204 -8.407  7.033   1.00 52.62  ? 37  ARG A NH2 1 
ATOM   138  N N   . LEU A 1 45  ? -4.805  -8.957  5.862   1.00 49.15  ? 38  LEU A N   1 
ATOM   139  C CA  . LEU A 1 45  ? -4.953  -9.098  4.413   1.00 48.23  ? 38  LEU A CA  1 
ATOM   140  C C   . LEU A 1 45  ? -3.641  -9.443  3.754   1.00 46.57  ? 38  LEU A C   1 
ATOM   141  O O   . LEU A 1 45  ? -3.586  -10.382 2.914   1.00 47.77  ? 38  LEU A O   1 
ATOM   142  C CB  . LEU A 1 45  ? -5.487  -7.799  3.833   1.00 48.37  ? 38  LEU A CB  1 
ATOM   143  C CG  . LEU A 1 45  ? -6.911  -7.465  4.298   1.00 51.43  ? 38  LEU A CG  1 
ATOM   144  C CD1 . LEU A 1 45  ? -7.432  -6.211  3.650   1.00 40.82  ? 38  LEU A CD1 1 
ATOM   145  C CD2 . LEU A 1 45  ? -7.841  -8.611  3.939   1.00 51.46  ? 38  LEU A CD2 1 
ATOM   146  N N   . SER A 1 46  ? -2.583  -8.706  4.144   1.00 44.29  ? 39  SER A N   1 
ATOM   147  C CA  . SER A 1 46  ? -1.225  -8.945  3.610   1.00 42.87  ? 39  SER A CA  1 
ATOM   148  C C   . SER A 1 46  ? -0.776  -10.342 3.915   1.00 44.10  ? 39  SER A C   1 
ATOM   149  O O   . SER A 1 46  ? -0.099  -10.998 3.101   1.00 44.75  ? 39  SER A O   1 
ATOM   150  C CB  . SER A 1 46  ? -0.200  -7.985  4.191   1.00 39.67  ? 39  SER A CB  1 
ATOM   151  O OG  . SER A 1 46  ? -0.558  -6.642  3.950   1.00 44.85  ? 39  SER A OG  1 
ATOM   152  N N   . LEU A 1 47  ? -1.171  -10.810 5.092   1.00 46.19  ? 40  LEU A N   1 
ATOM   153  C CA  . LEU A 1 47  ? -0.735  -12.141 5.566   1.00 47.71  ? 40  LEU A CA  1 
ATOM   154  C C   . LEU A 1 47  ? -1.471  -13.330 4.990   1.00 50.90  ? 40  LEU A C   1 
ATOM   155  O O   . LEU A 1 47  ? -0.945  -14.420 5.019   1.00 52.26  ? 40  LEU A O   1 
ATOM   156  C CB  . LEU A 1 47  ? -0.799  -12.191 7.081   1.00 47.14  ? 40  LEU A CB  1 
ATOM   157  C CG  . LEU A 1 47  ? 0.369   -11.349 7.581   1.00 44.35  ? 40  LEU A CG  1 
ATOM   158  C CD1 . LEU A 1 47  ? 0.616   -11.716 9.010   1.00 38.38  ? 40  LEU A CD1 1 
ATOM   159  C CD2 . LEU A 1 47  ? 1.608   -11.574 6.659   1.00 44.42  ? 40  LEU A CD2 1 
ATOM   160  N N   . SER A 1 48  ? -2.687  -13.101 4.493   1.00 53.48  ? 41  SER A N   1 
ATOM   161  C CA  . SER A 1 48  ? -3.627  -14.155 4.084   1.00 58.75  ? 41  SER A CA  1 
ATOM   162  C C   . SER A 1 48  ? -3.113  -15.327 3.265   1.00 60.53  ? 41  SER A C   1 
ATOM   163  O O   . SER A 1 48  ? -3.738  -16.371 3.217   1.00 64.86  ? 41  SER A O   1 
ATOM   164  C CB  . SER A 1 48  ? -4.791  -13.519 3.346   1.00 61.09  ? 41  SER A CB  1 
ATOM   165  O OG  . SER A 1 48  ? -5.539  -12.738 4.261   1.00 67.47  ? 41  SER A OG  1 
ATOM   166  N N   . SER A 1 49  ? -1.980  -15.157 2.619   1.00 59.12  ? 42  SER A N   1 
ATOM   167  C CA  . SER A 1 49  ? -1.438  -16.197 1.769   1.00 62.37  ? 42  SER A CA  1 
ATOM   168  C C   . SER A 1 49  ? -0.223  -16.875 2.395   1.00 61.75  ? 42  SER A C   1 
ATOM   169  O O   . SER A 1 49  ? 0.465   -17.652 1.750   1.00 64.94  ? 42  SER A O   1 
ATOM   170  C CB  . SER A 1 49  ? -1.132  -15.613 0.375   1.00 62.28  ? 42  SER A CB  1 
ATOM   171  O OG  . SER A 1 49  ? -2.360  -15.414 -0.340  1.00 64.11  ? 42  SER A OG  1 
ATOM   172  N N   . GLY A 1 50  ? 0.011   -16.618 3.672   1.00 59.30  ? 43  GLY A N   1 
ATOM   173  C CA  . GLY A 1 50  ? 1.203   -17.105 4.337   1.00 58.20  ? 43  GLY A CA  1 
ATOM   174  C C   . GLY A 1 50  ? 2.345   -16.136 4.116   1.00 55.11  ? 43  GLY A C   1 
ATOM   175  O O   . GLY A 1 50  ? 2.134   -14.962 3.960   1.00 51.98  ? 43  GLY A O   1 
ATOM   176  N N   . ALA A 1 51  ? 3.574   -16.629 4.124   1.00 56.66  ? 44  ALA A N   1 
ATOM   177  C CA  . ALA A 1 51  ? 4.731   -15.758 3.986   1.00 53.63  ? 44  ALA A CA  1 
ATOM   178  C C   . ALA A 1 51  ? 4.897   -15.290 2.530   1.00 53.27  ? 44  ALA A C   1 
ATOM   179  O O   . ALA A 1 51  ? 4.582   -16.009 1.591   1.00 57.03  ? 44  ALA A O   1 
ATOM   180  C CB  . ALA A 1 51  ? 5.986   -16.468 4.488   1.00 54.82  ? 44  ALA A CB  1 
ATOM   181  N N   . VAL A 1 52  ? 5.404   -14.075 2.386   1.00 50.04  ? 45  VAL A N   1 
ATOM   182  C CA  . VAL A 1 52  ? 5.646   -13.362 1.122   1.00 47.99  ? 45  VAL A CA  1 
ATOM   183  C C   . VAL A 1 52  ? 7.099   -13.621 0.797   1.00 48.46  ? 45  VAL A C   1 
ATOM   184  O O   . VAL A 1 52  ? 7.984   -13.502 1.664   1.00 48.62  ? 45  VAL A O   1 
ATOM   185  C CB  . VAL A 1 52  ? 5.486   -11.837 1.372   1.00 43.04  ? 45  VAL A CB  1 
ATOM   186  C CG1 . VAL A 1 52  ? 6.068   -11.013 0.282   1.00 47.06  ? 45  VAL A CG1 1 
ATOM   187  C CG2 . VAL A 1 52  ? 4.107   -11.497 1.586   1.00 43.68  ? 45  VAL A CG2 1 
ATOM   188  N N   . SER A 1 53  ? 7.346   -13.988 -0.442  1.00 49.74  ? 46  SER A N   1 
ATOM   189  C CA  . SER A 1 53  ? 8.677   -14.010 -0.953  1.00 50.79  ? 46  SER A CA  1 
ATOM   190  C C   . SER A 1 53  ? 9.250   -12.631 -1.163  1.00 47.59  ? 46  SER A C   1 
ATOM   191  O O   . SER A 1 53  ? 10.348  -12.323 -0.656  1.00 48.07  ? 46  SER A O   1 
ATOM   192  C CB  . SER A 1 53  ? 8.686   -14.715 -2.288  1.00 54.27  ? 46  SER A CB  1 
ATOM   193  O OG  . SER A 1 53  ? 9.257   -15.966 -2.082  1.00 64.95  ? 46  SER A OG  1 
ATOM   194  N N   . ASN A 1 54  ? 8.551   -11.831 -1.966  1.00 44.51  ? 47  ASN A N   1 
ATOM   195  C CA  . ASN A 1 54  ? 9.088   -10.577 -2.430  1.00 43.26  ? 47  ASN A CA  1 
ATOM   196  C C   . ASN A 1 54  ? 7.961   -9.574  -2.296  1.00 41.00  ? 47  ASN A C   1 
ATOM   197  O O   . ASN A 1 54  ? 7.002   -9.624  -3.052  1.00 42.55  ? 47  ASN A O   1 
ATOM   198  C CB  . ASN A 1 54  ? 9.543   -10.735 -3.901  1.00 46.87  ? 47  ASN A CB  1 
ATOM   199  C CG  . ASN A 1 54  ? 10.563  -9.668  -4.351  1.00 44.67  ? 47  ASN A CG  1 
ATOM   200  O OD1 . ASN A 1 54  ? 11.415  -9.258  -3.571  1.00 57.42  ? 47  ASN A OD1 1 
ATOM   201  N ND2 . ASN A 1 54  ? 10.487  -9.238  -5.610  1.00 38.37  ? 47  ASN A ND2 1 
ATOM   202  N N   . GLY A 1 55  ? 8.043   -8.672  -1.332  1.00 38.58  ? 48  GLY A N   1 
ATOM   203  C CA  . GLY A 1 55  ? 6.963   -7.718  -1.138  1.00 37.55  ? 48  GLY A CA  1 
ATOM   204  C C   . GLY A 1 55  ? 7.283   -6.296  -1.546  1.00 38.31  ? 48  GLY A C   1 
ATOM   205  O O   . GLY A 1 55  ? 8.419   -5.840  -1.413  1.00 39.38  ? 48  GLY A O   1 
ATOM   206  N N   . LEU A 1 56  ? 6.278   -5.584  -2.043  1.00 38.22  ? 49  LEU A N   1 
ATOM   207  C CA  . LEU A 1 56  ? 6.420   -4.163  -2.292  1.00 38.04  ? 49  LEU A CA  1 
ATOM   208  C C   . LEU A 1 56  ? 5.496   -3.375  -1.372  1.00 37.82  ? 49  LEU A C   1 
ATOM   209  O O   . LEU A 1 56  ? 4.297   -3.614  -1.383  1.00 38.23  ? 49  LEU A O   1 
ATOM   210  C CB  . LEU A 1 56  ? 6.082   -3.827  -3.755  1.00 37.96  ? 49  LEU A CB  1 
ATOM   211  C CG  . LEU A 1 56  ? 6.292   -2.338  -4.049  1.00 34.66  ? 49  LEU A CG  1 
ATOM   212  C CD1 . LEU A 1 56  ? 7.738   -1.899  -3.847  1.00 29.04  ? 49  LEU A CD1 1 
ATOM   213  C CD2 . LEU A 1 56  ? 5.956   -2.074  -5.476  1.00 30.59  ? 49  LEU A CD2 1 
ATOM   214  N N   . GLU A 1 57  ? 6.032   -2.441  -0.596  1.00 38.03  ? 50  GLU A N   1 
ATOM   215  C CA  . GLU A 1 57  ? 5.175   -1.482  0.146   1.00 38.75  ? 50  GLU A CA  1 
ATOM   216  C C   . GLU A 1 57  ? 5.218   -0.105  -0.525  1.00 40.02  ? 50  GLU A C   1 
ATOM   217  O O   . GLU A 1 57  ? 6.330   0.418   -0.765  1.00 41.68  ? 50  GLU A O   1 
ATOM   218  C CB  . GLU A 1 57  ? 5.657   -1.351  1.586   1.00 38.63  ? 50  GLU A CB  1 
ATOM   219  C CG  . GLU A 1 57  ? 4.755   -0.477  2.432   1.00 41.54  ? 50  GLU A CG  1 
ATOM   220  C CD  . GLU A 1 57  ? 5.335   -0.158  3.799   1.00 45.05  ? 50  GLU A CD  1 
ATOM   221  O OE1 . GLU A 1 57  ? 6.485   -0.546  4.033   1.00 45.61  ? 50  GLU A OE1 1 
ATOM   222  O OE2 . GLU A 1 57  ? 4.669   0.511   4.624   1.00 45.90  ? 50  GLU A OE2 1 
ATOM   223  N N   . ILE A 1 58  ? 4.064   0.498   -0.852  1.00 39.92  ? 51  ILE A N   1 
ATOM   224  C CA  . ILE A 1 58  ? 4.098   1.765   -1.600  1.00 41.09  ? 51  ILE A CA  1 
ATOM   225  C C   . ILE A 1 58  ? 3.779   2.902   -0.669  1.00 45.35  ? 51  ILE A C   1 
ATOM   226  O O   . ILE A 1 58  ? 2.732   2.885   -0.050  1.00 47.32  ? 51  ILE A O   1 
ATOM   227  C CB  . ILE A 1 58  ? 3.186   1.729   -2.824  1.00 41.79  ? 51  ILE A CB  1 
ATOM   228  C CG1 . ILE A 1 58  ? 3.535   0.490   -3.649  1.00 38.16  ? 51  ILE A CG1 1 
ATOM   229  C CG2 . ILE A 1 58  ? 3.296   3.036   -3.662  1.00 38.01  ? 51  ILE A CG2 1 
ATOM   230  C CD1 . ILE A 1 58  ? 3.081   0.525   -5.014  1.00 37.53  ? 51  ILE A CD1 1 
ATOM   231  N N   . GLY A 1 59  ? 4.708   3.846   -0.529  1.00 48.73  ? 52  GLY A N   1 
ATOM   232  C CA  . GLY A 1 59  ? 4.656   4.881   0.494   1.00 54.91  ? 52  GLY A CA  1 
ATOM   233  C C   . GLY A 1 59  ? 4.846   4.309   1.891   1.00 57.40  ? 52  GLY A C   1 
ATOM   234  O O   . GLY A 1 59  ? 4.182   3.332   2.284   1.00 56.64  ? 52  GLY A O   1 
ATOM   235  N N   . CYS A 1 60  ? 5.717   4.895   2.703   1.00 61.44  ? 53  CYS A N   1 
ATOM   236  C CA  . CYS A 1 60  ? 5.921   4.262   4.018   1.00 62.17  ? 53  CYS A CA  1 
ATOM   237  C C   . CYS A 1 60  ? 5.656   5.084   5.279   1.00 66.83  ? 53  CYS A C   1 
ATOM   238  O O   . CYS A 1 60  ? 6.018   4.618   6.380   1.00 67.23  ? 53  CYS A O   1 
ATOM   239  C CB  . CYS A 1 60  ? 7.316   3.710   4.113   1.00 60.60  ? 53  CYS A CB  1 
ATOM   240  S SG  . CYS A 1 60  ? 8.405   5.058   4.304   1.00 71.16  ? 53  CYS A SG  1 
ATOM   241  N N   . ALA A 1 61  ? 5.064   6.284   5.145   1.00 70.75  ? 54  ALA A N   1 
ATOM   242  C CA  . ALA A 1 61  ? 4.748   7.136   6.317   1.00 75.22  ? 54  ALA A CA  1 
ATOM   243  C C   . ALA A 1 61  ? 5.972   7.211   7.269   1.00 76.53  ? 54  ALA A C   1 
ATOM   244  O O   . ALA A 1 61  ? 7.058   7.554   6.796   1.00 76.62  ? 54  ALA A O   1 
ATOM   245  C CB  . ALA A 1 61  ? 3.445   6.646   7.030   1.00 74.52  ? 54  ALA A CB  1 
ATOM   246  N N   . ALA A 1 62  ? 5.824   6.858   8.557   1.00 77.50  ? 55  ALA A N   1 
ATOM   247  C CA  . ALA A 1 62  ? 6.951   6.900   9.539   1.00 80.34  ? 55  ALA A CA  1 
ATOM   248  C C   . ALA A 1 62  ? 7.676   5.551   9.771   1.00 75.72  ? 55  ALA A C   1 
ATOM   249  O O   . ALA A 1 62  ? 8.590   5.461   10.609  1.00 78.95  ? 55  ALA A O   1 
ATOM   250  C CB  . ALA A 1 62  ? 6.486   7.503   10.888  1.00 86.64  ? 55  ALA A CB  1 
ATOM   251  N N   . GLY A 1 63  ? 7.258   4.516   9.035   1.00 69.23  ? 56  GLY A N   1 
ATOM   252  C CA  . GLY A 1 63  ? 7.794   3.148   9.154   1.00 63.70  ? 56  GLY A CA  1 
ATOM   253  C C   . GLY A 1 63  ? 6.984   2.213   10.063  1.00 61.76  ? 56  GLY A C   1 
ATOM   254  O O   . GLY A 1 63  ? 7.415   1.048   10.312  1.00 58.98  ? 56  GLY A O   1 
ATOM   255  N N   . ALA A 1 64  ? 5.830   2.707   10.560  1.00 62.18  ? 57  ALA A N   1 
ATOM   256  C CA  . ALA A 1 64  ? 5.006   1.955   11.508  1.00 60.84  ? 57  ALA A CA  1 
ATOM   257  C C   . ALA A 1 64  ? 4.616   0.614   10.883  1.00 55.99  ? 57  ALA A C   1 
ATOM   258  O O   . ALA A 1 64  ? 4.905   -0.443  11.493  1.00 57.13  ? 57  ALA A O   1 
ATOM   259  C CB  . ALA A 1 64  ? 3.805   2.739   11.957  1.00 63.19  ? 57  ALA A CB  1 
ATOM   260  N N   . PHE A 1 65  ? 4.060   0.628   9.659   1.00 51.52  ? 58  PHE A N   1 
ATOM   261  C CA  . PHE A 1 65  ? 3.612   -0.611  8.992   1.00 46.11  ? 58  PHE A CA  1 
ATOM   262  C C   . PHE A 1 65  ? 4.767   -1.474  8.518   1.00 44.80  ? 58  PHE A C   1 
ATOM   263  O O   . PHE A 1 65  ? 4.660   -2.716  8.497   1.00 42.82  ? 58  PHE A O   1 
ATOM   264  C CB  . PHE A 1 65  ? 2.667   -0.347  7.794   1.00 45.13  ? 58  PHE A CB  1 
ATOM   265  C CG  . PHE A 1 65  ? 1.989   -1.577  7.309   1.00 37.54  ? 58  PHE A CG  1 
ATOM   266  C CD1 . PHE A 1 65  ? 1.042   -2.196  8.088   1.00 36.57  ? 58  PHE A CD1 1 
ATOM   267  C CD2 . PHE A 1 65  ? 2.349   -2.153  6.130   1.00 34.27  ? 58  PHE A CD2 1 
ATOM   268  C CE1 . PHE A 1 65  ? 0.458   -3.337  7.705   1.00 29.74  ? 58  PHE A CE1 1 
ATOM   269  C CE2 . PHE A 1 65  ? 1.758   -3.286  5.694   1.00 34.79  ? 58  PHE A CE2 1 
ATOM   270  C CZ  . PHE A 1 65  ? 0.805   -3.892  6.491   1.00 42.40  ? 58  PHE A CZ  1 
ATOM   271  N N   . THR A 1 66  ? 5.887   -0.841  8.136   1.00 45.25  ? 59  THR A N   1 
ATOM   272  C CA  . THR A 1 66  ? 6.984   -1.607  7.521   1.00 41.93  ? 59  THR A CA  1 
ATOM   273  C C   . THR A 1 66  ? 7.504   -2.559  8.565   1.00 42.94  ? 59  THR A C   1 
ATOM   274  O O   . THR A 1 66  ? 7.866   -3.711  8.285   1.00 42.19  ? 59  THR A O   1 
ATOM   275  C CB  . THR A 1 66  ? 8.117   -0.722  7.098   1.00 42.57  ? 59  THR A CB  1 
ATOM   276  O OG1 . THR A 1 66  ? 7.637   0.248   6.175   1.00 39.14  ? 59  THR A OG1 1 
ATOM   277  C CG2 . THR A 1 66  ? 9.162   -1.522  6.447   1.00 39.43  ? 59  THR A CG2 1 
ATOM   278  N N   . GLU A 1 67  ? 7.504   -2.041  9.773   1.00 45.66  ? 60  GLU A N   1 
ATOM   279  C CA  . GLU A 1 67  ? 7.934   -2.745  10.962  1.00 47.92  ? 60  GLU A CA  1 
ATOM   280  C C   . GLU A 1 67  ? 7.118   -4.000  11.242  1.00 46.40  ? 60  GLU A C   1 
ATOM   281  O O   . GLU A 1 67  ? 7.660   -4.936  11.791  1.00 47.53  ? 60  GLU A O   1 
ATOM   282  C CB  . GLU A 1 67  ? 7.798   -1.774  12.113  1.00 51.40  ? 60  GLU A CB  1 
ATOM   283  C CG  . GLU A 1 67  ? 8.065   -2.309  13.451  1.00 57.95  ? 60  GLU A CG  1 
ATOM   284  C CD  . GLU A 1 67  ? 8.195   -1.137  14.408  1.00 75.26  ? 60  GLU A CD  1 
ATOM   285  O OE1 . GLU A 1 67  ? 7.247   -0.283  14.369  1.00 78.87  ? 60  GLU A OE1 1 
ATOM   286  O OE2 . GLU A 1 67  ? 9.246   -1.047  15.125  1.00 69.14  ? 60  GLU A OE2 1 
ATOM   287  N N   . LYS A 1 68  ? 5.837   -4.006  10.861  1.00 44.44  ? 61  LYS A N   1 
ATOM   288  C CA  . LYS A 1 68  ? 4.957   -5.126  11.093  1.00 42.54  ? 61  LYS A CA  1 
ATOM   289  C C   . LYS A 1 68  ? 5.073   -6.158  9.976   1.00 40.42  ? 61  LYS A C   1 
ATOM   290  O O   . LYS A 1 68  ? 4.926   -7.398  10.221  1.00 41.18  ? 61  LYS A O   1 
ATOM   291  C CB  . LYS A 1 68  ? 3.527   -4.620  11.193  1.00 42.81  ? 61  LYS A CB  1 
ATOM   292  C CG  . LYS A 1 68  ? 3.367   -3.719  12.408  1.00 46.79  ? 61  LYS A CG  1 
ATOM   293  C CD  . LYS A 1 68  ? 2.020   -3.038  12.417  1.00 43.79  ? 61  LYS A CD  1 
ATOM   294  C CE  . LYS A 1 68  ? 1.705   -2.781  13.790  1.00 50.25  ? 61  LYS A CE  1 
ATOM   295  N NZ  . LYS A 1 68  ? 1.379   -1.377  14.004  1.00 58.07  ? 61  LYS A NZ  1 
ATOM   296  N N   . LEU A 1 69  ? 5.342   -5.656  8.765   1.00 38.00  ? 62  LEU A N   1 
ATOM   297  C CA  . LEU A 1 69  ? 5.433   -6.469  7.523   1.00 35.06  ? 62  LEU A CA  1 
ATOM   298  C C   . LEU A 1 69  ? 6.803   -7.106  7.365   1.00 35.48  ? 62  LEU A C   1 
ATOM   299  O O   . LEU A 1 69  ? 6.900   -8.293  7.011   1.00 34.87  ? 62  LEU A O   1 
ATOM   300  C CB  . LEU A 1 69  ? 5.159   -5.584  6.335   1.00 33.38  ? 62  LEU A CB  1 
ATOM   301  C CG  . LEU A 1 69  ? 4.780   -6.127  4.975   1.00 37.51  ? 62  LEU A CG  1 
ATOM   302  C CD1 . LEU A 1 69  ? 3.533   -7.031  4.971   1.00 31.24  ? 62  LEU A CD1 1 
ATOM   303  C CD2 . LEU A 1 69  ? 4.631   -4.960  3.986   1.00 37.01  ? 62  LEU A CD2 1 
ATOM   304  N N   . ALA A 1 70  ? 7.883   -6.359  7.639   1.00 36.93  ? 63  ALA A N   1 
ATOM   305  C CA  . ALA A 1 70  ? 9.226   -6.930  7.367   1.00 38.53  ? 63  ALA A CA  1 
ATOM   306  C C   . ALA A 1 70  ? 9.342   -8.389  7.799   1.00 39.42  ? 63  ALA A C   1 
ATOM   307  O O   . ALA A 1 70  ? 9.744   -9.220  6.969   1.00 41.51  ? 63  ALA A O   1 
ATOM   308  C CB  . ALA A 1 70  ? 10.349  -6.115  7.986   1.00 40.58  ? 63  ALA A CB  1 
ATOM   309  N N   . PRO A 1 71  ? 8.937   -8.730  9.060   1.00 39.47  ? 64  PRO A N   1 
ATOM   310  C CA  . PRO A 1 71  ? 9.221   -10.093 9.542   1.00 39.87  ? 64  PRO A CA  1 
ATOM   311  C C   . PRO A 1 71  ? 8.574   -11.214 8.710   1.00 39.13  ? 64  PRO A C   1 
ATOM   312  O O   . PRO A 1 71  ? 8.984   -12.340 8.851   1.00 40.43  ? 64  PRO A O   1 
ATOM   313  C CB  . PRO A 1 71  ? 8.684   -10.078 10.992  1.00 39.62  ? 64  PRO A CB  1 
ATOM   314  C CG  . PRO A 1 71  ? 8.629   -8.615  11.338  1.00 40.23  ? 64  PRO A CG  1 
ATOM   315  C CD  . PRO A 1 71  ? 8.147   -7.996  10.068  1.00 39.98  ? 64  PRO A CD  1 
ATOM   316  N N   . HIS A 1 72  ? 7.597   -10.896 7.855   1.00 38.10  ? 65  HIS A N   1 
ATOM   317  C CA  . HIS A 1 72  ? 6.844   -11.901 7.092   1.00 38.10  ? 65  HIS A CA  1 
ATOM   318  C C   . HIS A 1 72  ? 7.174   -11.975 5.600   1.00 39.41  ? 65  HIS A C   1 
ATOM   319  O O   . HIS A 1 72  ? 6.518   -12.704 4.843   1.00 40.68  ? 65  HIS A O   1 
ATOM   320  C CB  . HIS A 1 72  ? 5.389   -11.642 7.302   1.00 37.13  ? 65  HIS A CB  1 
ATOM   321  C CG  . HIS A 1 72  ? 5.024   -11.555 8.760   1.00 40.14  ? 65  HIS A CG  1 
ATOM   322  N ND1 . HIS A 1 72  ? 4.984   -12.655 9.591   1.00 45.68  ? 65  HIS A ND1 1 
ATOM   323  C CD2 . HIS A 1 72  ? 4.725   -10.500 9.536   1.00 34.70  ? 65  HIS A CD2 1 
ATOM   324  C CE1 . HIS A 1 72  ? 4.658   -12.281 10.808  1.00 38.84  ? 65  HIS A CE1 1 
ATOM   325  N NE2 . HIS A 1 72  ? 4.478   -10.978 10.798  1.00 39.66  ? 65  HIS A NE2 1 
ATOM   326  N N   . CYS A 1 73  ? 8.234   -11.252 5.217   1.00 38.90  ? 66  CYS A N   1 
ATOM   327  C CA  . CYS A 1 73  ? 8.710   -11.102 3.863   1.00 38.00  ? 66  CYS A CA  1 
ATOM   328  C C   . CYS A 1 73  ? 10.111  -11.650 3.802   1.00 40.08  ? 66  CYS A C   1 
ATOM   329  O O   . CYS A 1 73  ? 10.955  -11.346 4.641   1.00 40.25  ? 66  CYS A O   1 
ATOM   330  C CB  . CYS A 1 73  ? 8.817   -9.623  3.557   1.00 35.97  ? 66  CYS A CB  1 
ATOM   331  S SG  . CYS A 1 73  ? 7.218   -8.842  3.437   1.00 36.31  ? 66  CYS A SG  1 
ATOM   332  N N   . LYS A 1 74  ? 10.379  -12.446 2.800   1.00 41.88  ? 67  LYS A N   1 
ATOM   333  C CA  . LYS A 1 74  ? 11.713  -12.902 2.646   1.00 45.89  ? 67  LYS A CA  1 
ATOM   334  C C   . LYS A 1 74  ? 12.537  -11.702 2.160   1.00 45.05  ? 67  LYS A C   1 
ATOM   335  O O   . LYS A 1 74  ? 13.603  -11.459 2.692   1.00 47.24  ? 67  LYS A O   1 
ATOM   336  C CB  . LYS A 1 74  ? 11.739  -14.123 1.708   1.00 50.38  ? 67  LYS A CB  1 
ATOM   337  C CG  . LYS A 1 74  ? 13.087  -14.823 1.592   1.00 59.84  ? 67  LYS A CG  1 
ATOM   338  C CD  . LYS A 1 74  ? 12.893  -16.365 1.515   1.00 82.18  ? 67  LYS A CD  1 
ATOM   339  C CE  . LYS A 1 74  ? 12.738  -16.870 0.071   1.00 89.21  ? 67  LYS A CE  1 
ATOM   340  N NZ  . LYS A 1 74  ? 13.804  -16.298 -0.802  1.00 86.36  ? 67  LYS A NZ  1 
ATOM   341  N N   . ARG A 1 75  ? 12.026  -10.945 1.178   1.00 42.97  ? 68  ARG A N   1 
ATOM   342  C CA  . ARG A 1 75  ? 12.602  -9.642  0.744   1.00 41.04  ? 68  ARG A CA  1 
ATOM   343  C C   . ARG A 1 75  ? 11.484  -8.593  0.816   1.00 37.52  ? 68  ARG A C   1 
ATOM   344  O O   . ARG A 1 75  ? 10.305  -8.878  0.493   1.00 35.88  ? 68  ARG A O   1 
ATOM   345  C CB  . ARG A 1 75  ? 13.175  -9.697  -0.693  1.00 43.39  ? 68  ARG A CB  1 
ATOM   346  N N   . LEU A 1 76  ? 11.827  -7.394  1.266   1.00 35.06  ? 69  LEU A N   1 
ATOM   347  C CA  . LEU A 1 76  ? 10.859  -6.303  1.312   1.00 32.59  ? 69  LEU A CA  1 
ATOM   348  C C   . LEU A 1 76  ? 11.476  -5.075  0.678   1.00 33.18  ? 69  LEU A C   1 
ATOM   349  O O   . LEU A 1 76  ? 12.595  -4.715  1.001   1.00 34.99  ? 69  LEU A O   1 
ATOM   350  C CB  . LEU A 1 76  ? 10.408  -6.006  2.753   1.00 31.75  ? 69  LEU A CB  1 
ATOM   351  C CG  . LEU A 1 76  ? 9.445   -4.802  2.876   1.00 33.06  ? 69  LEU A CG  1 
ATOM   352  C CD1 . LEU A 1 76  ? 8.138   -5.010  2.086   1.00 28.59  ? 69  LEU A CD1 1 
ATOM   353  C CD2 . LEU A 1 76  ? 9.167   -4.422  4.294   1.00 24.82  ? 69  LEU A CD2 1 
ATOM   354  N N   . THR A 1 77  ? 10.765  -4.461  -0.262  1.00 34.19  ? 70  THR A N   1 
ATOM   355  C CA  . THR A 1 77  ? 11.175  -3.205  -0.902  1.00 36.42  ? 70  THR A CA  1 
ATOM   356  C C   . THR A 1 77  ? 10.116  -2.174  -0.624  1.00 37.40  ? 70  THR A C   1 
ATOM   357  O O   . THR A 1 77  ? 8.918   -2.462  -0.757  1.00 37.32  ? 70  THR A O   1 
ATOM   358  C CB  . THR A 1 77  ? 11.231  -3.351  -2.389  1.00 37.80  ? 70  THR A CB  1 
ATOM   359  O OG1 . THR A 1 77  ? 12.197  -4.362  -2.721  1.00 42.67  ? 70  THR A OG1 1 
ATOM   360  C CG2 . THR A 1 77  ? 11.655  -2.008  -3.060  1.00 42.00  ? 70  THR A CG2 1 
ATOM   361  N N   . VAL A 1 78  ? 10.544  -0.977  -0.229  1.00 40.13  ? 71  VAL A N   1 
ATOM   362  C CA  . VAL A 1 78  ? 9.634   0.079   0.156   1.00 41.36  ? 71  VAL A CA  1 
ATOM   363  C C   . VAL A 1 78  ? 9.905   1.325   -0.655  1.00 45.32  ? 71  VAL A C   1 
ATOM   364  O O   . VAL A 1 78  ? 11.024  1.805   -0.729  1.00 47.82  ? 71  VAL A O   1 
ATOM   365  C CB  . VAL A 1 78  ? 9.801   0.399   1.620   1.00 41.92  ? 71  VAL A CB  1 
ATOM   366  C CG1 . VAL A 1 78  ? 8.828   1.465   2.035   1.00 37.82  ? 71  VAL A CG1 1 
ATOM   367  C CG2 . VAL A 1 78  ? 9.618   -0.864  2.412   1.00 41.39  ? 71  VAL A CG2 1 
ATOM   368  N N   . ILE A 1 79  ? 8.875   1.880   -1.254  1.00 47.72  ? 72  ILE A N   1 
ATOM   369  C CA  . ILE A 1 79  ? 9.087   3.058   -2.107  1.00 51.65  ? 72  ILE A CA  1 
ATOM   370  C C   . ILE A 1 79  ? 8.336   4.307   -1.555  1.00 56.99  ? 72  ILE A C   1 
ATOM   371  O O   . ILE A 1 79  ? 7.190   4.193   -1.060  1.00 55.14  ? 72  ILE A O   1 
ATOM   372  C CB  . ILE A 1 79  ? 8.844   2.760   -3.633  1.00 50.39  ? 72  ILE A CB  1 
ATOM   373  C CG1 . ILE A 1 79  ? 7.408   2.396   -3.965  1.00 44.06  ? 72  ILE A CG1 1 
ATOM   374  C CG2 . ILE A 1 79  ? 9.712   1.608   -4.145  1.00 49.50  ? 72  ILE A CG2 1 
ATOM   375  C CD1 . ILE A 1 79  ? 7.154   2.476   -5.519  1.00 33.90  ? 72  ILE A CD1 1 
ATOM   376  N N   . ASP A 1 80  ? 9.014   5.474   -1.612  1.00 63.27  ? 73  ASP A N   1 
ATOM   377  C CA  . ASP A 1 80  ? 8.551   6.700   -1.018  1.00 68.40  ? 73  ASP A CA  1 
ATOM   378  C C   . ASP A 1 80  ? 9.161   7.900   -1.685  1.00 75.34  ? 73  ASP A C   1 
ATOM   379  O O   . ASP A 1 80  ? 10.395  8.068   -1.656  1.00 77.79  ? 73  ASP A O   1 
ATOM   380  C CB  . ASP A 1 80  ? 8.953   6.787   0.438   1.00 69.67  ? 73  ASP A CB  1 
ATOM   381  C CG  . ASP A 1 80  ? 7.991   7.655   1.227   1.00 75.88  ? 73  ASP A CG  1 
ATOM   382  O OD1 . ASP A 1 80  ? 8.121   8.923   1.220   1.00 78.93  ? 73  ASP A OD1 1 
ATOM   383  O OD2 . ASP A 1 80  ? 7.064   7.048   1.825   1.00 79.17  ? 73  ASP A OD2 1 
ATOM   384  N N   . VAL A 1 81  ? 8.289   8.776   -2.215  1.00 78.68  ? 74  VAL A N   1 
ATOM   385  C CA  . VAL A 1 81  ? 8.715   9.982   -2.908  1.00 84.07  ? 74  VAL A CA  1 
ATOM   386  C C   . VAL A 1 81  ? 9.647   10.806  -2.041  1.00 89.11  ? 74  VAL A C   1 
ATOM   387  O O   . VAL A 1 81  ? 10.504  11.506  -2.578  1.00 93.52  ? 74  VAL A O   1 
ATOM   388  C CB  . VAL A 1 81  ? 7.516   10.898  -3.330  1.00 87.23  ? 74  VAL A CB  1 
ATOM   389  C CG1 . VAL A 1 81  ? 7.381   11.029  -4.879  1.00 87.74  ? 74  VAL A CG1 1 
ATOM   390  C CG2 . VAL A 1 81  ? 6.228   10.457  -2.657  1.00 86.46  ? 74  VAL A CG2 1 
ATOM   391  N N   . MET A 1 82  ? 9.473   10.740  -0.712  1.00 89.58  ? 75  MET A N   1 
ATOM   392  C CA  . MET A 1 82  ? 10.174  11.667  0.242   1.00 94.84  ? 75  MET A CA  1 
ATOM   393  C C   . MET A 1 82  ? 11.387  11.023  0.947   1.00 93.22  ? 75  MET A C   1 
ATOM   394  O O   . MET A 1 82  ? 11.216  10.149  1.801   1.00 89.12  ? 75  MET A O   1 
ATOM   395  C CB  . MET A 1 82  ? 9.204   12.298  1.276   1.00 97.94  ? 75  MET A CB  1 
ATOM   396  C CG  . MET A 1 82  ? 8.120   13.217  0.703   1.00 102.43 ? 75  MET A CG  1 
ATOM   397  S SD  . MET A 1 82  ? 8.712   14.636  -0.291  1.00 123.05 ? 75  MET A SD  1 
ATOM   398  C CE  . MET A 1 82  ? 8.223   14.249  -1.988  1.00 119.13 ? 75  MET A CE  1 
ATOM   399  N N   . PRO A 1 83  ? 12.613  11.446  0.555   1.00 96.39  ? 76  PRO A N   1 
ATOM   400  C CA  . PRO A 1 83  ? 13.863  10.949  1.094   1.00 97.59  ? 76  PRO A CA  1 
ATOM   401  C C   . PRO A 1 83  ? 13.972  10.961  2.627   1.00 101.03 ? 76  PRO A C   1 
ATOM   402  O O   . PRO A 1 83  ? 14.286  9.904   3.223   1.00 97.93  ? 76  PRO A O   1 
ATOM   403  C CB  . PRO A 1 83  ? 14.882  11.876  0.445   1.00 103.04 ? 76  PRO A CB  1 
ATOM   404  C CG  . PRO A 1 83  ? 14.321  12.104  -0.880  1.00 99.39  ? 76  PRO A CG  1 
ATOM   405  C CD  . PRO A 1 83  ? 12.874  12.327  -0.603  1.00 99.55  ? 76  PRO A CD  1 
ATOM   406  N N   . ARG A 1 84  ? 13.714  12.126  3.244   1.00 108.13 ? 77  ARG A N   1 
ATOM   407  C CA  . ARG A 1 84  ? 13.772  12.284  4.703   1.00 112.24 ? 77  ARG A CA  1 
ATOM   408  C C   . ARG A 1 84  ? 12.834  11.284  5.377   1.00 107.18 ? 77  ARG A C   1 
ATOM   409  O O   . ARG A 1 84  ? 13.179  10.728  6.408   1.00 108.36 ? 77  ARG A O   1 
ATOM   410  C CB  . ARG A 1 84  ? 13.484  13.724  5.143   1.00 120.10 ? 77  ARG A CB  1 
ATOM   411  N N   . ALA A 1 85  ? 11.673  11.020  4.784   1.00 103.05 ? 78  ALA A N   1 
ATOM   412  C CA  . ALA A 1 85  ? 10.792  9.926   5.256   1.00 98.16  ? 78  ALA A CA  1 
ATOM   413  C C   . ALA A 1 85  ? 11.502  8.547   5.322   1.00 94.17  ? 78  ALA A C   1 
ATOM   414  O O   . ALA A 1 85  ? 11.211  7.744   6.237   1.00 92.93  ? 78  ALA A O   1 
ATOM   415  C CB  . ALA A 1 85  ? 9.525   9.840   4.399   1.00 93.93  ? 78  ALA A CB  1 
ATOM   416  N N   . ILE A 1 86  ? 12.422  8.301   4.365   1.00 92.67  ? 79  ILE A N   1 
ATOM   417  C CA  . ILE A 1 86  ? 13.265  7.078   4.270   1.00 88.12  ? 79  ILE A CA  1 
ATOM   418  C C   . ILE A 1 86  ? 14.395  7.031   5.289   1.00 91.32  ? 79  ILE A C   1 
ATOM   419  O O   . ILE A 1 86  ? 14.579  6.020   5.946   1.00 88.71  ? 79  ILE A O   1 
ATOM   420  C CB  . ILE A 1 86  ? 13.838  6.912   2.846   1.00 86.85  ? 79  ILE A CB  1 
ATOM   421  C CG1 . ILE A 1 86  ? 12.715  6.416   1.920   1.00 84.14  ? 79  ILE A CG1 1 
ATOM   422  C CG2 . ILE A 1 86  ? 15.048  5.985   2.830   1.00 81.34  ? 79  ILE A CG2 1 
ATOM   423  C CD1 . ILE A 1 86  ? 12.831  6.892   0.520   1.00 87.30  ? 79  ILE A CD1 1 
ATOM   424  N N   . GLY A 1 87  ? 15.155  8.114   5.408   1.00 96.97  ? 80  GLY A N   1 
ATOM   425  C CA  . GLY A 1 87  ? 16.107  8.250   6.509   1.00 101.22 ? 80  GLY A CA  1 
ATOM   426  C C   . GLY A 1 87  ? 15.486  7.807   7.832   1.00 99.91  ? 80  GLY A C   1 
ATOM   427  O O   . GLY A 1 87  ? 16.154  7.166   8.648   1.00 100.50 ? 80  GLY A O   1 
ATOM   428  N N   . ARG A 1 88  ? 14.200  8.124   8.027   1.00 98.04  ? 81  ARG A N   1 
ATOM   429  C CA  . ARG A 1 88  ? 13.506  7.878   9.305   1.00 97.85  ? 81  ARG A CA  1 
ATOM   430  C C   . ARG A 1 88  ? 13.016  6.449   9.433   1.00 90.10  ? 81  ARG A C   1 
ATOM   431  O O   . ARG A 1 88  ? 13.207  5.802   10.460  1.00 89.76  ? 81  ARG A O   1 
ATOM   432  C CB  . ARG A 1 88  ? 12.329  8.854   9.503   1.00 101.03 ? 81  ARG A CB  1 
ATOM   433  N N   . ALA A 1 89  ? 12.392  5.954   8.367   1.00 84.36  ? 82  ALA A N   1 
ATOM   434  C CA  . ALA A 1 89  ? 11.729  4.677   8.398   1.00 77.51  ? 82  ALA A CA  1 
ATOM   435  C C   . ALA A 1 89  ? 12.792  3.633   8.441   1.00 75.68  ? 82  ALA A C   1 
ATOM   436  O O   . ALA A 1 89  ? 12.643  2.586   9.065   1.00 73.95  ? 82  ALA A O   1 
ATOM   437  C CB  . ALA A 1 89  ? 10.889  4.529   7.205   1.00 74.21  ? 82  ALA A CB  1 
ATOM   438  N N   . CYS A 1 90  ? 13.923  3.941   7.806   1.00 77.46  ? 83  CYS A N   1 
ATOM   439  C CA  . CYS A 1 90  ? 15.082  3.050   7.804   1.00 76.41  ? 83  CYS A CA  1 
ATOM   440  C C   . CYS A 1 90  ? 15.650  2.841   9.211   1.00 78.20  ? 83  CYS A C   1 
ATOM   441  O O   . CYS A 1 90  ? 15.975  1.717   9.591   1.00 75.94  ? 83  CYS A O   1 
ATOM   442  C CB  . CYS A 1 90  ? 16.171  3.590   6.874   1.00 78.79  ? 83  CYS A CB  1 
ATOM   443  S SG  . CYS A 1 90  ? 17.649  2.553   6.774   1.00 87.73  ? 83  CYS A SG  1 
ATOM   444  N N   . GLN A 1 91  ? 15.751  3.919   9.988   1.00 83.21  ? 84  GLN A N   1 
ATOM   445  C CA  . GLN A 1 91  ? 16.156  3.808   11.378  1.00 86.61  ? 84  GLN A CA  1 
ATOM   446  C C   . GLN A 1 91  ? 15.285  2.755   12.002  1.00 81.89  ? 84  GLN A C   1 
ATOM   447  O O   . GLN A 1 91  ? 15.772  1.785   12.570  1.00 80.38  ? 84  GLN A O   1 
ATOM   448  C CB  . GLN A 1 91  ? 15.842  5.107   12.136  1.00 93.74  ? 84  GLN A CB  1 
ATOM   449  C CG  . GLN A 1 91  ? 16.985  5.725   12.941  1.00 101.37 ? 84  GLN A CG  1 
ATOM   450  C CD  . GLN A 1 91  ? 17.711  6.681   12.045  1.00 111.68 ? 84  GLN A CD  1 
ATOM   451  O OE1 . GLN A 1 91  ? 17.460  6.689   10.814  1.00 108.23 ? 84  GLN A OE1 1 
ATOM   452  N NE2 . GLN A 1 91  ? 18.596  7.514   12.619  1.00 112.96 ? 84  GLN A NE2 1 
ATOM   453  N N   . ARG A 1 92  ? 13.972  2.977   11.877  1.00 79.28  ? 85  ARG A N   1 
ATOM   454  C CA  . ARG A 1 92  ? 12.971  2.229   12.628  1.00 75.71  ? 85  ARG A CA  1 
ATOM   455  C C   . ARG A 1 92  ? 13.108  0.717   12.389  1.00 69.21  ? 85  ARG A C   1 
ATOM   456  O O   . ARG A 1 92  ? 12.994  -0.096  13.291  1.00 68.65  ? 85  ARG A O   1 
ATOM   457  C CB  . ARG A 1 92  ? 11.586  2.765   12.294  1.00 73.78  ? 85  ARG A CB  1 
ATOM   458  C CG  . ARG A 1 92  ? 10.470  2.070   12.993  1.00 73.64  ? 85  ARG A CG  1 
ATOM   459  C CD  . ARG A 1 92  ? 9.232   2.856   12.797  1.00 83.42  ? 85  ARG A CD  1 
ATOM   460  N NE  . ARG A 1 92  ? 8.296   2.598   13.880  1.00 98.36  ? 85  ARG A NE  1 
ATOM   461  C CZ  . ARG A 1 92  ? 7.413   3.487   14.331  1.00 108.56 ? 85  ARG A CZ  1 
ATOM   462  N NH1 . ARG A 1 92  ? 7.349   4.708   13.800  1.00 115.76 ? 85  ARG A NH1 1 
ATOM   463  N NH2 . ARG A 1 92  ? 6.590   3.155   15.315  1.00 109.14 ? 85  ARG A NH2 1 
ATOM   464  N N   . THR A 1 93  ? 13.429  0.350   11.177  1.00 65.01  ? 86  THR A N   1 
ATOM   465  C CA  . THR A 1 93  ? 13.497  -1.047  10.866  1.00 60.60  ? 86  THR A CA  1 
ATOM   466  C C   . THR A 1 93  ? 14.948  -1.571  10.778  1.00 63.98  ? 86  THR A C   1 
ATOM   467  O O   . THR A 1 93  ? 15.155  -2.671  10.264  1.00 62.67  ? 86  THR A O   1 
ATOM   468  C CB  . THR A 1 93  ? 12.700  -1.301  9.572   1.00 55.74  ? 86  THR A CB  1 
ATOM   469  O OG1 . THR A 1 93  ? 13.075  -0.324  8.598   1.00 49.71  ? 86  THR A OG1 1 
ATOM   470  C CG2 . THR A 1 93  ? 11.207  -1.110  9.834   1.00 51.51  ? 86  THR A CG2 1 
ATOM   471  N N   . LYS A 1 94  ? 15.934  -0.809  11.280  1.00 70.22  ? 87  LYS A N   1 
ATOM   472  C CA  . LYS A 1 94  ? 17.399  -1.158  11.178  1.00 74.61  ? 87  LYS A CA  1 
ATOM   473  C C   . LYS A 1 94  ? 17.716  -2.646  11.377  1.00 73.29  ? 87  LYS A C   1 
ATOM   474  O O   . LYS A 1 94  ? 18.638  -3.184  10.739  1.00 74.66  ? 87  LYS A O   1 
ATOM   475  C CB  . LYS A 1 94  ? 18.291  -0.356  12.183  1.00 81.56  ? 87  LYS A CB  1 
ATOM   476  N N   . ARG A 1 95  ? 16.953  -3.275  12.276  1.00 71.75  ? 88  ARG A N   1 
ATOM   477  C CA  . ARG A 1 95  ? 17.225  -4.627  12.785  1.00 71.00  ? 88  ARG A CA  1 
ATOM   478  C C   . ARG A 1 95  ? 17.144  -5.734  11.708  1.00 66.86  ? 88  ARG A C   1 
ATOM   479  O O   . ARG A 1 95  ? 17.764  -6.790  11.887  1.00 69.05  ? 88  ARG A O   1 
ATOM   480  C CB  . ARG A 1 95  ? 16.307  -4.958  13.984  1.00 70.49  ? 88  ARG A CB  1 
ATOM   481  C CG  . ARG A 1 95  ? 15.247  -5.994  13.693  1.00 68.36  ? 88  ARG A CG  1 
ATOM   482  C CD  . ARG A 1 95  ? 14.277  -6.164  14.841  1.00 72.57  ? 88  ARG A CD  1 
ATOM   483  N NE  . ARG A 1 95  ? 14.175  -7.591  15.132  1.00 75.27  ? 88  ARG A NE  1 
ATOM   484  C CZ  . ARG A 1 95  ? 13.152  -8.170  15.763  1.00 71.40  ? 88  ARG A CZ  1 
ATOM   485  N NH1 . ARG A 1 95  ? 12.116  -7.451  16.149  1.00 66.46  ? 88  ARG A NH1 1 
ATOM   486  N NH2 . ARG A 1 95  ? 13.156  -9.477  15.999  1.00 67.97  ? 88  ARG A NH2 1 
ATOM   487  N N   . TRP A 1 96  ? 16.404  -5.488  10.618  1.00 61.10  ? 89  TRP A N   1 
ATOM   488  C CA  . TRP A 1 96  ? 16.199  -6.463  9.540   1.00 56.86  ? 89  TRP A CA  1 
ATOM   489  C C   . TRP A 1 96  ? 17.076  -6.088  8.346   1.00 56.67  ? 89  TRP A C   1 
ATOM   490  O O   . TRP A 1 96  ? 17.215  -4.913  8.041   1.00 59.11  ? 89  TRP A O   1 
ATOM   491  C CB  . TRP A 1 96  ? 14.708  -6.507  9.106   1.00 52.29  ? 89  TRP A CB  1 
ATOM   492  C CG  . TRP A 1 96  ? 13.734  -7.022  10.187  1.00 52.43  ? 89  TRP A CG  1 
ATOM   493  C CD1 . TRP A 1 96  ? 13.573  -8.347  10.639  1.00 52.12  ? 89  TRP A CD1 1 
ATOM   494  C CD2 . TRP A 1 96  ? 12.765  -6.237  10.906  1.00 40.57  ? 89  TRP A CD2 1 
ATOM   495  N NE1 . TRP A 1 96  ? 12.571  -8.385  11.593  1.00 53.11  ? 89  TRP A NE1 1 
ATOM   496  C CE2 . TRP A 1 96  ? 12.076  -7.111  11.785  1.00 47.30  ? 89  TRP A CE2 1 
ATOM   497  C CE3 . TRP A 1 96  ? 12.445  -4.872  10.921  1.00 40.90  ? 89  TRP A CE3 1 
ATOM   498  C CZ2 . TRP A 1 96  ? 11.058  -6.650  12.674  1.00 57.46  ? 89  TRP A CZ2 1 
ATOM   499  C CZ3 . TRP A 1 96  ? 11.443  -4.411  11.820  1.00 55.76  ? 89  TRP A CZ3 1 
ATOM   500  C CH2 . TRP A 1 96  ? 10.756  -5.301  12.680  1.00 45.51  ? 89  TRP A CH2 1 
ATOM   501  N N   . SER A 1 97  ? 17.640  -7.074  7.658   1.00 55.35  ? 90  SER A N   1 
ATOM   502  C CA  . SER A 1 97  ? 18.635  -6.811  6.597   1.00 56.68  ? 90  SER A CA  1 
ATOM   503  C C   . SER A 1 97  ? 18.154  -7.118  5.215   1.00 52.70  ? 90  SER A C   1 
ATOM   504  O O   . SER A 1 97  ? 18.941  -7.027  4.289   1.00 54.56  ? 90  SER A O   1 
ATOM   505  C CB  . SER A 1 97  ? 19.917  -7.594  6.831   1.00 60.50  ? 90  SER A CB  1 
ATOM   506  O OG  . SER A 1 97  ? 19.601  -8.956  7.007   1.00 64.19  ? 90  SER A OG  1 
ATOM   507  N N   . HIS A 1 98  ? 16.869  -7.479  5.102   1.00 47.03  ? 91  HIS A N   1 
ATOM   508  C CA  . HIS A 1 98  ? 16.227  -7.847  3.851   1.00 43.28  ? 91  HIS A CA  1 
ATOM   509  C C   . HIS A 1 98  ? 15.279  -6.744  3.339   1.00 41.49  ? 91  HIS A C   1 
ATOM   510  O O   . HIS A 1 98  ? 14.470  -6.986  2.440   1.00 40.44  ? 91  HIS A O   1 
ATOM   511  C CB  . HIS A 1 98  ? 15.466  -9.152  4.034   1.00 40.85  ? 91  HIS A CB  1 
ATOM   512  C CG  . HIS A 1 98  ? 14.289  -9.037  4.952   1.00 36.05  ? 91  HIS A CG  1 
ATOM   513  N ND1 . HIS A 1 98  ? 14.417  -8.914  6.317   1.00 36.79  ? 91  HIS A ND1 1 
ATOM   514  C CD2 . HIS A 1 98  ? 12.952  -9.026  4.702   1.00 41.04  ? 91  HIS A CD2 1 
ATOM   515  C CE1 . HIS A 1 98  ? 13.215  -8.813  6.867   1.00 40.79  ? 91  HIS A CE1 1 
ATOM   516  N NE2 . HIS A 1 98  ? 12.305  -8.912  5.914   1.00 31.88  ? 91  HIS A NE2 1 
ATOM   517  N N   . ILE A 1 99  ? 15.398  -5.526  3.876   1.00 41.80  ? 92  ILE A N   1 
ATOM   518  C CA  . ILE A 1 99  ? 14.568  -4.393  3.418   1.00 38.65  ? 92  ILE A CA  1 
ATOM   519  C C   . ILE A 1 99  ? 15.443  -3.475  2.614   1.00 40.66  ? 92  ILE A C   1 
ATOM   520  O O   . ILE A 1 99  ? 16.582  -3.161  2.985   1.00 43.78  ? 92  ILE A O   1 
ATOM   521  C CB  . ILE A 1 99  ? 13.969  -3.505  4.596   1.00 37.96  ? 92  ILE A CB  1 
ATOM   522  C CG1 . ILE A 1 99  ? 13.197  -4.361  5.566   1.00 34.17  ? 92  ILE A CG1 1 
ATOM   523  C CG2 . ILE A 1 99  ? 13.055  -2.472  4.022   1.00 37.35  ? 92  ILE A CG2 1 
ATOM   524  C CD1 . ILE A 1 99  ? 12.933  -3.719  6.880   1.00 48.01  ? 92  ILE A CD1 1 
ATOM   525  N N   . SER A 1 100 ? 14.903  -3.023  1.512   1.00 39.73  ? 93  SER A N   1 
ATOM   526  C CA  . SER A 1 100 ? 15.534  -1.957  0.820   1.00 42.67  ? 93  SER A CA  1 
ATOM   527  C C   . SER A 1 100 ? 14.516  -0.850  0.503   1.00 41.95  ? 93  SER A C   1 
ATOM   528  O O   . SER A 1 100 ? 13.296  -1.057  0.492   1.00 38.55  ? 93  SER A O   1 
ATOM   529  C CB  . SER A 1 100 ? 16.109  -2.519  -0.418  1.00 43.97  ? 93  SER A CB  1 
ATOM   530  O OG  . SER A 1 100 ? 15.045  -2.932  -1.209  1.00 46.29  ? 93  SER A OG  1 
ATOM   531  N N   . TRP A 1 101 ? 15.046  0.333   0.234   1.00 45.45  ? 94  TRP A N   1 
ATOM   532  C CA  . TRP A 1 101 ? 14.265  1.548   0.156   1.00 45.75  ? 94  TRP A CA  1 
ATOM   533  C C   . TRP A 1 101 ? 14.524  2.225   -1.176  1.00 48.97  ? 94  TRP A C   1 
ATOM   534  O O   . TRP A 1 101 ? 15.651  2.226   -1.641  1.00 53.22  ? 94  TRP A O   1 
ATOM   535  C CB  . TRP A 1 101 ? 14.681  2.452   1.320   1.00 47.60  ? 94  TRP A CB  1 
ATOM   536  C CG  . TRP A 1 101 ? 14.517  1.725   2.672   1.00 47.13  ? 94  TRP A CG  1 
ATOM   537  C CD1 . TRP A 1 101 ? 15.397  0.827   3.239   1.00 47.34  ? 94  TRP A CD1 1 
ATOM   538  C CD2 . TRP A 1 101 ? 13.408  1.834   3.606   1.00 45.53  ? 94  TRP A CD2 1 
ATOM   539  N NE1 . TRP A 1 101 ? 14.910  0.392   4.460   1.00 58.31  ? 94  TRP A NE1 1 
ATOM   540  C CE2 . TRP A 1 101 ? 13.685  0.982   4.694   1.00 52.50  ? 94  TRP A CE2 1 
ATOM   541  C CE3 . TRP A 1 101 ? 12.218  2.553   3.614   1.00 42.84  ? 94  TRP A CE3 1 
ATOM   542  C CZ2 . TRP A 1 101 ? 12.813  0.850   5.782   1.00 54.05  ? 94  TRP A CZ2 1 
ATOM   543  C CZ3 . TRP A 1 101 ? 11.340  2.400   4.694   1.00 46.22  ? 94  TRP A CZ3 1 
ATOM   544  C CH2 . TRP A 1 101 ? 11.645  1.576   5.765   1.00 45.83  ? 94  TRP A CH2 1 
ATOM   545  N N   . ALA A 1 102 ? 13.501  2.804   -1.799  1.00 48.45  ? 95  ALA A N   1 
ATOM   546  C CA  . ALA A 1 102 ? 13.728  3.579   -3.012  1.00 51.78  ? 95  ALA A CA  1 
ATOM   547  C C   . ALA A 1 102 ? 13.035  4.930   -2.895  1.00 54.18  ? 95  ALA A C   1 
ATOM   548  O O   . ALA A 1 102 ? 11.847  4.950   -2.570  1.00 52.94  ? 95  ALA A O   1 
ATOM   549  C CB  . ALA A 1 102 ? 13.248  2.808   -4.259  1.00 49.89  ? 95  ALA A CB  1 
ATOM   550  N N   . ALA A 1 103 ? 13.782  6.030   -3.123  1.00 58.20  ? 96  ALA A N   1 
ATOM   551  C CA  . ALA A 1 103 ? 13.244  7.385   -3.135  1.00 62.00  ? 96  ALA A CA  1 
ATOM   552  C C   . ALA A 1 103 ? 12.675  7.726   -4.481  1.00 63.23  ? 96  ALA A C   1 
ATOM   553  O O   . ALA A 1 103 ? 13.318  8.422   -5.271  1.00 67.30  ? 96  ALA A O   1 
ATOM   554  C CB  . ALA A 1 103 ? 14.299  8.415   -2.781  1.00 67.23  ? 96  ALA A CB  1 
ATOM   555  N N   . THR A 1 104 ? 11.469  7.254   -4.747  1.00 60.27  ? 97  THR A N   1 
ATOM   556  C CA  . THR A 1 104 ? 10.908  7.385   -6.085  1.00 61.50  ? 97  THR A CA  1 
ATOM   557  C C   . THR A 1 104 ? 9.437   7.115   -5.911  1.00 59.44  ? 97  THR A C   1 
ATOM   558  O O   . THR A 1 104 ? 9.034   6.705   -4.847  1.00 58.75  ? 97  THR A O   1 
ATOM   559  C CB  . THR A 1 104 ? 11.532  6.379   -7.116  1.00 59.75  ? 97  THR A CB  1 
ATOM   560  O OG1 . THR A 1 104 ? 11.018  6.667   -8.414  1.00 63.87  ? 97  THR A OG1 1 
ATOM   561  C CG2 . THR A 1 104 ? 11.162  4.924   -6.823  1.00 54.16  ? 97  THR A CG2 1 
ATOM   562  N N   . ASP A 1 105 ? 8.653   7.316   -6.954  1.00 59.92  ? 98  ASP A N   1 
ATOM   563  C CA  . ASP A 1 105 ? 7.216   7.156   -6.906  1.00 59.59  ? 98  ASP A CA  1 
ATOM   564  C C   . ASP A 1 105 ? 6.837   5.984   -7.794  1.00 56.93  ? 98  ASP A C   1 
ATOM   565  O O   . ASP A 1 105 ? 7.637   5.525   -8.585  1.00 58.30  ? 98  ASP A O   1 
ATOM   566  C CB  . ASP A 1 105 ? 6.533   8.450   -7.399  1.00 63.48  ? 98  ASP A CB  1 
ATOM   567  C CG  . ASP A 1 105 ? 7.079   8.918   -8.722  1.00 70.11  ? 98  ASP A CG  1 
ATOM   568  O OD1 . ASP A 1 105 ? 7.854   9.911   -8.730  1.00 85.25  ? 98  ASP A OD1 1 
ATOM   569  O OD2 . ASP A 1 105 ? 6.803   8.247   -9.749  1.00 76.46  ? 98  ASP A OD2 1 
ATOM   570  N N   . ILE A 1 106 ? 5.593   5.554   -7.714  1.00 55.54  ? 99  ILE A N   1 
ATOM   571  C CA  . ILE A 1 106 ? 5.116   4.431   -8.504  1.00 53.62  ? 99  ILE A CA  1 
ATOM   572  C C   . ILE A 1 106 ? 4.922   4.717   -10.017 1.00 58.24  ? 99  ILE A C   1 
ATOM   573  O O   . ILE A 1 106 ? 4.651   3.788   -10.797 1.00 59.09  ? 99  ILE A O   1 
ATOM   574  C CB  . ILE A 1 106 ? 3.838   3.864   -7.878  1.00 50.82  ? 99  ILE A CB  1 
ATOM   575  C CG1 . ILE A 1 106 ? 3.492   2.493   -8.450  1.00 47.99  ? 99  ILE A CG1 1 
ATOM   576  C CG2 . ILE A 1 106 ? 2.700   4.884   -7.967  1.00 51.35  ? 99  ILE A CG2 1 
ATOM   577  C CD1 . ILE A 1 106 ? 4.616   1.472   -8.377  1.00 46.92  ? 99  ILE A CD1 1 
ATOM   578  N N   . LEU A 1 107 ? 5.058   5.960   -10.451 1.00 62.13  ? 100 LEU A N   1 
ATOM   579  C CA  . LEU A 1 107 ? 5.021   6.223   -11.891 1.00 66.24  ? 100 LEU A CA  1 
ATOM   580  C C   . LEU A 1 107 ? 6.399   5.925   -12.450 1.00 69.81  ? 100 LEU A C   1 
ATOM   581  O O   . LEU A 1 107 ? 6.545   5.303   -13.506 1.00 72.23  ? 100 LEU A O   1 
ATOM   582  C CB  . LEU A 1 107 ? 4.622   7.676   -12.207 1.00 69.29  ? 100 LEU A CB  1 
ATOM   583  C CG  . LEU A 1 107 ? 3.282   8.227   -11.686 1.00 65.57  ? 100 LEU A CG  1 
ATOM   584  C CD1 . LEU A 1 107 ? 3.149   9.751   -11.906 1.00 60.36  ? 100 LEU A CD1 1 
ATOM   585  C CD2 . LEU A 1 107 ? 2.157   7.512   -12.377 1.00 60.59  ? 100 LEU A CD2 1 
ATOM   586  N N   . GLN A 1 108 ? 7.423   6.358   -11.727 1.00 71.95  ? 101 GLN A N   1 
ATOM   587  C CA  . GLN A 1 108 ? 8.781   6.284   -12.240 1.00 74.95  ? 101 GLN A CA  1 
ATOM   588  C C   . GLN A 1 108 ? 9.451   4.954   -11.946 1.00 73.05  ? 101 GLN A C   1 
ATOM   589  O O   . GLN A 1 108 ? 10.427  4.635   -12.570 1.00 76.50  ? 101 GLN A O   1 
ATOM   590  C CB  . GLN A 1 108 ? 9.628   7.400   -11.636 1.00 77.54  ? 101 GLN A CB  1 
ATOM   591  C CG  . GLN A 1 108 ? 9.359   8.803   -12.157 1.00 84.99  ? 101 GLN A CG  1 
ATOM   592  C CD  . GLN A 1 108 ? 10.582  9.724   -11.976 1.00 107.38 ? 101 GLN A CD  1 
ATOM   593  O OE1 . GLN A 1 108 ? 10.459  10.953  -12.048 1.00 115.76 ? 101 GLN A OE1 1 
ATOM   594  N NE2 . GLN A 1 108 ? 11.774  9.128   -11.747 1.00 110.25 ? 101 GLN A NE2 1 
ATOM   595  N N   . PHE A 1 109 ? 8.966   4.195   -10.981 1.00 68.92  ? 102 PHE A N   1 
ATOM   596  C CA  . PHE A 1 109 ? 9.650   3.009   -10.534 1.00 67.43  ? 102 PHE A CA  1 
ATOM   597  C C   . PHE A 1 109 ? 9.371   1.759   -11.386 1.00 70.34  ? 102 PHE A C   1 
ATOM   598  O O   . PHE A 1 109 ? 8.233   1.536   -11.862 1.00 70.90  ? 102 PHE A O   1 
ATOM   599  C CB  . PHE A 1 109 ? 9.177   2.762   -9.093  1.00 63.50  ? 102 PHE A CB  1 
ATOM   600  C CG  . PHE A 1 109 ? 9.716   1.501   -8.442  1.00 55.33  ? 102 PHE A CG  1 
ATOM   601  C CD1 . PHE A 1 109 ? 11.038  1.423   -7.997  1.00 52.33  ? 102 PHE A CD1 1 
ATOM   602  C CD2 . PHE A 1 109 ? 8.891   0.402   -8.254  1.00 42.92  ? 102 PHE A CD2 1 
ATOM   603  C CE1 . PHE A 1 109 ? 11.543  0.243   -7.381  1.00 46.39  ? 102 PHE A CE1 1 
ATOM   604  C CE2 . PHE A 1 109 ? 9.368   -0.781  -7.636  1.00 42.76  ? 102 PHE A CE2 1 
ATOM   605  C CZ  . PHE A 1 109 ? 10.690  -0.868  -7.192  1.00 43.07  ? 102 PHE A CZ  1 
ATOM   606  N N   . SER A 1 110 ? 10.378  0.882   -11.505 1.00 73.67  ? 103 SER A N   1 
ATOM   607  C CA  . SER A 1 110 ? 10.161  -0.506  -12.029 1.00 74.79  ? 103 SER A CA  1 
ATOM   608  C C   . SER A 1 110 ? 11.229  -1.525  -11.646 1.00 76.04  ? 103 SER A C   1 
ATOM   609  O O   . SER A 1 110 ? 12.420  -1.229  -11.700 1.00 79.35  ? 103 SER A O   1 
ATOM   610  C CB  . SER A 1 110 ? 10.131  -0.489  -13.527 1.00 78.83  ? 103 SER A CB  1 
ATOM   611  O OG  . SER A 1 110 ? 11.470  -0.291  -13.907 1.00 82.99  ? 103 SER A OG  1 
ATOM   612  N N   . THR A 1 111 ? 10.773  -2.736  -11.335 1.00 75.25  ? 104 THR A N   1 
ATOM   613  C CA  . THR A 1 111 ? 11.583  -3.852  -10.895 1.00 76.43  ? 104 THR A CA  1 
ATOM   614  C C   . THR A 1 111 ? 11.798  -4.870  -12.027 1.00 81.29  ? 104 THR A C   1 
ATOM   615  O O   . THR A 1 111 ? 11.140  -4.826  -13.076 1.00 83.72  ? 104 THR A O   1 
ATOM   616  C CB  . THR A 1 111 ? 10.856  -4.629  -9.765  1.00 73.45  ? 104 THR A CB  1 
ATOM   617  O OG1 . THR A 1 111 ? 11.734  -5.612  -9.171  1.00 76.79  ? 104 THR A OG1 1 
ATOM   618  C CG2 . THR A 1 111 ? 9.579   -5.350  -10.315 1.00 74.48  ? 104 THR A CG2 1 
ATOM   619  N N   . ALA A 1 112 ? 12.705  -5.812  -11.766 1.00 83.00  ? 105 ALA A N   1 
ATOM   620  C CA  . ALA A 1 112 ? 12.975  -6.938  -12.635 1.00 87.27  ? 105 ALA A CA  1 
ATOM   621  C C   . ALA A 1 112 ? 12.409  -8.277  -12.081 1.00 85.68  ? 105 ALA A C   1 
ATOM   622  O O   . ALA A 1 112 ? 12.219  -9.240  -12.854 1.00 90.61  ? 105 ALA A O   1 
ATOM   623  C CB  . ALA A 1 112 ? 14.483  -7.049  -12.857 1.00 92.19  ? 105 ALA A CB  1 
ATOM   624  N N   . GLU A 1 113 ? 12.203  -8.351  -10.758 1.00 78.66  ? 106 GLU A N   1 
ATOM   625  C CA  . GLU A 1 113 ? 11.569  -9.513  -10.132 1.00 75.63  ? 106 GLU A CA  1 
ATOM   626  C C   . GLU A 1 113 ? 10.192  -9.050  -9.636  1.00 70.28  ? 106 GLU A C   1 
ATOM   627  O O   . GLU A 1 113 ? 10.097  -8.094  -8.844  1.00 67.22  ? 106 GLU A O   1 
ATOM   628  C CB  . GLU A 1 113 ? 12.429  -10.099 -8.999  1.00 74.06  ? 106 GLU A CB  1 
ATOM   629  N N   . LEU A 1 114 ? 9.139   -9.702  -10.151 1.00 69.25  ? 107 LEU A N   1 
ATOM   630  C CA  . LEU A 1 114 ? 7.739   -9.489  -9.772  1.00 63.23  ? 107 LEU A CA  1 
ATOM   631  C C   . LEU A 1 114 ? 7.511   -9.624  -8.273  1.00 57.68  ? 107 LEU A C   1 
ATOM   632  O O   . LEU A 1 114 ? 8.332   -10.222 -7.601  1.00 58.55  ? 107 LEU A O   1 
ATOM   633  C CB  . LEU A 1 114 ? 6.866   -10.487 -10.510 1.00 66.51  ? 107 LEU A CB  1 
ATOM   634  C CG  . LEU A 1 114 ? 6.989   -10.393 -12.029 1.00 69.77  ? 107 LEU A CG  1 
ATOM   635  C CD1 . LEU A 1 114 ? 6.119   -11.444 -12.726 1.00 67.09  ? 107 LEU A CD1 1 
ATOM   636  C CD2 . LEU A 1 114 ? 6.650   -8.996  -12.516 1.00 55.08  ? 107 LEU A CD2 1 
ATOM   637  N N   . PHE A 1 115 ? 6.414   -9.069  -7.760  1.00 52.46  ? 108 PHE A N   1 
ATOM   638  C CA  . PHE A 1 115 ? 6.099   -9.080  -6.313  1.00 47.86  ? 108 PHE A CA  1 
ATOM   639  C C   . PHE A 1 115 ? 4.891   -9.936  -5.958  1.00 48.11  ? 108 PHE A C   1 
ATOM   640  O O   . PHE A 1 115 ? 3.843   -9.795  -6.588  1.00 49.63  ? 108 PHE A O   1 
ATOM   641  C CB  . PHE A 1 115 ? 5.833   -7.655  -5.819  1.00 42.71  ? 108 PHE A CB  1 
ATOM   642  C CG  . PHE A 1 115 ? 7.051   -6.773  -5.897  1.00 43.11  ? 108 PHE A CG  1 
ATOM   643  C CD1 . PHE A 1 115 ? 8.072   -6.878  -4.941  1.00 35.26  ? 108 PHE A CD1 1 
ATOM   644  C CD2 . PHE A 1 115 ? 7.214   -5.871  -6.952  1.00 38.25  ? 108 PHE A CD2 1 
ATOM   645  C CE1 . PHE A 1 115 ? 9.212   -6.075  -5.009  1.00 32.85  ? 108 PHE A CE1 1 
ATOM   646  C CE2 . PHE A 1 115 ? 8.340   -5.079  -7.018  1.00 38.71  ? 108 PHE A CE2 1 
ATOM   647  C CZ  . PHE A 1 115 ? 9.346   -5.180  -6.023  1.00 38.88  ? 108 PHE A CZ  1 
ATOM   648  N N   . ASP A 1 116 ? 4.991   -10.807 -4.955  1.00 47.27  ? 109 ASP A N   1 
ATOM   649  C CA  . ASP A 1 116 ? 3.766   -11.557 -4.557  1.00 48.08  ? 109 ASP A CA  1 
ATOM   650  C C   . ASP A 1 116 ? 2.844   -10.807 -3.615  1.00 44.28  ? 109 ASP A C   1 
ATOM   651  O O   . ASP A 1 116 ? 1.724   -11.279 -3.343  1.00 43.37  ? 109 ASP A O   1 
ATOM   652  C CB  . ASP A 1 116 ? 4.041   -12.990 -4.046  1.00 50.32  ? 109 ASP A CB  1 
ATOM   653  C CG  . ASP A 1 116 ? 5.173   -13.067 -3.065  1.00 49.23  ? 109 ASP A CG  1 
ATOM   654  O OD1 . ASP A 1 116 ? 5.968   -12.128 -3.019  1.00 62.10  ? 109 ASP A OD1 1 
ATOM   655  O OD2 . ASP A 1 116 ? 5.299   -14.086 -2.356  1.00 55.33  ? 109 ASP A OD2 1 
ATOM   656  N N   . LEU A 1 117 ? 3.344   -9.671  -3.091  1.00 41.14  ? 110 LEU A N   1 
ATOM   657  C CA  . LEU A 1 117 ? 2.525   -8.732  -2.328  1.00 39.29  ? 110 LEU A CA  1 
ATOM   658  C C   . LEU A 1 117 ? 2.906   -7.304  -2.603  1.00 39.11  ? 110 LEU A C   1 
ATOM   659  O O   . LEU A 1 117 ? 4.063   -6.887  -2.407  1.00 39.72  ? 110 LEU A O   1 
ATOM   660  C CB  . LEU A 1 117 ? 2.590   -9.006  -0.816  1.00 37.90  ? 110 LEU A CB  1 
ATOM   661  C CG  . LEU A 1 117 ? 1.899   -7.977  0.117   1.00 36.36  ? 110 LEU A CG  1 
ATOM   662  C CD1 . LEU A 1 117 ? 0.367   -7.985  0.082   1.00 33.60  ? 110 LEU A CD1 1 
ATOM   663  C CD2 . LEU A 1 117 ? 2.392   -8.170  1.550   1.00 35.28  ? 110 LEU A CD2 1 
ATOM   664  N N   . ILE A 1 118 ? 1.931   -6.537  -3.059  1.00 39.60  ? 111 ILE A N   1 
ATOM   665  C CA  . ILE A 1 118 ? 2.097   -5.091  -3.133  1.00 37.88  ? 111 ILE A CA  1 
ATOM   666  C C   . ILE A 1 118 ? 1.072   -4.525  -2.200  1.00 38.11  ? 111 ILE A C   1 
ATOM   667  O O   . ILE A 1 118 ? -0.114  -4.829  -2.341  1.00 40.60  ? 111 ILE A O   1 
ATOM   668  C CB  . ILE A 1 118 ? 1.836   -4.585  -4.570  1.00 39.84  ? 111 ILE A CB  1 
ATOM   669  C CG1 . ILE A 1 118 ? 2.878   -5.200  -5.502  1.00 35.81  ? 111 ILE A CG1 1 
ATOM   670  C CG2 . ILE A 1 118 ? 1.813   -3.058  -4.629  1.00 35.06  ? 111 ILE A CG2 1 
ATOM   671  C CD1 . ILE A 1 118 ? 2.728   -4.762  -6.921  1.00 32.19  ? 111 ILE A CD1 1 
ATOM   672  N N   . VAL A 1 119 ? 1.534   -3.753  -1.231  1.00 36.72  ? 112 VAL A N   1 
ATOM   673  C CA  . VAL A 1 119 ? 0.682   -3.053  -0.277  1.00 37.65  ? 112 VAL A CA  1 
ATOM   674  C C   . VAL A 1 119 ? 0.661   -1.581  -0.645  1.00 41.72  ? 112 VAL A C   1 
ATOM   675  O O   . VAL A 1 119 ? 1.743   -0.968  -0.800  1.00 42.92  ? 112 VAL A O   1 
ATOM   676  C CB  . VAL A 1 119 ? 1.201   -3.191  1.183   1.00 36.13  ? 112 VAL A CB  1 
ATOM   677  C CG1 . VAL A 1 119 ? 0.366   -2.334  2.177   1.00 37.21  ? 112 VAL A CG1 1 
ATOM   678  C CG2 . VAL A 1 119 ? 1.067   -4.582  1.639   1.00 29.41  ? 112 VAL A CG2 1 
ATOM   679  N N   . VAL A 1 120 ? -0.535  -0.999  -0.809  1.00 45.27  ? 113 VAL A N   1 
ATOM   680  C CA  . VAL A 1 120 ? -0.606  0.407   -1.109  1.00 49.01  ? 113 VAL A CA  1 
ATOM   681  C C   . VAL A 1 120 ? -1.637  1.052   -0.266  1.00 54.27  ? 113 VAL A C   1 
ATOM   682  O O   . VAL A 1 120 ? -2.787  1.209   -0.613  1.00 57.80  ? 113 VAL A O   1 
ATOM   683  C CB  . VAL A 1 120 ? -0.606  0.714   -2.612  1.00 50.22  ? 113 VAL A CB  1 
ATOM   684  C CG1 . VAL A 1 120 ? -1.388  -0.329  -3.427  1.00 51.68  ? 113 VAL A CG1 1 
ATOM   685  C CG2 . VAL A 1 120 ? -1.042  2.122   -2.882  1.00 54.93  ? 113 VAL A CG2 1 
ATOM   686  N N   . ALA A 1 121 ? -1.159  1.416   0.909   1.00 58.34  ? 114 ALA A N   1 
ATOM   687  C CA  . ALA A 1 121 ? -1.956  1.888   2.028   1.00 63.54  ? 114 ALA A CA  1 
ATOM   688  C C   . ALA A 1 121 ? -1.792  3.401   2.196   1.00 69.43  ? 114 ALA A C   1 
ATOM   689  O O   . ALA A 1 121 ? -2.428  4.045   3.047   1.00 74.52  ? 114 ALA A O   1 
ATOM   690  C CB  . ALA A 1 121 ? -1.493  1.183   3.281   1.00 61.99  ? 114 ALA A CB  1 
ATOM   691  N N   . GLU A 1 122 ? -0.947  3.996   1.390   1.00 70.76  ? 115 GLU A N   1 
ATOM   692  C CA  . GLU A 1 122 ? -0.739  5.391   1.589   1.00 77.15  ? 115 GLU A CA  1 
ATOM   693  C C   . GLU A 1 122 ? -1.444  6.156   0.472   1.00 80.28  ? 115 GLU A C   1 
ATOM   694  O O   . GLU A 1 122 ? -1.256  5.865   -0.715  1.00 79.15  ? 115 GLU A O   1 
ATOM   695  C CB  . GLU A 1 122 ? 0.777   5.685   1.687   1.00 77.38  ? 115 GLU A CB  1 
ATOM   696  C CG  . GLU A 1 122 ? 1.532   4.836   2.722   1.00 76.55  ? 115 GLU A CG  1 
ATOM   697  C CD  . GLU A 1 122 ? 1.165   5.164   4.195   1.00 98.24  ? 115 GLU A CD  1 
ATOM   698  O OE1 . GLU A 1 122 ? 1.299   4.247   5.054   1.00 100.59 ? 115 GLU A OE1 1 
ATOM   699  O OE2 . GLU A 1 122 ? 0.757   6.324   4.504   1.00 101.78 ? 115 GLU A OE2 1 
ATOM   700  N N   . VAL A 1 123 ? -2.280  7.115   0.842   1.00 85.80  ? 116 VAL A N   1 
ATOM   701  C CA  . VAL A 1 123 ? -2.816  8.030   -0.162  1.00 90.22  ? 116 VAL A CA  1 
ATOM   702  C C   . VAL A 1 123 ? -1.648  8.426   -1.097  1.00 90.36  ? 116 VAL A C   1 
ATOM   703  O O   . VAL A 1 123 ? -0.656  9.065   -0.669  1.00 92.00  ? 116 VAL A O   1 
ATOM   704  C CB  . VAL A 1 123 ? -3.554  9.303   0.429   1.00 96.70  ? 116 VAL A CB  1 
ATOM   705  C CG1 . VAL A 1 123 ? -4.025  10.183  -0.705  1.00 99.06  ? 116 VAL A CG1 1 
ATOM   706  C CG2 . VAL A 1 123 ? -4.755  8.915   1.301   1.00 95.83  ? 116 VAL A CG2 1 
ATOM   707  N N   . LEU A 1 124 ? -1.751  7.985   -2.353  1.00 88.59  ? 117 LEU A N   1 
ATOM   708  C CA  . LEU A 1 124 ? -0.846  8.415   -3.386  1.00 88.58  ? 117 LEU A CA  1 
ATOM   709  C C   . LEU A 1 124 ? -1.200  9.869   -3.696  1.00 94.22  ? 117 LEU A C   1 
ATOM   710  O O   . LEU A 1 124 ? -1.771  10.176  -4.741  1.00 96.89  ? 117 LEU A O   1 
ATOM   711  C CB  . LEU A 1 124 ? -1.002  7.543   -4.633  1.00 86.41  ? 117 LEU A CB  1 
ATOM   712  C CG  . LEU A 1 124 ? -0.890  6.013   -4.576  1.00 81.88  ? 117 LEU A CG  1 
ATOM   713  C CD1 . LEU A 1 124 ? 0.218   5.584   -3.630  1.00 74.06  ? 117 LEU A CD1 1 
ATOM   714  C CD2 . LEU A 1 124 ? -2.259  5.415   -4.207  1.00 81.32  ? 117 LEU A CD2 1 
ATOM   715  N N   . TYR A 1 125 ? -0.868  10.759  -2.766  1.00 96.55  ? 118 TYR A N   1 
ATOM   716  C CA  . TYR A 1 125 ? -1.236  12.175  -2.837  1.00 101.70 ? 118 TYR A CA  1 
ATOM   717  C C   . TYR A 1 125 ? -0.549  12.868  -4.021  1.00 102.60 ? 118 TYR A C   1 
ATOM   718  O O   . TYR A 1 125 ? -1.058  13.878  -4.544  1.00 107.90 ? 118 TYR A O   1 
ATOM   719  C CB  . TYR A 1 125 ? -0.860  12.887  -1.516  1.00 105.88 ? 118 TYR A CB  1 
ATOM   720  C CG  . TYR A 1 125 ? 0.639   12.924  -1.252  1.00 103.79 ? 118 TYR A CG  1 
ATOM   721  C CD1 . TYR A 1 125 ? 1.311   11.794  -0.771  1.00 95.15  ? 118 TYR A CD1 1 
ATOM   722  C CD2 . TYR A 1 125 ? 1.388   14.080  -1.522  1.00 110.98 ? 118 TYR A CD2 1 
ATOM   723  C CE1 . TYR A 1 125 ? 2.674   11.813  -0.564  1.00 96.83  ? 118 TYR A CE1 1 
ATOM   724  C CE2 . TYR A 1 125 ? 2.766   14.110  -1.314  1.00 109.62 ? 118 TYR A CE2 1 
ATOM   725  C CZ  . TYR A 1 125 ? 3.396   12.972  -0.839  1.00 103.83 ? 118 TYR A CZ  1 
ATOM   726  O OH  . TYR A 1 125 ? 4.751   12.996  -0.621  1.00 105.98 ? 118 TYR A OH  1 
ATOM   727  N N   . TYR A 1 126 ? 0.608   12.326  -4.434  1.00 96.96  ? 119 TYR A N   1 
ATOM   728  C CA  . TYR A 1 126 ? 1.384   12.916  -5.528  1.00 96.66  ? 119 TYR A CA  1 
ATOM   729  C C   . TYR A 1 126 ? 0.788   12.666  -6.925  1.00 94.17  ? 119 TYR A C   1 
ATOM   730  O O   . TYR A 1 126 ? 1.381   13.099  -7.933  1.00 95.89  ? 119 TYR A O   1 
ATOM   731  C CB  . TYR A 1 126 ? 2.835   12.445  -5.484  1.00 93.76  ? 119 TYR A CB  1 
ATOM   732  C CG  . TYR A 1 126 ? 3.015   10.950  -5.455  1.00 89.77  ? 119 TYR A CG  1 
ATOM   733  C CD1 . TYR A 1 126 ? 2.982   10.194  -6.629  1.00 85.38  ? 119 TYR A CD1 1 
ATOM   734  C CD2 . TYR A 1 126 ? 3.241   10.284  -4.241  1.00 94.43  ? 119 TYR A CD2 1 
ATOM   735  C CE1 . TYR A 1 126 ? 3.142   8.788   -6.597  1.00 83.98  ? 119 TYR A CE1 1 
ATOM   736  C CE2 . TYR A 1 126 ? 3.430   8.874   -4.197  1.00 93.42  ? 119 TYR A CE2 1 
ATOM   737  C CZ  . TYR A 1 126 ? 3.382   8.135   -5.381  1.00 88.15  ? 119 TYR A CZ  1 
ATOM   738  O OH  . TYR A 1 126 ? 3.586   6.762   -5.339  1.00 85.48  ? 119 TYR A OH  1 
ATOM   739  N N   . LEU A 1 127 ? -0.364  11.972  -6.978  1.00 89.33  ? 120 LEU A N   1 
ATOM   740  C CA  . LEU A 1 127 ? -1.050  11.660  -8.240  1.00 86.45  ? 120 LEU A CA  1 
ATOM   741  C C   . LEU A 1 127 ? -2.058  12.757  -8.554  1.00 90.31  ? 120 LEU A C   1 
ATOM   742  O O   . LEU A 1 127 ? -3.066  12.910  -7.854  1.00 92.10  ? 120 LEU A O   1 
ATOM   743  C CB  . LEU A 1 127 ? -1.699  10.254  -8.243  1.00 81.30  ? 120 LEU A CB  1 
ATOM   744  C CG  . LEU A 1 127 ? -0.761  9.056   -8.053  1.00 76.39  ? 120 LEU A CG  1 
ATOM   745  C CD1 . LEU A 1 127 ? -1.398  7.729   -8.426  1.00 79.83  ? 120 LEU A CD1 1 
ATOM   746  C CD2 . LEU A 1 127 ? 0.515   9.209   -8.835  1.00 77.45  ? 120 LEU A CD2 1 
ATOM   747  N N   . GLU A 1 128 ? -1.776  13.487  -9.629  1.00 90.79  ? 121 GLU A N   1 
ATOM   748  C CA  . GLU A 1 128 ? -2.425  14.768  -9.922  1.00 96.20  ? 121 GLU A CA  1 
ATOM   749  C C   . GLU A 1 128 ? -3.690  14.680  -10.768 1.00 96.17  ? 121 GLU A C   1 
ATOM   750  O O   . GLU A 1 128 ? -4.390  15.659  -10.926 1.00 101.42 ? 121 GLU A O   1 
ATOM   751  C CB  . GLU A 1 128 ? -1.436  15.687  -10.647 1.00 99.64  ? 121 GLU A CB  1 
ATOM   752  C CG  . GLU A 1 128 ? 0.014   15.480  -10.243 1.00 98.63  ? 121 GLU A CG  1 
ATOM   753  C CD  . GLU A 1 128 ? 0.922   16.366  -11.028 1.00 109.23 ? 121 GLU A CD  1 
ATOM   754  O OE1 . GLU A 1 128 ? 0.497   17.528  -11.262 1.00 120.47 ? 121 GLU A OE1 1 
ATOM   755  O OE2 . GLU A 1 128 ? 2.033   15.906  -11.416 1.00 102.08 ? 121 GLU A OE2 1 
ATOM   756  N N   . ASP A 1 129 ? -3.959  13.518  -11.341 1.00 90.35  ? 122 ASP A N   1 
ATOM   757  C CA  . ASP A 1 129 ? -5.094  13.380  -12.239 1.00 91.06  ? 122 ASP A CA  1 
ATOM   758  C C   . ASP A 1 129 ? -5.327  11.889  -12.415 1.00 85.28  ? 122 ASP A C   1 
ATOM   759  O O   . ASP A 1 129 ? -4.560  11.073  -11.880 1.00 79.15  ? 122 ASP A O   1 
ATOM   760  C CB  . ASP A 1 129 ? -4.826  14.091  -13.576 1.00 94.22  ? 122 ASP A CB  1 
ATOM   761  C CG  . ASP A 1 129 ? -3.587  13.569  -14.269 1.00 90.81  ? 122 ASP A CG  1 
ATOM   762  O OD1 . ASP A 1 129 ? -3.482  12.338  -14.432 1.00 84.21  ? 122 ASP A OD1 1 
ATOM   763  O OD2 . ASP A 1 129 ? -2.711  14.377  -14.644 1.00 92.09  ? 122 ASP A OD2 1 
ATOM   764  N N   . MET A 1 130 ? -6.398  11.562  -13.137 1.00 86.79  ? 123 MET A N   1 
ATOM   765  C CA  . MET A 1 130 ? -6.843  10.200  -13.378 1.00 83.30  ? 123 MET A CA  1 
ATOM   766  C C   . MET A 1 130 ? -5.886  9.450   -14.257 1.00 79.26  ? 123 MET A C   1 
ATOM   767  O O   . MET A 1 130 ? -5.777  8.233   -14.138 1.00 75.41  ? 123 MET A O   1 
ATOM   768  C CB  . MET A 1 130 ? -8.227  10.204  -14.043 1.00 88.94  ? 123 MET A CB  1 
ATOM   769  C CG  . MET A 1 130 ? -9.440  10.202  -13.068 1.00 97.49  ? 123 MET A CG  1 
ATOM   770  S SD  . MET A 1 130 ? -9.303  9.097   -11.600 1.00 98.77  ? 123 MET A SD  1 
ATOM   771  C CE  . MET A 1 130 ? -8.787  7.574   -12.391 1.00 93.93  ? 123 MET A CE  1 
ATOM   772  N N   . THR A 1 131 ? -5.184  10.166  -15.131 1.00 80.50  ? 124 THR A N   1 
ATOM   773  C CA  . THR A 1 131 ? -4.201  9.532   -16.020 1.00 79.06  ? 124 THR A CA  1 
ATOM   774  C C   . THR A 1 131 ? -2.974  9.030   -15.246 1.00 74.91  ? 124 THR A C   1 
ATOM   775  O O   . THR A 1 131 ? -2.519  7.879   -15.440 1.00 72.91  ? 124 THR A O   1 
ATOM   776  C CB  . THR A 1 131 ? -3.802  10.452  -17.172 1.00 83.22  ? 124 THR A CB  1 
ATOM   777  O OG1 . THR A 1 131 ? -4.957  10.690  -17.986 1.00 85.08  ? 124 THR A OG1 1 
ATOM   778  C CG2 . THR A 1 131 ? -2.725  9.811   -17.972 1.00 79.50  ? 124 THR A CG2 1 
ATOM   779  N N   . GLN A 1 132 ? -2.477  9.859   -14.323 1.00 74.60  ? 125 GLN A N   1 
ATOM   780  C CA  . GLN A 1 132 ? -1.449  9.411   -13.362 1.00 69.55  ? 125 GLN A CA  1 
ATOM   781  C C   . GLN A 1 132 ? -1.977  8.246   -12.571 1.00 65.90  ? 125 GLN A C   1 
ATOM   782  O O   . GLN A 1 132 ? -1.348  7.170   -12.484 1.00 62.05  ? 125 GLN A O   1 
ATOM   783  C CB  . GLN A 1 132 ? -1.009  10.558  -12.489 1.00 69.71  ? 125 GLN A CB  1 
ATOM   784  C CG  . GLN A 1 132 ? -0.374  11.597  -13.346 1.00 74.92  ? 125 GLN A CG  1 
ATOM   785  C CD  . GLN A 1 132 ? 0.487   12.569  -12.580 1.00 82.77  ? 125 GLN A CD  1 
ATOM   786  O OE1 . GLN A 1 132 ? 0.514   12.551  -11.340 1.00 86.06  ? 125 GLN A OE1 1 
ATOM   787  N NE2 . GLN A 1 132 ? 1.180   13.454  -13.312 1.00 79.18  ? 125 GLN A NE2 1 
ATOM   788  N N   . MET A 1 133 ? -3.179  8.420   -12.050 1.00 68.23  ? 126 MET A N   1 
ATOM   789  C CA  . MET A 1 133 ? -3.816  7.325   -11.369 1.00 68.11  ? 126 MET A CA  1 
ATOM   790  C C   . MET A 1 133 ? -3.839  5.997   -12.186 1.00 67.82  ? 126 MET A C   1 
ATOM   791  O O   . MET A 1 133 ? -3.425  4.930   -11.701 1.00 64.24  ? 126 MET A O   1 
ATOM   792  C CB  . MET A 1 133 ? -5.214  7.730   -11.034 1.00 71.52  ? 126 MET A CB  1 
ATOM   793  C CG  . MET A 1 133 ? -5.901  6.676   -10.177 1.00 77.70  ? 126 MET A CG  1 
ATOM   794  S SD  . MET A 1 133 ? -5.452  6.953   -8.464  1.00 90.25  ? 126 MET A SD  1 
ATOM   795  C CE  . MET A 1 133 ? -6.346  8.517   -8.320  1.00 90.80  ? 126 MET A CE  1 
ATOM   796  N N   . ARG A 1 134 ? -4.326  6.084   -13.429 1.00 71.93  ? 127 ARG A N   1 
ATOM   797  C CA  . ARG A 1 134 ? -4.472  4.914   -14.287 1.00 72.34  ? 127 ARG A CA  1 
ATOM   798  C C   . ARG A 1 134 ? -3.118  4.269   -14.544 1.00 68.93  ? 127 ARG A C   1 
ATOM   799  O O   . ARG A 1 134 ? -2.979  3.065   -14.375 1.00 66.86  ? 127 ARG A O   1 
ATOM   800  C CB  . ARG A 1 134 ? -5.234  5.267   -15.591 1.00 77.76  ? 127 ARG A CB  1 
ATOM   801  C CG  . ARG A 1 134 ? -6.538  6.050   -15.318 1.00 87.11  ? 127 ARG A CG  1 
ATOM   802  C CD  . ARG A 1 134 ? -7.521  6.271   -16.544 1.00 98.95  ? 127 ARG A CD  1 
ATOM   803  N NE  . ARG A 1 134 ? -8.742  5.490   -16.322 1.00 99.49  ? 127 ARG A NE  1 
ATOM   804  C CZ  . ARG A 1 134 ? -8.818  4.157   -16.413 1.00 100.01 ? 127 ARG A CZ  1 
ATOM   805  N NH1 . ARG A 1 134 ? -7.742  3.419   -16.770 1.00 94.65  ? 127 ARG A NH1 1 
ATOM   806  N NH2 . ARG A 1 134 ? -9.978  3.552   -16.142 1.00 100.00 ? 127 ARG A NH2 1 
ATOM   807  N N   . THR A 1 135 ? -2.132  5.085   -14.942 1.00 69.66  ? 128 THR A N   1 
ATOM   808  C CA  . THR A 1 135 ? -0.736  4.662   -15.141 1.00 67.26  ? 128 THR A CA  1 
ATOM   809  C C   . THR A 1 135 ? -0.143  3.955   -13.892 1.00 64.39  ? 128 THR A C   1 
ATOM   810  O O   . THR A 1 135 ? 0.533   2.944   -14.050 1.00 64.12  ? 128 THR A O   1 
ATOM   811  C CB  . THR A 1 135 ? 0.131   5.907   -15.438 1.00 68.65  ? 128 THR A CB  1 
ATOM   812  O OG1 . THR A 1 135 ? -0.324  6.557   -16.615 1.00 71.04  ? 128 THR A OG1 1 
ATOM   813  C CG2 . THR A 1 135 ? 1.592   5.585   -15.571 1.00 65.39  ? 128 THR A CG2 1 
ATOM   814  N N   . ALA A 1 136 ? -0.385  4.504   -12.676 1.00 62.56  ? 129 ALA A N   1 
ATOM   815  C CA  . ALA A 1 136 ? 0.225   4.030   -11.413 1.00 59.07  ? 129 ALA A CA  1 
ATOM   816  C C   . ALA A 1 136 ? -0.260  2.660   -11.176 1.00 57.42  ? 129 ALA A C   1 
ATOM   817  O O   . ALA A 1 136 ? 0.499   1.776   -10.759 1.00 54.91  ? 129 ALA A O   1 
ATOM   818  C CB  . ALA A 1 136 ? -0.198  4.906   -10.210 1.00 58.88  ? 129 ALA A CB  1 
ATOM   819  N N   . ILE A 1 137 ? -1.567  2.518   -11.416 1.00 59.26  ? 130 ILE A N   1 
ATOM   820  C CA  . ILE A 1 137 ? -2.257  1.238   -11.292 1.00 58.16  ? 130 ILE A CA  1 
ATOM   821  C C   . ILE A 1 137 ? -1.697  0.168   -12.253 1.00 59.25  ? 130 ILE A C   1 
ATOM   822  O O   . ILE A 1 137 ? -1.399  -0.930  -11.780 1.00 56.71  ? 130 ILE A O   1 
ATOM   823  C CB  . ILE A 1 137 ? -3.784  1.396   -11.249 1.00 60.11  ? 130 ILE A CB  1 
ATOM   824  C CG1 . ILE A 1 137 ? -4.127  2.175   -9.988  1.00 60.83  ? 130 ILE A CG1 1 
ATOM   825  C CG2 . ILE A 1 137 ? -4.449  0.064   -11.141 1.00 54.62  ? 130 ILE A CG2 1 
ATOM   826  C CD1 . ILE A 1 137 ? -5.585  2.245   -9.639  1.00 67.75  ? 130 ILE A CD1 1 
ATOM   827  N N   . ASP A 1 138 ? -1.513  0.511   -13.544 1.00 61.90  ? 131 ASP A N   1 
ATOM   828  C CA  . ASP A 1 138 ? -0.832  -0.352  -14.516 1.00 64.28  ? 131 ASP A CA  1 
ATOM   829  C C   . ASP A 1 138 ? 0.554   -0.808  -14.059 1.00 62.68  ? 131 ASP A C   1 
ATOM   830  O O   . ASP A 1 138 ? 0.944   -1.974  -14.261 1.00 62.10  ? 131 ASP A O   1 
ATOM   831  C CB  . ASP A 1 138 ? -0.607  0.350   -15.861 1.00 67.88  ? 131 ASP A CB  1 
ATOM   832  C CG  . ASP A 1 138 ? -1.880  0.581   -16.658 1.00 75.59  ? 131 ASP A CG  1 
ATOM   833  O OD1 . ASP A 1 138 ? -3.036  0.351   -16.158 1.00 68.24  ? 131 ASP A OD1 1 
ATOM   834  O OD2 . ASP A 1 138 ? -1.691  1.029   -17.824 1.00 86.38  ? 131 ASP A OD2 1 
ATOM   835  N N   . ASN A 1 139 ? 1.334   0.118   -13.504 1.00 61.87  ? 132 ASN A N   1 
ATOM   836  C CA  . ASN A 1 139 ? 2.648   -0.272  -13.056 1.00 61.62  ? 132 ASN A CA  1 
ATOM   837  C C   . ASN A 1 139 ? 2.527   -1.316  -11.951 1.00 58.73  ? 132 ASN A C   1 
ATOM   838  O O   . ASN A 1 139 ? 3.205   -2.326  -12.016 1.00 59.59  ? 132 ASN A O   1 
ATOM   839  C CB  . ASN A 1 139 ? 3.514   0.918   -12.679 1.00 60.17  ? 132 ASN A CB  1 
ATOM   840  C CG  . ASN A 1 139 ? 3.625   1.930   -13.817 1.00 71.40  ? 132 ASN A CG  1 
ATOM   841  O OD1 . ASN A 1 139 ? 4.189   3.017   -13.629 1.00 82.90  ? 132 ASN A OD1 1 
ATOM   842  N ND2 . ASN A 1 139 ? 3.077   1.587   -15.012 1.00 74.39  ? 132 ASN A ND2 1 
ATOM   843  N N   . MET A 1 140 ? 1.629   -1.106  -10.989 1.00 57.19  ? 133 MET A N   1 
ATOM   844  C CA  . MET A 1 140 ? 1.413   -2.061  -9.902  1.00 55.45  ? 133 MET A CA  1 
ATOM   845  C C   . MET A 1 140 ? 1.077   -3.426  -10.450 1.00 58.27  ? 133 MET A C   1 
ATOM   846  O O   . MET A 1 140 ? 1.677   -4.403  -10.074 1.00 59.05  ? 133 MET A O   1 
ATOM   847  C CB  . MET A 1 140 ? 0.299   -1.589  -9.001  1.00 54.21  ? 133 MET A CB  1 
ATOM   848  C CG  . MET A 1 140 ? 0.758   -0.438  -8.148  1.00 54.62  ? 133 MET A CG  1 
ATOM   849  S SD  . MET A 1 140 ? -0.604  0.292   -7.217  1.00 57.81  ? 133 MET A SD  1 
ATOM   850  C CE  . MET A 1 140 ? -0.164  2.060   -7.237  1.00 56.31  ? 133 MET A CE  1 
ATOM   851  N N   . VAL A 1 141 ? 0.139   -3.481  -11.382 1.00 61.75  ? 134 VAL A N   1 
ATOM   852  C CA  . VAL A 1 141 ? -0.279  -4.722  -12.016 1.00 64.69  ? 134 VAL A CA  1 
ATOM   853  C C   . VAL A 1 141 ? 0.886   -5.394  -12.775 1.00 66.72  ? 134 VAL A C   1 
ATOM   854  O O   . VAL A 1 141 ? 1.027   -6.611  -12.709 1.00 68.66  ? 134 VAL A O   1 
ATOM   855  C CB  . VAL A 1 141 ? -1.536  -4.468  -12.932 1.00 68.76  ? 134 VAL A CB  1 
ATOM   856  C CG1 . VAL A 1 141 ? -1.994  -5.737  -13.595 1.00 74.99  ? 134 VAL A CG1 1 
ATOM   857  C CG2 . VAL A 1 141 ? -2.680  -3.896  -12.118 1.00 66.32  ? 134 VAL A CG2 1 
ATOM   858  N N   . LYS A 1 142 ? 1.697   -4.599  -13.481 1.00 66.75  ? 135 LYS A N   1 
ATOM   859  C CA  . LYS A 1 142 ? 2.876   -5.056  -14.206 1.00 69.23  ? 135 LYS A CA  1 
ATOM   860  C C   . LYS A 1 142 ? 3.947   -5.700  -13.314 1.00 67.16  ? 135 LYS A C   1 
ATOM   861  O O   . LYS A 1 142 ? 4.929   -6.322  -13.807 1.00 69.68  ? 135 LYS A O   1 
ATOM   862  C CB  . LYS A 1 142 ? 3.539   -3.875  -14.907 1.00 70.00  ? 135 LYS A CB  1 
ATOM   863  C CG  . LYS A 1 142 ? 3.042   -3.568  -16.316 1.00 82.98  ? 135 LYS A CG  1 
ATOM   864  C CD  . LYS A 1 142 ? 3.576   -2.199  -16.878 1.00 97.89  ? 135 LYS A CD  1 
ATOM   865  C CE  . LYS A 1 142 ? 5.107   -2.167  -17.051 1.00 103.94 ? 135 LYS A CE  1 
ATOM   866  N NZ  . LYS A 1 142 ? 5.609   -0.844  -17.541 1.00 107.10 ? 135 LYS A NZ  1 
ATOM   867  N N   . MET A 1 143 ? 3.812   -5.534  -12.005 1.00 61.93  ? 136 MET A N   1 
ATOM   868  C CA  . MET A 1 143 ? 4.887   -5.951  -11.140 1.00 58.90  ? 136 MET A CA  1 
ATOM   869  C C   . MET A 1 143 ? 4.406   -7.003  -10.185 1.00 57.79  ? 136 MET A C   1 
ATOM   870  O O   . MET A 1 143 ? 5.188   -7.460  -9.329  1.00 55.94  ? 136 MET A O   1 
ATOM   871  C CB  . MET A 1 143 ? 5.428   -4.772  -10.355 1.00 54.96  ? 136 MET A CB  1 
ATOM   872  C CG  . MET A 1 143 ? 5.948   -3.675  -11.200 1.00 57.27  ? 136 MET A CG  1 
ATOM   873  S SD  . MET A 1 143 ? 6.813   -2.462  -10.175 1.00 60.35  ? 136 MET A SD  1 
ATOM   874  C CE  . MET A 1 143 ? 5.485   -1.645  -9.299  1.00 52.40  ? 136 MET A CE  1 
ATOM   875  N N   . LEU A 1 144 ? 3.109   -7.325  -10.276 1.00 58.63  ? 137 LEU A N   1 
ATOM   876  C CA  . LEU A 1 144 ? 2.539   -8.444  -9.520  1.00 59.13  ? 137 LEU A CA  1 
ATOM   877  C C   . LEU A 1 144 ? 2.964   -9.753  -10.128 1.00 62.85  ? 137 LEU A C   1 
ATOM   878  O O   . LEU A 1 144 ? 2.714   -9.966  -11.300 1.00 66.89  ? 137 LEU A O   1 
ATOM   879  C CB  . LEU A 1 144 ? 1.014   -8.429  -9.527  1.00 60.09  ? 137 LEU A CB  1 
ATOM   880  C CG  . LEU A 1 144 ? 0.214   -7.861  -8.357  1.00 60.33  ? 137 LEU A CG  1 
ATOM   881  C CD1 . LEU A 1 144 ? -1.253  -8.062  -8.679  1.00 59.05  ? 137 LEU A CD1 1 
ATOM   882  C CD2 . LEU A 1 144 ? 0.578   -8.524  -7.039  1.00 52.67  ? 137 LEU A CD2 1 
ATOM   883  N N   . ALA A 1 145 ? 3.555   -10.632 -9.315  1.00 62.91  ? 138 ALA A N   1 
ATOM   884  C CA  . ALA A 1 145 ? 3.733   -12.062 -9.656  1.00 68.92  ? 138 ALA A CA  1 
ATOM   885  C C   . ALA A 1 145 ? 2.408   -12.770 -10.040 1.00 73.43  ? 138 ALA A C   1 
ATOM   886  O O   . ALA A 1 145 ? 1.329   -12.271 -9.755  1.00 73.65  ? 138 ALA A O   1 
ATOM   887  C CB  . ALA A 1 145 ? 4.391   -12.791 -8.464  1.00 66.75  ? 138 ALA A CB  1 
ATOM   888  N N   . PRO A 1 146 ? 2.458   -13.973 -10.630 1.00 79.49  ? 139 PRO A N   1 
ATOM   889  C CA  . PRO A 1 146 ? 1.121   -14.574 -10.782 1.00 82.67  ? 139 PRO A CA  1 
ATOM   890  C C   . PRO A 1 146 ? 0.601   -15.058 -9.435  1.00 79.86  ? 139 PRO A C   1 
ATOM   891  O O   . PRO A 1 146 ? 1.400   -15.450 -8.575  1.00 76.54  ? 139 PRO A O   1 
ATOM   892  C CB  . PRO A 1 146 ? 1.380   -15.743 -11.726 1.00 90.97  ? 139 PRO A CB  1 
ATOM   893  C CG  . PRO A 1 146 ? 2.827   -15.519 -12.269 1.00 89.92  ? 139 PRO A CG  1 
ATOM   894  C CD  . PRO A 1 146 ? 3.517   -14.849 -11.164 1.00 83.97  ? 139 PRO A CD  1 
ATOM   895  N N   . GLY A 1 147 ? -0.714  -14.975 -9.231  1.00 80.37  ? 140 GLY A N   1 
ATOM   896  C CA  . GLY A 1 147 ? -1.304  -15.285 -7.925  1.00 78.17  ? 140 GLY A CA  1 
ATOM   897  C C   . GLY A 1 147 ? -0.741  -14.370 -6.851  1.00 72.27  ? 140 GLY A C   1 
ATOM   898  O O   . GLY A 1 147 ? -0.791  -14.666 -5.639  1.00 71.82  ? 140 GLY A O   1 
ATOM   899  N N   . GLY A 1 148 ? -0.179  -13.245 -7.277  1.00 68.34  ? 141 GLY A N   1 
ATOM   900  C CA  . GLY A 1 148 ? 0.333   -12.270 -6.332  1.00 60.86  ? 141 GLY A CA  1 
ATOM   901  C C   . GLY A 1 148 ? -0.866  -11.500 -5.836  1.00 58.43  ? 141 GLY A C   1 
ATOM   902  O O   . GLY A 1 148 ? -1.903  -11.469 -6.476  1.00 60.83  ? 141 GLY A O   1 
ATOM   903  N N   . HIS A 1 149 ? -0.711  -10.863 -4.684  1.00 54.95  ? 142 HIS A N   1 
ATOM   904  C CA  . HIS A 1 149 ? -1.807  -10.153 -4.045  1.00 53.76  ? 142 HIS A CA  1 
ATOM   905  C C   . HIS A 1 149 ? -1.471  -8.699  -3.903  1.00 50.12  ? 142 HIS A C   1 
ATOM   906  O O   . HIS A 1 149 ? -0.309  -8.339  -3.664  1.00 49.09  ? 142 HIS A O   1 
ATOM   907  C CB  . HIS A 1 149 ? -2.138  -10.774 -2.698  1.00 53.97  ? 142 HIS A CB  1 
ATOM   908  C CG  . HIS A 1 149 ? -2.920  -12.036 -2.834  1.00 57.60  ? 142 HIS A CG  1 
ATOM   909  N ND1 . HIS A 1 149 ? -2.323  -13.276 -2.865  1.00 56.41  ? 142 HIS A ND1 1 
ATOM   910  C CD2 . HIS A 1 149 ? -4.239  -12.242 -3.048  1.00 54.18  ? 142 HIS A CD2 1 
ATOM   911  C CE1 . HIS A 1 149 ? -3.256  -14.195 -3.028  1.00 60.79  ? 142 HIS A CE1 1 
ATOM   912  N NE2 . HIS A 1 149 ? -4.421  -13.594 -3.173  1.00 55.05  ? 142 HIS A NE2 1 
ATOM   913  N N   . LEU A 1 150 ? -2.487  -7.875  -4.091  1.00 48.83  ? 143 LEU A N   1 
ATOM   914  C CA  . LEU A 1 150 ? -2.319  -6.472  -3.963  1.00 47.05  ? 143 LEU A CA  1 
ATOM   915  C C   . LEU A 1 150 ? -3.311  -6.074  -2.899  1.00 47.82  ? 143 LEU A C   1 
ATOM   916  O O   . LEU A 1 150 ? -4.496  -6.374  -3.029  1.00 51.45  ? 143 LEU A O   1 
ATOM   917  C CB  . LEU A 1 150 ? -2.580  -5.765  -5.300  1.00 47.71  ? 143 LEU A CB  1 
ATOM   918  C CG  . LEU A 1 150 ? -2.255  -4.279  -5.254  1.00 47.52  ? 143 LEU A CG  1 
ATOM   919  C CD1 . LEU A 1 150 ? -1.974  -3.756  -6.638  1.00 54.42  ? 143 LEU A CD1 1 
ATOM   920  C CD2 . LEU A 1 150 ? -3.336  -3.426  -4.539  1.00 44.50  ? 143 LEU A CD2 1 
ATOM   921  N N   . VAL A 1 151 ? -2.804  -5.463  -1.824  1.00 45.74  ? 144 VAL A N   1 
ATOM   922  C CA  . VAL A 1 151 ? -3.625  -5.002  -0.717  1.00 45.58  ? 144 VAL A CA  1 
ATOM   923  C C   . VAL A 1 151 ? -3.599  -3.488  -0.791  1.00 46.33  ? 144 VAL A C   1 
ATOM   924  O O   . VAL A 1 151 ? -2.523  -2.875  -0.830  1.00 43.90  ? 144 VAL A O   1 
ATOM   925  C CB  . VAL A 1 151 ? -3.095  -5.461  0.636   1.00 44.51  ? 144 VAL A CB  1 
ATOM   926  C CG1 . VAL A 1 151 ? -3.992  -4.910  1.787   1.00 45.96  ? 144 VAL A CG1 1 
ATOM   927  C CG2 . VAL A 1 151 ? -2.957  -6.996  0.710   1.00 39.26  ? 144 VAL A CG2 1 
ATOM   928  N N   . PHE A 1 152 ? -4.790  -2.906  -0.830  1.00 48.75  ? 145 PHE A N   1 
ATOM   929  C CA  . PHE A 1 152 ? -4.971  -1.474  -0.962  1.00 51.80  ? 145 PHE A CA  1 
ATOM   930  C C   . PHE A 1 152 ? -5.790  -0.912  0.219   1.00 55.08  ? 145 PHE A C   1 
ATOM   931  O O   . PHE A 1 152 ? -6.724  -1.555  0.694   1.00 57.27  ? 145 PHE A O   1 
ATOM   932  C CB  . PHE A 1 152 ? -5.695  -1.171  -2.294  1.00 54.00  ? 145 PHE A CB  1 
ATOM   933  C CG  . PHE A 1 152 ? -6.253  0.233   -2.385  1.00 60.40  ? 145 PHE A CG  1 
ATOM   934  C CD1 . PHE A 1 152 ? -5.426  1.314   -2.759  1.00 60.08  ? 145 PHE A CD1 1 
ATOM   935  C CD2 . PHE A 1 152 ? -7.608  0.484   -2.104  1.00 68.34  ? 145 PHE A CD2 1 
ATOM   936  C CE1 . PHE A 1 152 ? -5.960  2.636   -2.840  1.00 66.78  ? 145 PHE A CE1 1 
ATOM   937  C CE2 . PHE A 1 152 ? -8.145  1.806   -2.169  1.00 70.31  ? 145 PHE A CE2 1 
ATOM   938  C CZ  . PHE A 1 152 ? -7.330  2.876   -2.523  1.00 67.13  ? 145 PHE A CZ  1 
ATOM   939  N N   . GLY A 1 153 ? -5.483  0.301   0.662   1.00 56.35  ? 146 GLY A N   1 
ATOM   940  C CA  . GLY A 1 153 ? -6.318  0.952   1.655   1.00 60.11  ? 146 GLY A CA  1 
ATOM   941  C C   . GLY A 1 153 ? -6.191  2.437   1.451   1.00 64.82  ? 146 GLY A C   1 
ATOM   942  O O   . GLY A 1 153 ? -5.123  2.923   1.041   1.00 63.49  ? 146 GLY A O   1 
ATOM   943  N N   . SER A 1 154 ? -7.265  3.182   1.694   1.00 70.99  ? 147 SER A N   1 
ATOM   944  C CA  . SER A 1 154 ? -7.120  4.628   1.737   1.00 76.47  ? 147 SER A CA  1 
ATOM   945  C C   . SER A 1 154 ? -8.371  5.342   2.224   1.00 84.33  ? 147 SER A C   1 
ATOM   946  O O   . SER A 1 154 ? -9.449  4.745   2.312   1.00 87.29  ? 147 SER A O   1 
ATOM   947  C CB  . SER A 1 154 ? -6.639  5.171   0.373   1.00 76.09  ? 147 SER A CB  1 
ATOM   948  O OG  . SER A 1 154 ? -7.701  5.509   -0.497  1.00 79.78  ? 147 SER A OG  1 
ATOM   949  N N   . ALA A 1 155 ? -8.234  6.620   2.568   1.00 89.44  ? 148 ALA A N   1 
ATOM   950  C CA  . ALA A 1 155 ? -9.416  7.441   2.823   1.00 97.18  ? 148 ALA A CA  1 
ATOM   951  C C   . ALA A 1 155 ? -10.363 7.290   1.621   1.00 98.93  ? 148 ALA A C   1 
ATOM   952  O O   . ALA A 1 155 ? -9.920  7.234   0.468   1.00 96.18  ? 148 ALA A O   1 
ATOM   953  C CB  . ALA A 1 155 ? -9.031  8.912   3.043   1.00 101.85 ? 148 ALA A CB  1 
ATOM   954  N N   . ARG A 1 156 ? -11.659 7.201   1.900   1.00 114.48 ? 149 ARG A N   1 
ATOM   955  C CA  . ARG A 1 156 ? -12.685 7.069   0.864   1.00 113.55 ? 149 ARG A CA  1 
ATOM   956  C C   . ARG A 1 156 ? -12.626 8.241   -0.128  1.00 117.03 ? 149 ARG A C   1 
ATOM   957  O O   . ARG A 1 156 ? -11.849 9.190   0.067   1.00 120.21 ? 149 ARG A O   1 
ATOM   958  C CB  . ARG A 1 156 ? -14.069 6.950   1.520   1.00 116.91 ? 149 ARG A CB  1 
ATOM   959  N N   . ASP A 1 157 ? -13.430 8.166   -1.188  1.00 117.36 ? 150 ASP A N   1 
ATOM   960  C CA  . ASP A 1 157 ? -13.454 9.205   -2.239  1.00 122.30 ? 150 ASP A CA  1 
ATOM   961  C C   . ASP A 1 157 ? -13.635 10.650  -1.746  1.00 130.16 ? 150 ASP A C   1 
ATOM   962  O O   . ASP A 1 157 ? -13.099 11.577  -2.348  1.00 134.20 ? 150 ASP A O   1 
ATOM   963  C CB  . ASP A 1 157 ? -14.514 8.881   -3.311  1.00 123.46 ? 150 ASP A CB  1 
ATOM   964  C CG  . ASP A 1 157 ? -13.973 7.986   -4.468  1.00 118.77 ? 150 ASP A CG  1 
ATOM   965  O OD1 . ASP A 1 157 ? -12.734 7.815   -4.608  1.00 103.85 ? 150 ASP A OD1 1 
ATOM   966  O OD2 . ASP A 1 157 ? -14.812 7.470   -5.257  1.00 121.51 ? 150 ASP A OD2 1 
ATOM   967  N N   . ALA A 1 158 ? -14.359 10.835  -0.642  1.00 133.67 ? 151 ALA A N   1 
ATOM   968  C CA  . ALA A 1 158 ? -14.782 12.175  -0.215  1.00 142.94 ? 151 ALA A CA  1 
ATOM   969  C C   . ALA A 1 158 ? -13.847 12.884  0.789   1.00 146.84 ? 151 ALA A C   1 
ATOM   970  O O   . ALA A 1 158 ? -13.839 14.132  0.868   1.00 154.89 ? 151 ALA A O   1 
ATOM   971  C CB  . ALA A 1 158 ? -16.252 12.156  0.293   1.00 147.05 ? 151 ALA A CB  1 
ATOM   972  N N   . THR A 1 159 ? -13.075 12.106  1.554   1.00 142.05 ? 152 THR A N   1 
ATOM   973  C CA  . THR A 1 159 ? -12.043 12.681  2.419   1.00 145.77 ? 152 THR A CA  1 
ATOM   974  C C   . THR A 1 159 ? -10.912 13.220  1.541   1.00 147.57 ? 152 THR A C   1 
ATOM   975  O O   . THR A 1 159 ? -10.425 14.332  1.747   1.00 155.26 ? 152 THR A O   1 
ATOM   976  C CB  . THR A 1 159 ? -11.484 11.664  3.434   1.00 141.17 ? 152 THR A CB  1 
ATOM   977  O OG1 . THR A 1 159 ? -12.530 10.789  3.850   1.00 137.03 ? 152 THR A OG1 1 
ATOM   978  C CG2 . THR A 1 159 ? -10.891 12.372  4.652   1.00 147.89 ? 152 THR A CG2 1 
ATOM   979  N N   . CYS A 1 160 ? -10.513 12.424  0.553   1.00 141.64 ? 153 CYS A N   1 
ATOM   980  C CA  . CYS A 1 160 ? -9.492  12.828  -0.421  1.00 143.70 ? 153 CYS A CA  1 
ATOM   981  C C   . CYS A 1 160 ? -9.984  14.015  -1.233  1.00 150.88 ? 153 CYS A C   1 
ATOM   982  O O   . CYS A 1 160 ? -9.255  14.989  -1.422  1.00 157.93 ? 153 CYS A O   1 
ATOM   983  C CB  . CYS A 1 160 ? -9.136  11.664  -1.349  1.00 135.81 ? 153 CYS A CB  1 
ATOM   984  S SG  . CYS A 1 160 ? -8.621  10.191  -0.485  1.00 128.45 ? 153 CYS A SG  1 
ATOM   985  N N   . ARG A 1 161 ? -11.229 13.928  -1.697  1.00 150.65 ? 154 ARG A N   1 
ATOM   986  C CA  . ARG A 1 161 ? -11.864 15.034  -2.389  1.00 158.88 ? 154 ARG A CA  1 
ATOM   987  C C   . ARG A 1 161 ? -11.717 16.308  -1.550  1.00 168.54 ? 154 ARG A C   1 
ATOM   988  O O   . ARG A 1 161 ? -11.429 17.373  -2.101  1.00 176.64 ? 154 ARG A O   1 
ATOM   989  C CB  . ARG A 1 161 ? -13.335 14.729  -2.691  1.00 158.20 ? 154 ARG A CB  1 
ATOM   990  N N   . ARG A 1 162 ? -11.860 16.183  -0.223  1.00 168.63 ? 155 ARG A N   1 
ATOM   991  C CA  . ARG A 1 162 ? -11.750 17.332  0.702   1.00 178.61 ? 155 ARG A CA  1 
ATOM   992  C C   . ARG A 1 162 ? -10.352 17.975  0.773   1.00 184.30 ? 155 ARG A C   1 
ATOM   993  O O   . ARG A 1 162 ? -10.208 19.110  1.239   1.00 194.49 ? 155 ARG A O   1 
ATOM   994  C CB  . ARG A 1 162 ? -12.239 16.959  2.113   1.00 177.77 ? 155 ARG A CB  1 
ATOM   995  N N   . TRP A 1 163 ? -9.334  17.261  0.292   1.00 178.99 ? 156 TRP A N   1 
ATOM   996  C CA  . TRP A 1 163 ? -7.936  17.699  0.449   1.00 184.85 ? 156 TRP A CA  1 
ATOM   997  C C   . TRP A 1 163 ? -7.107  17.835  -0.842  1.00 186.25 ? 156 TRP A C   1 
ATOM   998  O O   . TRP A 1 163 ? -5.876  17.927  -0.781  1.00 189.50 ? 156 TRP A O   1 
ATOM   999  C CB  . TRP A 1 163 ? -7.195  16.801  1.461   1.00 180.24 ? 156 TRP A CB  1 
ATOM   1000 C CG  . TRP A 1 163 ? -7.837  16.749  2.816   1.00 180.67 ? 156 TRP A CG  1 
ATOM   1001 C CD1 . TRP A 1 163 ? -8.345  15.644  3.442   1.00 170.37 ? 156 TRP A CD1 1 
ATOM   1002 C CD2 . TRP A 1 163 ? -8.047  17.854  3.707   1.00 191.32 ? 156 TRP A CD2 1 
ATOM   1003 N NE1 . TRP A 1 163 ? -8.860  15.993  4.662   1.00 177.38 ? 156 TRP A NE1 1 
ATOM   1004 C CE2 . TRP A 1 163 ? -8.693  17.342  4.852   1.00 188.88 ? 156 TRP A CE2 1 
ATOM   1005 C CE3 . TRP A 1 163 ? -7.750  19.230  3.648   1.00 204.42 ? 156 TRP A CE3 1 
ATOM   1006 C CZ2 . TRP A 1 163 ? -9.052  18.160  5.939   1.00 196.93 ? 156 TRP A CZ2 1 
ATOM   1007 C CZ3 . TRP A 1 163 ? -8.109  20.044  4.728   1.00 212.26 ? 156 TRP A CZ3 1 
ATOM   1008 C CH2 . TRP A 1 163 ? -8.751  19.501  5.858   1.00 208.79 ? 156 TRP A CH2 1 
ATOM   1009 N N   . GLY A 1 164 ? -7.768  17.845  -1.999  1.00 184.86 ? 157 GLY A N   1 
ATOM   1010 C CA  . GLY A 1 164 ? -7.083  18.153  -3.254  1.00 188.86 ? 157 GLY A CA  1 
ATOM   1011 C C   . GLY A 1 164 ? -6.400  16.961  -3.885  1.00 180.60 ? 157 GLY A C   1 
ATOM   1012 O O   . GLY A 1 164 ? -5.912  17.055  -5.020  1.00 182.88 ? 157 GLY A O   1 
ATOM   1013 N N   . HIS A 1 165 ? -6.339  15.851  -3.137  1.00 172.06 ? 158 HIS A N   1 
ATOM   1014 C CA  . HIS A 1 165 ? -6.037  14.547  -3.719  1.00 163.49 ? 158 HIS A CA  1 
ATOM   1015 C C   . HIS A 1 165 ? -7.211  14.361  -4.678  1.00 161.13 ? 158 HIS A C   1 
ATOM   1016 O O   . HIS A 1 165 ? -8.357  14.596  -4.266  1.00 161.85 ? 158 HIS A O   1 
ATOM   1017 C CB  . HIS A 1 165 ? -6.067  13.401  -2.680  1.00 155.06 ? 158 HIS A CB  1 
ATOM   1018 C CG  . HIS A 1 165 ? -5.348  13.675  -1.385  1.00 160.65 ? 158 HIS A CG  1 
ATOM   1019 N ND1 . HIS A 1 165 ? -4.158  14.371  -1.308  1.00 172.35 ? 158 HIS A ND1 1 
ATOM   1020 C CD2 . HIS A 1 165 ? -5.631  13.282  -0.118  1.00 160.05 ? 158 HIS A CD2 1 
ATOM   1021 C CE1 . HIS A 1 165 ? -3.759  14.425  -0.045  1.00 175.34 ? 158 HIS A CE1 1 
ATOM   1022 N NE2 . HIS A 1 165 ? -4.634  13.769  0.696   1.00 169.15 ? 158 HIS A NE2 1 
ATOM   1023 N N   . VAL A 1 166 ? -6.969  13.974  -5.939  1.00 159.66 ? 159 VAL A N   1 
ATOM   1024 C CA  . VAL A 1 166 ? -8.085  13.903  -6.907  1.00 158.95 ? 159 VAL A CA  1 
ATOM   1025 C C   . VAL A 1 166 ? -9.171  12.890  -6.479  1.00 150.87 ? 159 VAL A C   1 
ATOM   1026 O O   . VAL A 1 166 ? -10.343 13.275  -6.293  1.00 152.94 ? 159 VAL A O   1 
ATOM   1027 C CB  . VAL A 1 166 ? -7.625  13.741  -8.396  1.00 161.10 ? 159 VAL A CB  1 
ATOM   1028 C CG1 . VAL A 1 166 ? -7.171  12.299  -8.721  1.00 152.36 ? 159 VAL A CG1 1 
ATOM   1029 C CG2 . VAL A 1 166 ? -8.731  14.212  -9.352  1.00 165.05 ? 159 VAL A CG2 1 
ATOM   1030 N N   . ALA A 1 167 ? -8.756  11.635  -6.266  1.00 142.30 ? 160 ALA A N   1 
ATOM   1031 C CA  . ALA A 1 167 ? -9.658  10.543  -5.905  1.00 135.13 ? 160 ALA A CA  1 
ATOM   1032 C C   . ALA A 1 167 ? -9.096  9.622   -4.793  1.00 128.44 ? 160 ALA A C   1 
ATOM   1033 O O   . ALA A 1 167 ? -7.925  9.724   -4.412  1.00 129.34 ? 160 ALA A O   1 
ATOM   1034 C CB  . ALA A 1 167 ? -10.031 9.736   -7.163  1.00 133.18 ? 160 ALA A CB  1 
ATOM   1035 N N   . GLY A 1 168 ? -9.940  8.738   -4.264  1.00 122.69 ? 161 GLY A N   1 
ATOM   1036 C CA  . GLY A 1 168 ? -9.529  7.813   -3.217  1.00 116.31 ? 161 GLY A CA  1 
ATOM   1037 C C   . GLY A 1 168 ? -10.099 6.423   -3.415  1.00 110.23 ? 161 GLY A C   1 
ATOM   1038 O O   . GLY A 1 168 ? -10.346 5.994   -4.541  1.00 109.58 ? 161 GLY A O   1 
ATOM   1039 N N   . ALA A 1 169 ? -10.348 5.740   -2.304  1.00 106.94 ? 162 ALA A N   1 
ATOM   1040 C CA  . ALA A 1 169 ? -10.640 4.309   -2.275  1.00 101.60 ? 162 ALA A CA  1 
ATOM   1041 C C   . ALA A 1 169 ? -11.563 3.752   -3.350  1.00 101.46 ? 162 ALA A C   1 
ATOM   1042 O O   . ALA A 1 169 ? -11.219 2.772   -3.988  1.00 99.39  ? 162 ALA A O   1 
ATOM   1043 C CB  . ALA A 1 169 ? -11.114 3.886   -0.894  1.00 101.05 ? 162 ALA A CB  1 
ATOM   1044 N N   . GLU A 1 170 ? -12.736 4.335   -3.556  1.00 104.99 ? 163 GLU A N   1 
ATOM   1045 C CA  . GLU A 1 170 ? -13.725 3.703   -4.458  1.00 106.14 ? 163 GLU A CA  1 
ATOM   1046 C C   . GLU A 1 170 ? -13.344 3.783   -5.949  1.00 106.37 ? 163 GLU A C   1 
ATOM   1047 O O   . GLU A 1 170 ? -13.574 2.832   -6.707  1.00 105.74 ? 163 GLU A O   1 
ATOM   1048 C CB  . GLU A 1 170 ? -15.138 4.281   -4.233  1.00 111.84 ? 163 GLU A CB  1 
ATOM   1049 C CG  . GLU A 1 170 ? -15.737 4.017   -2.846  1.00 113.99 ? 163 GLU A CG  1 
ATOM   1050 C CD  . GLU A 1 170 ? -15.455 5.135   -1.830  1.00 124.88 ? 163 GLU A CD  1 
ATOM   1051 O OE1 . GLU A 1 170 ? -14.389 5.800   -1.903  1.00 123.36 ? 163 GLU A OE1 1 
ATOM   1052 O OE2 . GLU A 1 170 ? -16.312 5.348   -0.941  1.00 132.13 ? 163 GLU A OE2 1 
ATOM   1053 N N   . THR A 1 171 ? -12.764 4.916   -6.346  1.00 108.18 ? 164 THR A N   1 
ATOM   1054 C CA  . THR A 1 171 ? -12.300 5.137   -7.715  1.00 109.89 ? 164 THR A CA  1 
ATOM   1055 C C   . THR A 1 171 ? -11.131 4.230   -8.035  1.00 104.66 ? 164 THR A C   1 
ATOM   1056 O O   . THR A 1 171 ? -11.105 3.590   -9.077  1.00 105.97 ? 164 THR A O   1 
ATOM   1057 C CB  . THR A 1 171 ? -11.882 6.595   -7.967  1.00 114.87 ? 164 THR A CB  1 
ATOM   1058 O OG1 . THR A 1 171 ? -12.862 7.474   -7.404  1.00 119.09 ? 164 THR A OG1 1 
ATOM   1059 C CG2 . THR A 1 171 ? -11.774 6.864   -9.473  1.00 120.90 ? 164 THR A CG2 1 
ATOM   1060 N N   . VAL A 1 172 ? -10.164 4.182   -7.133  1.00 100.25 ? 165 VAL A N   1 
ATOM   1061 C CA  . VAL A 1 172 ? -9.028  3.264   -7.267  1.00 95.48  ? 165 VAL A CA  1 
ATOM   1062 C C   . VAL A 1 172 ? -9.506  1.817   -7.288  1.00 91.81  ? 165 VAL A C   1 
ATOM   1063 O O   . VAL A 1 172 ? -8.998  0.999   -8.051  1.00 91.51  ? 165 VAL A O   1 
ATOM   1064 C CB  . VAL A 1 172 ? -7.968  3.487   -6.159  1.00 92.90  ? 165 VAL A CB  1 
ATOM   1065 C CG1 . VAL A 1 172 ? -6.814  2.550   -6.335  1.00 91.06  ? 165 VAL A CG1 1 
ATOM   1066 C CG2 . VAL A 1 172 ? -7.441  4.891   -6.223  1.00 96.02  ? 165 VAL A CG2 1 
ATOM   1067 N N   . ILE A 1 173 ? -10.512 1.506   -6.485  1.00 90.60  ? 166 ILE A N   1 
ATOM   1068 C CA  . ILE A 1 173 ? -10.974 0.136   -6.410  1.00 88.94  ? 166 ILE A CA  1 
ATOM   1069 C C   . ILE A 1 173 ? -11.733 -0.234  -7.662  1.00 91.71  ? 166 ILE A C   1 
ATOM   1070 O O   . ILE A 1 173 ? -11.819 -1.398  -8.005  1.00 91.68  ? 166 ILE A O   1 
ATOM   1071 C CB  . ILE A 1 173 ? -11.780 -0.176  -5.130  1.00 88.45  ? 166 ILE A CB  1 
ATOM   1072 C CG1 . ILE A 1 173 ? -10.815 -0.567  -3.997  1.00 87.64  ? 166 ILE A CG1 1 
ATOM   1073 C CG2 . ILE A 1 173 ? -12.707 -1.344  -5.377  1.00 89.62  ? 166 ILE A CG2 1 
ATOM   1074 C CD1 . ILE A 1 173 ? -11.285 -0.222  -2.574  1.00 87.95  ? 166 ILE A CD1 1 
ATOM   1075 N N   . THR A 1 174 ? -12.269 0.757   -8.354  1.00 95.64  ? 167 THR A N   1 
ATOM   1076 C CA  . THR A 1 174 ? -12.963 0.498   -9.624  1.00 99.80  ? 167 THR A CA  1 
ATOM   1077 C C   . THR A 1 174 ? -11.963 0.146   -10.736 1.00 99.74  ? 167 THR A C   1 
ATOM   1078 O O   . THR A 1 174 ? -12.205 -0.758  -11.552 1.00 101.37 ? 167 THR A O   1 
ATOM   1079 C CB  . THR A 1 174 ? -13.832 1.700   -10.029 1.00 105.57 ? 167 THR A CB  1 
ATOM   1080 O OG1 . THR A 1 174 ? -14.635 2.075   -8.902  1.00 105.01 ? 167 THR A OG1 1 
ATOM   1081 C CG2 . THR A 1 174 ? -14.713 1.354   -11.233 1.00 109.81 ? 167 THR A CG2 1 
ATOM   1082 N N   . ILE A 1 175 ? -10.834 0.857   -10.728 1.00 97.53  ? 168 ILE A N   1 
ATOM   1083 C CA  . ILE A 1 175 ? -9.792  0.657   -11.707 1.00 98.18  ? 168 ILE A CA  1 
ATOM   1084 C C   . ILE A 1 175 ? -9.068  -0.646  -11.429 1.00 94.46  ? 168 ILE A C   1 
ATOM   1085 O O   . ILE A 1 175 ? -8.751  -1.379  -12.359 1.00 96.86  ? 168 ILE A O   1 
ATOM   1086 C CB  . ILE A 1 175 ? -8.785  1.815   -11.699 1.00 99.64  ? 168 ILE A CB  1 
ATOM   1087 C CG1 . ILE A 1 175 ? -9.465  3.122   -12.106 1.00 100.28 ? 168 ILE A CG1 1 
ATOM   1088 C CG2 . ILE A 1 175 ? -7.559  1.491   -12.596 1.00 101.77 ? 168 ILE A CG2 1 
ATOM   1089 C CD1 . ILE A 1 175 ? -8.721  4.336   -11.623 1.00 96.34  ? 168 ILE A CD1 1 
ATOM   1090 N N   . LEU A 1 176 ? -8.809  -0.946  -10.154 1.00 89.59  ? 169 LEU A N   1 
ATOM   1091 C CA  . LEU A 1 176 ? -8.034  -2.144  -9.828  1.00 85.64  ? 169 LEU A CA  1 
ATOM   1092 C C   . LEU A 1 176 ? -8.805  -3.386  -10.269 1.00 86.89  ? 169 LEU A C   1 
ATOM   1093 O O   . LEU A 1 176 ? -8.237  -4.295  -10.837 1.00 87.06  ? 169 LEU A O   1 
ATOM   1094 C CB  . LEU A 1 176 ? -7.643  -2.184  -8.335  1.00 81.22  ? 169 LEU A CB  1 
ATOM   1095 C CG  . LEU A 1 176 ? -6.402  -1.431  -7.817  1.00 77.24  ? 169 LEU A CG  1 
ATOM   1096 C CD1 . LEU A 1 176 ? -6.525  -1.131  -6.303  1.00 60.53  ? 169 LEU A CD1 1 
ATOM   1097 C CD2 . LEU A 1 176 ? -5.048  -2.173  -8.131  1.00 68.54  ? 169 LEU A CD2 1 
ATOM   1098 N N   . THR A 1 177 ? -10.111 -3.378  -10.021 1.00 89.89  ? 170 THR A N   1 
ATOM   1099 C CA  . THR A 1 177 ? -11.060 -4.425  -10.452 1.00 94.69  ? 170 THR A CA  1 
ATOM   1100 C C   . THR A 1 177 ? -11.049 -4.717  -11.947 1.00 99.79  ? 170 THR A C   1 
ATOM   1101 O O   . THR A 1 177 ? -11.308 -5.843  -12.340 1.00 102.48 ? 170 THR A O   1 
ATOM   1102 C CB  . THR A 1 177 ? -12.508 -4.063  -10.065 1.00 97.41  ? 170 THR A CB  1 
ATOM   1103 O OG1 . THR A 1 177 ? -12.501 -3.455  -8.769  1.00 97.53  ? 170 THR A OG1 1 
ATOM   1104 C CG2 . THR A 1 177 ? -13.408 -5.316  -10.018 1.00 102.26 ? 170 THR A CG2 1 
ATOM   1105 N N   . GLU A 1 178 ? -10.763 -3.714  -12.775 1.00 102.83 ? 171 GLU A N   1 
ATOM   1106 C CA  . GLU A 1 178 ? -10.575 -3.940  -14.224 1.00 109.43 ? 171 GLU A CA  1 
ATOM   1107 C C   . GLU A 1 178 ? -9.500  -4.994  -14.505 1.00 108.68 ? 171 GLU A C   1 
ATOM   1108 O O   . GLU A 1 178 ? -9.628  -5.816  -15.408 1.00 113.60 ? 171 GLU A O   1 
ATOM   1109 C CB  . GLU A 1 178 ? -10.151 -2.651  -14.938 1.00 112.58 ? 171 GLU A CB  1 
ATOM   1110 C CG  . GLU A 1 178 ? -11.213 -1.548  -15.132 1.00 118.64 ? 171 GLU A CG  1 
ATOM   1111 C CD  . GLU A 1 178 ? -10.608 -0.232  -15.700 1.00 125.64 ? 171 GLU A CD  1 
ATOM   1112 O OE1 . GLU A 1 178 ? -9.459  -0.276  -16.242 1.00 122.03 ? 171 GLU A OE1 1 
ATOM   1113 O OE2 . GLU A 1 178 ? -11.283 0.840   -15.600 1.00 127.24 ? 171 GLU A OE2 1 
ATOM   1114 N N   . ALA A 1 179 ? -8.428  -4.961  -13.724 1.00 103.87 ? 172 ALA A N   1 
ATOM   1115 C CA  . ALA A 1 179 ? -7.217  -5.712  -14.051 1.00 103.50 ? 172 ALA A CA  1 
ATOM   1116 C C   . ALA A 1 179 ? -7.080  -6.937  -13.174 1.00 99.09  ? 172 ALA A C   1 
ATOM   1117 O O   . ALA A 1 179 ? -6.556  -7.978  -13.600 1.00 100.89 ? 172 ALA A O   1 
ATOM   1118 C CB  . ALA A 1 179 ? -5.997  -4.803  -13.906 1.00 102.58 ? 172 ALA A CB  1 
ATOM   1119 N N   . LEU A 1 180 ? -7.591  -6.793  -11.957 1.00 94.08  ? 173 LEU A N   1 
ATOM   1120 C CA  . LEU A 1 180 ? -7.388  -7.749  -10.882 1.00 89.98  ? 173 LEU A CA  1 
ATOM   1121 C C   . LEU A 1 180 ? -8.710  -8.288  -10.312 1.00 90.92  ? 173 LEU A C   1 
ATOM   1122 O O   . LEU A 1 180 ? -9.781  -7.711  -10.524 1.00 93.10  ? 173 LEU A O   1 
ATOM   1123 C CB  . LEU A 1 180 ? -6.613  -7.047  -9.771  1.00 85.45  ? 173 LEU A CB  1 
ATOM   1124 C CG  . LEU A 1 180 ? -5.195  -6.526  -10.026 1.00 82.27  ? 173 LEU A CG  1 
ATOM   1125 C CD1 . LEU A 1 180 ? -4.592  -5.923  -8.736  1.00 73.67  ? 173 LEU A CD1 1 
ATOM   1126 C CD2 . LEU A 1 180 ? -4.309  -7.628  -10.564 1.00 73.61  ? 173 LEU A CD2 1 
ATOM   1127 N N   . THR A 1 181 ? -8.629  -9.407  -9.601  1.00 90.31  ? 174 THR A N   1 
ATOM   1128 C CA  . THR A 1 181 ? -9.786  -9.977  -8.907  1.00 91.97  ? 174 THR A CA  1 
ATOM   1129 C C   . THR A 1 181 ? -9.802  -9.525  -7.436  1.00 87.53  ? 174 THR A C   1 
ATOM   1130 O O   . THR A 1 181 ? -8.952  -9.933  -6.622  1.00 85.19  ? 174 THR A O   1 
ATOM   1131 C CB  . THR A 1 181 ? -9.797  -11.559 -8.970  1.00 96.20  ? 174 THR A CB  1 
ATOM   1132 O OG1 . THR A 1 181 ? -9.752  -12.008 -10.327 1.00 100.29 ? 174 THR A OG1 1 
ATOM   1133 C CG2 . THR A 1 181 ? -11.024 -12.145 -8.287  1.00 97.94  ? 174 THR A CG2 1 
ATOM   1134 N N   . GLU A 1 182 ? -10.765 -8.681  -7.097  1.00 86.96  ? 175 GLU A N   1 
ATOM   1135 C CA  . GLU A 1 182 ? -11.072 -8.440  -5.695  1.00 85.18  ? 175 GLU A CA  1 
ATOM   1136 C C   . GLU A 1 182 ? -11.359 -9.784  -5.000  1.00 88.13  ? 175 GLU A C   1 
ATOM   1137 O O   . GLU A 1 182 ? -12.181 -10.579 -5.483  1.00 94.30  ? 175 GLU A O   1 
ATOM   1138 C CB  . GLU A 1 182 ? -12.276 -7.519  -5.564  1.00 85.99  ? 175 GLU A CB  1 
ATOM   1139 C CG  . GLU A 1 182 ? -12.750 -7.450  -4.166  1.00 86.25  ? 175 GLU A CG  1 
ATOM   1140 C CD  . GLU A 1 182 ? -13.319 -6.109  -3.795  1.00 88.39  ? 175 GLU A CD  1 
ATOM   1141 O OE1 . GLU A 1 182 ? -13.161 -5.147  -4.570  1.00 84.83  ? 175 GLU A OE1 1 
ATOM   1142 O OE2 . GLU A 1 182 ? -13.927 -6.022  -2.704  1.00 91.86  ? 175 GLU A OE2 1 
ATOM   1143 N N   . VAL A 1 183 ? -10.678 -10.033 -3.888  1.00 84.82  ? 176 VAL A N   1 
ATOM   1144 C CA  . VAL A 1 183 ? -10.876 -11.242 -3.083  1.00 86.94  ? 176 VAL A CA  1 
ATOM   1145 C C   . VAL A 1 183 ? -11.701 -10.941 -1.826  1.00 88.13  ? 176 VAL A C   1 
ATOM   1146 O O   . VAL A 1 183 ? -12.450 -11.775 -1.348  1.00 92.14  ? 176 VAL A O   1 
ATOM   1147 C CB  . VAL A 1 183 ? -9.523  -11.821 -2.631  1.00 84.25  ? 176 VAL A CB  1 
ATOM   1148 C CG1 . VAL A 1 183 ? -9.735  -12.933 -1.607  1.00 91.24  ? 176 VAL A CG1 1 
ATOM   1149 C CG2 . VAL A 1 183 ? -8.746  -12.345 -3.805  1.00 82.00  ? 176 VAL A CG2 1 
ATOM   1150 N N   . GLU A 1 184 ? -11.546 -9.735  -1.298  1.00 85.48  ? 177 GLU A N   1 
ATOM   1151 C CA  . GLU A 1 184 ? -12.033 -9.398  0.023   1.00 86.96  ? 177 GLU A CA  1 
ATOM   1152 C C   . GLU A 1 184 ? -11.934 -7.900  0.228   1.00 84.44  ? 177 GLU A C   1 
ATOM   1153 O O   . GLU A 1 184 ? -11.093 -7.232  -0.383  1.00 80.19  ? 177 GLU A O   1 
ATOM   1154 C CB  . GLU A 1 184 ? -11.146 -10.082 1.071   1.00 87.44  ? 177 GLU A CB  1 
ATOM   1155 C CG  . GLU A 1 184 ? -11.733 -10.157 2.470   1.00 87.95  ? 177 GLU A CG  1 
ATOM   1156 C CD  . GLU A 1 184 ? -10.736 -10.694 3.470   1.00 88.01  ? 177 GLU A CD  1 
ATOM   1157 O OE1 . GLU A 1 184 ? -9.693  -11.305 3.083   1.00 81.42  ? 177 GLU A OE1 1 
ATOM   1158 O OE2 . GLU A 1 184 ? -10.993 -10.473 4.660   1.00 87.48  ? 177 GLU A OE2 1 
ATOM   1159 N N   . ARG A 1 185 ? -12.789 -7.373  1.102   1.00 87.79  ? 178 ARG A N   1 
ATOM   1160 C CA  . ARG A 1 185 ? -12.623 -6.007  1.565   1.00 87.24  ? 178 ARG A CA  1 
ATOM   1161 C C   . ARG A 1 185 ? -13.045 -5.858  3.016   1.00 90.75  ? 178 ARG A C   1 
ATOM   1162 O O   . ARG A 1 185 ? -13.723 -6.719  3.562   1.00 95.54  ? 178 ARG A O   1 
ATOM   1163 C CB  . ARG A 1 185 ? -13.381 -5.012  0.671   1.00 87.61  ? 178 ARG A CB  1 
ATOM   1164 C CG  . ARG A 1 185 ? -14.872 -4.912  0.944   1.00 95.33  ? 178 ARG A CG  1 
ATOM   1165 C CD  . ARG A 1 185 ? -15.468 -3.723  0.199   1.00 97.07  ? 178 ARG A CD  1 
ATOM   1166 N NE  . ARG A 1 185 ? -15.206 -3.813  -1.236  1.00 93.99  ? 178 ARG A NE  1 
ATOM   1167 C CZ  . ARG A 1 185 ? -15.462 -2.853  -2.128  1.00 96.72  ? 178 ARG A CZ  1 
ATOM   1168 N NH1 . ARG A 1 185 ? -15.985 -1.693  -1.729  1.00 98.20  ? 178 ARG A NH1 1 
ATOM   1169 N NH2 . ARG A 1 185 ? -15.174 -3.048  -3.425  1.00 86.75  ? 178 ARG A NH2 1 
ATOM   1170 N N   . VAL A 1 186 ? -12.634 -4.755  3.625   1.00 89.78  ? 179 VAL A N   1 
ATOM   1171 C CA  . VAL A 1 186 ? -13.041 -4.405  4.977   1.00 94.18  ? 179 VAL A CA  1 
ATOM   1172 C C   . VAL A 1 186 ? -13.124 -2.913  5.063   1.00 94.06  ? 179 VAL A C   1 
ATOM   1173 O O   . VAL A 1 186 ? -12.354 -2.198  4.427   1.00 89.90  ? 179 VAL A O   1 
ATOM   1174 C CB  . VAL A 1 186 ? -12.055 -4.931  6.094   1.00 95.25  ? 179 VAL A CB  1 
ATOM   1175 C CG1 . VAL A 1 186 ? -12.321 -6.407  6.403   1.00 99.77  ? 179 VAL A CG1 1 
ATOM   1176 C CG2 . VAL A 1 186 ? -10.590 -4.673  5.726   1.00 90.34  ? 179 VAL A CG2 1 
ATOM   1177 N N   . GLN A 1 187 ? -14.065 -2.438  5.853   1.00 100.03 ? 180 GLN A N   1 
ATOM   1178 C CA  . GLN A 1 187 ? -14.245 -1.019  5.966   1.00 103.28 ? 180 GLN A CA  1 
ATOM   1179 C C   . GLN A 1 187 ? -13.938 -0.598  7.374   1.00 108.47 ? 180 GLN A C   1 
ATOM   1180 O O   . GLN A 1 187 ? -14.426 -1.217  8.303   1.00 113.52 ? 180 GLN A O   1 
ATOM   1181 C CB  . GLN A 1 187 ? -15.677 -0.680  5.621   1.00 107.07 ? 180 GLN A CB  1 
ATOM   1182 C CG  . GLN A 1 187 ? -16.044 0.729   5.947   1.00 113.58 ? 180 GLN A CG  1 
ATOM   1183 C CD  . GLN A 1 187 ? -17.444 1.031   5.507   1.00 125.55 ? 180 GLN A CD  1 
ATOM   1184 O OE1 . GLN A 1 187 ? -17.845 0.664   4.397   1.00 122.69 ? 180 GLN A OE1 1 
ATOM   1185 N NE2 . GLN A 1 187 ? -18.207 1.696   6.373   1.00 133.24 ? 180 GLN A NE2 1 
ATOM   1186 N N   . CYS A 1 188 ? -13.161 0.469   7.531   1.00 109.45 ? 181 CYS A N   1 
ATOM   1187 C CA  . CYS A 1 188 ? -12.679 0.895   8.833   1.00 115.63 ? 181 CYS A CA  1 
ATOM   1188 C C   . CYS A 1 188 ? -13.245 2.240   9.314   1.00 123.86 ? 181 CYS A C   1 
ATOM   1189 O O   . CYS A 1 188 ? -12.488 3.209   9.475   1.00 126.13 ? 181 CYS A O   1 
ATOM   1190 C CB  . CYS A 1 188 ? -11.149 0.963   8.820   1.00 113.43 ? 181 CYS A CB  1 
ATOM   1191 S SG  . CYS A 1 188 ? -10.275 -0.616  9.013   1.00 106.06 ? 181 CYS A SG  1 
ATOM   1192 N N   . GLN A 1 189 ? -14.558 2.294   9.570   1.00 130.13 ? 182 GLN A N   1 
ATOM   1193 C CA  . GLN A 1 189 ? -15.224 3.500   10.115  1.00 138.49 ? 182 GLN A CA  1 
ATOM   1194 C C   . GLN A 1 189 ? -14.742 3.787   11.555  1.00 146.12 ? 182 GLN A C   1 
ATOM   1195 O O   . GLN A 1 189 ? -15.344 3.343   12.551  1.00 151.99 ? 182 GLN A O   1 
ATOM   1196 C CB  . GLN A 1 189 ? -16.756 3.365   10.019  1.00 142.32 ? 182 GLN A CB  1 
ATOM   1197 C CG  . GLN A 1 189 ? -17.536 4.683   10.128  1.00 150.88 ? 182 GLN A CG  1 
ATOM   1198 C CD  . GLN A 1 189 ? -17.896 5.049   11.563  1.00 162.42 ? 182 GLN A CD  1 
ATOM   1199 O OE1 . GLN A 1 189 ? -17.433 6.060   12.092  1.00 167.11 ? 182 GLN A OE1 1 
ATOM   1200 N NE2 . GLN A 1 189 ? -18.716 4.219   12.202  1.00 166.47 ? 182 GLN A NE2 1 
ATOM   1201 N N   . GLY A 1 190 ? -13.628 4.511   11.638  1.00 147.05 ? 183 GLY A N   1 
ATOM   1202 C CA  . GLY A 1 190 ? -13.000 4.861   12.908  1.00 155.75 ? 183 GLY A CA  1 
ATOM   1203 C C   . GLY A 1 190 ? -13.686 6.009   13.628  1.00 166.33 ? 183 GLY A C   1 
ATOM   1204 O O   . GLY A 1 190 ? -14.929 6.042   13.720  1.00 169.70 ? 183 GLY A O   1 
ATOM   1205 N N   . GLN A 1 191 ? -12.884 6.954   14.136  1.00 172.84 ? 184 GLN A N   1 
ATOM   1206 C CA  . GLN A 1 191 ? -13.393 8.005   15.050  1.00 184.81 ? 184 GLN A CA  1 
ATOM   1207 C C   . GLN A 1 191 ? -13.896 9.297   14.376  1.00 187.02 ? 184 GLN A C   1 
ATOM   1208 O O   . GLN A 1 191 ? -15.110 9.460   14.189  1.00 188.79 ? 184 GLN A O   1 
ATOM   1209 C CB  . GLN A 1 191 ? -12.385 8.324   16.177  1.00 193.31 ? 184 GLN A CB  1 
ATOM   1210 N N   . SER A 1 192 ? -12.966 10.190  14.011  1.00 188.11 ? 185 SER A N   1 
ATOM   1211 C CA  . SER A 1 192 ? -13.280 11.538  13.492  1.00 192.34 ? 185 SER A CA  1 
ATOM   1212 C C   . SER A 1 192 ? -13.889 11.566  12.068  1.00 184.37 ? 185 SER A C   1 
ATOM   1213 O O   . SER A 1 192 ? -14.464 10.581  11.584  1.00 176.97 ? 185 SER A O   1 
ATOM   1214 C CB  . SER A 1 192 ? -12.021 12.434  13.533  1.00 197.03 ? 185 SER A CB  1 
ATOM   1215 O OG  . SER A 1 192 ? -11.646 12.799  14.852  1.00 208.29 ? 185 SER A OG  1 
ATOM   1216 N N   . ALA A 1 193 ? -13.764 12.727  11.425  1.00 187.29 ? 186 ALA A N   1 
ATOM   1217 C CA  . ALA A 1 193 ? -14.066 12.897  10.004  1.00 181.27 ? 186 ALA A CA  1 
ATOM   1218 C C   . ALA A 1 193 ? -13.005 12.215  9.098   1.00 171.42 ? 186 ALA A C   1 
ATOM   1219 O O   . ALA A 1 193 ? -13.348 11.510  8.141   1.00 163.43 ? 186 ALA A O   1 
ATOM   1220 C CB  . ALA A 1 193 ? -14.201 14.412  9.678   1.00 189.56 ? 186 ALA A CB  1 
ATOM   1221 N N   . ASP A 1 194 ? -11.728 12.428  9.434   1.00 173.20 ? 187 ASP A N   1 
ATOM   1222 C CA  . ASP A 1 194 ? -10.556 11.881  8.725   1.00 166.20 ? 187 ASP A CA  1 
ATOM   1223 C C   . ASP A 1 194 ? -10.476 10.353  8.815   1.00 157.35 ? 187 ASP A C   1 
ATOM   1224 O O   . ASP A 1 194 ? -10.083 9.677   7.851   1.00 149.60 ? 187 ASP A O   1 
ATOM   1225 C CB  . ASP A 1 194 ? -9.253  12.468  9.310   1.00 173.24 ? 187 ASP A CB  1 
ATOM   1226 C CG  . ASP A 1 194 ? -9.478  13.777  10.072  1.00 187.22 ? 187 ASP A CG  1 
ATOM   1227 O OD1 . ASP A 1 194 ? -9.795  14.799  9.422   1.00 193.95 ? 187 ASP A OD1 1 
ATOM   1228 O OD2 . ASP A 1 194 ? -9.344  13.785  11.323  1.00 196.00 ? 187 ASP A OD2 1 
ATOM   1229 N N   . GLU A 1 195 ? -10.854 9.827   9.981   1.00 159.32 ? 188 GLU A N   1 
ATOM   1230 C CA  . GLU A 1 195 ? -10.663 8.409   10.328  1.00 152.76 ? 188 GLU A CA  1 
ATOM   1231 C C   . GLU A 1 195 ? -11.843 7.501   9.896   1.00 145.88 ? 188 GLU A C   1 
ATOM   1232 O O   . GLU A 1 195 ? -12.697 7.112   10.702  1.00 149.43 ? 188 GLU A O   1 
ATOM   1233 C CB  . GLU A 1 195 ? -10.340 8.301   11.827  1.00 160.30 ? 188 GLU A CB  1 
ATOM   1234 C CG  . GLU A 1 195 ? -9.248  9.288   12.253  1.00 168.02 ? 188 GLU A CG  1 
ATOM   1235 C CD  . GLU A 1 195 ? -8.751  9.071   13.667  1.00 181.66 ? 188 GLU A CD  1 
ATOM   1236 O OE1 . GLU A 1 195 ? -9.483  8.450   14.471  1.00 186.19 ? 188 GLU A OE1 1 
ATOM   1237 O OE2 . GLU A 1 195 ? -7.624  9.531   13.977  1.00 188.03 ? 188 GLU A OE2 1 
ATOM   1238 N N   . ASP A 1 196 ? -11.878 7.196   8.605   1.00 136.47 ? 189 ASP A N   1 
ATOM   1239 C CA  . ASP A 1 196 ? -12.877 6.326   8.021   1.00 130.22 ? 189 ASP A CA  1 
ATOM   1240 C C   . ASP A 1 196 ? -12.246 5.948   6.708   1.00 121.89 ? 189 ASP A C   1 
ATOM   1241 O O   . ASP A 1 196 ? -11.880 6.834   5.932   1.00 122.01 ? 189 ASP A O   1 
ATOM   1242 C CB  . ASP A 1 196 ? -14.199 7.068   7.782   1.00 134.36 ? 189 ASP A CB  1 
ATOM   1243 N N   . CYS A 1 197 ? -12.097 4.642   6.464   1.00 115.27 ? 190 CYS A N   1 
ATOM   1244 C CA  . CYS A 1 197 ? -11.353 4.139   5.283   1.00 107.38 ? 190 CYS A CA  1 
ATOM   1245 C C   . CYS A 1 197 ? -11.654 2.695   4.830   1.00 100.20 ? 190 CYS A C   1 
ATOM   1246 O O   . CYS A 1 197 ? -12.288 1.905   5.520   1.00 101.64 ? 190 CYS A O   1 
ATOM   1247 C CB  . CYS A 1 197 ? -9.823  4.427   5.394   1.00 107.46 ? 190 CYS A CB  1 
ATOM   1248 S SG  . CYS A 1 197 ? -8.805  3.279   6.319   1.00 109.99 ? 190 CYS A SG  1 
ATOM   1249 N N   . LEU A 1 198 ? -11.241 2.378   3.622   1.00 93.03  ? 191 LEU A N   1 
ATOM   1250 C CA  . LEU A 1 198 ? -11.643 1.140   3.039   1.00 87.43  ? 191 LEU A CA  1 
ATOM   1251 C C   . LEU A 1 198 ? -10.430 0.391   2.502   1.00 82.41  ? 191 LEU A C   1 
ATOM   1252 O O   . LEU A 1 198 ? -9.563  0.985   1.862   1.00 82.48  ? 191 LEU A O   1 
ATOM   1253 C CB  . LEU A 1 198 ? -12.634 1.441   1.941   1.00 86.80  ? 191 LEU A CB  1 
ATOM   1254 C CG  . LEU A 1 198 ? -12.833 0.445   0.800   1.00 82.13  ? 191 LEU A CG  1 
ATOM   1255 C CD1 . LEU A 1 198 ? -13.124 -0.993  1.248   1.00 81.93  ? 191 LEU A CD1 1 
ATOM   1256 C CD2 . LEU A 1 198 ? -13.932 1.008   -0.146  1.00 81.01  ? 191 LEU A CD2 1 
ATOM   1257 N N   . LEU A 1 199 ? -10.374 -0.909  2.765   1.00 78.81  ? 192 LEU A N   1 
ATOM   1258 C CA  . LEU A 1 199 ? -9.248  -1.730  2.364   1.00 74.73  ? 192 LEU A CA  1 
ATOM   1259 C C   . LEU A 1 199 ? -9.778  -2.852  1.513   1.00 71.83  ? 192 LEU A C   1 
ATOM   1260 O O   . LEU A 1 199 ? -10.812 -3.370  1.787   1.00 74.06  ? 192 LEU A O   1 
ATOM   1261 C CB  . LEU A 1 199 ? -8.493  -2.300  3.601   1.00 76.45  ? 192 LEU A CB  1 
ATOM   1262 C CG  . LEU A 1 199 ? -8.509  -1.491  4.909   1.00 78.39  ? 192 LEU A CG  1 
ATOM   1263 C CD1 . LEU A 1 199 ? -7.753  -2.213  5.910   1.00 82.16  ? 192 LEU A CD1 1 
ATOM   1264 C CD2 . LEU A 1 199 ? -7.949  -0.063  4.786   1.00 70.98  ? 192 LEU A CD2 1 
ATOM   1265 N N   . ALA A 1 200 ? -9.058  -3.253  0.496   1.00 68.89  ? 193 ALA A N   1 
ATOM   1266 C CA  . ALA A 1 200 ? -9.522  -4.352  -0.329  1.00 69.33  ? 193 ALA A CA  1 
ATOM   1267 C C   . ALA A 1 200 ? -8.315  -5.160  -0.745  1.00 68.13  ? 193 ALA A C   1 
ATOM   1268 O O   . ALA A 1 200 ? -7.209  -4.636  -0.783  1.00 68.22  ? 193 ALA A O   1 
ATOM   1269 C CB  . ALA A 1 200 ? -10.227 -3.816  -1.569  1.00 69.46  ? 193 ALA A CB  1 
ATOM   1270 N N   . ARG A 1 201 ? -8.522  -6.422  -1.084  1.00 67.90  ? 194 ARG A N   1 
ATOM   1271 C CA  . ARG A 1 201 ? -7.425  -7.278  -1.377  1.00 66.38  ? 194 ARG A CA  1 
ATOM   1272 C C   . ARG A 1 201 ? -7.751  -7.925  -2.682  1.00 68.29  ? 194 ARG A C   1 
ATOM   1273 O O   . ARG A 1 201 ? -8.791  -8.531  -2.824  1.00 70.77  ? 194 ARG A O   1 
ATOM   1274 C CB  . ARG A 1 201 ? -7.213  -8.278  -0.252  1.00 67.82  ? 194 ARG A CB  1 
ATOM   1275 C CG  . ARG A 1 201 ? -6.445  -9.534  -0.615  1.00 65.96  ? 194 ARG A CG  1 
ATOM   1276 C CD  . ARG A 1 201 ? -5.888  -10.139 0.622   1.00 76.76  ? 194 ARG A CD  1 
ATOM   1277 N NE  . ARG A 1 201 ? -4.952  -11.197 0.289   1.00 91.21  ? 194 ARG A NE  1 
ATOM   1278 C CZ  . ARG A 1 201 ? -5.295  -12.482 0.184   1.00 95.11  ? 194 ARG A CZ  1 
ATOM   1279 N NH1 . ARG A 1 201 ? -6.552  -12.864 0.415   1.00 88.89  ? 194 ARG A NH1 1 
ATOM   1280 N NH2 . ARG A 1 201 ? -4.373  -13.383 -0.146  1.00 94.74  ? 194 ARG A NH2 1 
ATOM   1281 N N   . PHE A 1 202 ? -6.834  -7.777  -3.639  1.00 68.88  ? 195 PHE A N   1 
ATOM   1282 C CA  . PHE A 1 202 ? -6.985  -8.278  -4.981  1.00 70.91  ? 195 PHE A CA  1 
ATOM   1283 C C   . PHE A 1 202 ? -5.944  -9.365  -5.204  1.00 73.18  ? 195 PHE A C   1 
ATOM   1284 O O   . PHE A 1 202 ? -4.838  -9.317  -4.619  1.00 72.52  ? 195 PHE A O   1 
ATOM   1285 C CB  . PHE A 1 202 ? -6.809  -7.122  -5.986  1.00 70.63  ? 195 PHE A CB  1 
ATOM   1286 C CG  . PHE A 1 202 ? -7.834  -6.030  -5.820  1.00 68.44  ? 195 PHE A CG  1 
ATOM   1287 C CD1 . PHE A 1 202 ? -8.996  -6.040  -6.548  1.00 75.27  ? 195 PHE A CD1 1 
ATOM   1288 C CD2 . PHE A 1 202 ? -7.647  -5.015  -4.913  1.00 65.33  ? 195 PHE A CD2 1 
ATOM   1289 C CE1 . PHE A 1 202 ? -9.960  -5.056  -6.364  1.00 79.83  ? 195 PHE A CE1 1 
ATOM   1290 C CE2 . PHE A 1 202 ? -8.609  -4.024  -4.727  1.00 67.20  ? 195 PHE A CE2 1 
ATOM   1291 C CZ  . PHE A 1 202 ? -9.762  -4.049  -5.449  1.00 72.22  ? 195 PHE A CZ  1 
ATOM   1292 N N   . ARG A 1 203 ? -6.311  -10.340 -6.038  1.00 76.56  ? 196 ARG A N   1 
ATOM   1293 C CA  . ARG A 1 203 ? -5.403  -11.374 -6.546  1.00 79.49  ? 196 ARG A CA  1 
ATOM   1294 C C   . ARG A 1 203 ? -5.066  -11.049 -7.988  1.00 82.07  ? 196 ARG A C   1 
ATOM   1295 O O   . ARG A 1 203 ? -5.905  -10.523 -8.735  1.00 82.71  ? 196 ARG A O   1 
ATOM   1296 C CB  . ARG A 1 203 ? -6.114  -12.721 -6.507  1.00 83.21  ? 196 ARG A CB  1 
ATOM   1297 C CG  . ARG A 1 203 ? -5.345  -13.972 -6.942  1.00 88.94  ? 196 ARG A CG  1 
ATOM   1298 C CD  . ARG A 1 203 ? -6.175  -15.261 -6.539  1.00 102.24 ? 196 ARG A CD  1 
ATOM   1299 N NE  . ARG A 1 203 ? -6.756  -15.147 -5.181  1.00 106.54 ? 196 ARG A NE  1 
ATOM   1300 C CZ  . ARG A 1 203 ? -6.275  -15.716 -4.060  1.00 105.81 ? 196 ARG A CZ  1 
ATOM   1301 N NH1 . ARG A 1 203 ? -5.203  -16.522 -4.100  1.00 108.72 ? 196 ARG A NH1 1 
ATOM   1302 N NH2 . ARG A 1 203 ? -6.874  -15.486 -2.884  1.00 92.95  ? 196 ARG A NH2 1 
ATOM   1303 N N   . ASN A 1 204 ? -3.846  -11.349 -8.396  1.00 83.85  ? 197 ASN A N   1 
ATOM   1304 C CA  . ASN A 1 204 ? -3.543  -11.246 -9.787  1.00 88.44  ? 197 ASN A CA  1 
ATOM   1305 C C   . ASN A 1 204 ? -3.811  -12.611 -10.415 1.00 94.73  ? 197 ASN A C   1 
ATOM   1306 O O   . ASN A 1 204 ? -3.117  -13.577 -10.057 1.00 97.40  ? 197 ASN A O   1 
ATOM   1307 C CB  . ASN A 1 204 ? -2.086  -10.850 -9.976  1.00 89.26  ? 197 ASN A CB  1 
ATOM   1308 C CG  . ASN A 1 204 ? -1.706  -10.719 -11.438 1.00 92.89  ? 197 ASN A CG  1 
ATOM   1309 O OD1 . ASN A 1 204 ? -2.527  -10.327 -12.284 1.00 94.92  ? 197 ASN A OD1 1 
ATOM   1310 N ND2 . ASN A 1 204 ? -0.457  -11.043 -11.743 1.00 82.04  ? 197 ASN A ND2 1 
ATOM   1311 N N   . PRO A 1 205 ? -4.822  -12.715 -11.319 1.00 98.51  ? 198 PRO A N   1 
ATOM   1312 C CA  . PRO A 1 205 ? -5.084  -13.987 -12.014 1.00 105.08 ? 198 PRO A CA  1 
ATOM   1313 C C   . PRO A 1 205 ? -3.873  -14.495 -12.848 1.00 109.73 ? 198 PRO A C   1 
ATOM   1314 O O   . PRO A 1 205 ? -3.344  -13.779 -13.742 1.00 110.93 ? 198 PRO A O   1 
ATOM   1315 C CB  . PRO A 1 205 ? -6.259  -13.641 -12.922 1.00 108.49 ? 198 PRO A CB  1 
ATOM   1316 C CG  . PRO A 1 205 ? -6.197  -12.151 -13.070 1.00 104.53 ? 198 PRO A CG  1 
ATOM   1317 C CD  . PRO A 1 205 ? -5.788  -11.684 -11.735 1.00 98.17  ? 198 PRO A CD  1 
ATOM   1318 N N   . GLU A 1 206 ? -3.473  -15.735 -12.537 1.00 112.73 ? 199 GLU A N   1 
ATOM   1319 C CA  . GLU A 1 206 ? -2.245  -16.378 -13.036 1.00 117.36 ? 199 GLU A CA  1 
ATOM   1320 C C   . GLU A 1 206 ? -2.221  -16.561 -14.574 1.00 125.20 ? 199 GLU A C   1 
ATOM   1321 O O   . GLU A 1 206 ? -1.541  -15.819 -15.308 1.00 126.16 ? 199 GLU A O   1 
ATOM   1322 C CB  . GLU A 1 206 ? -2.024  -17.729 -12.311 1.00 119.62 ? 199 GLU A CB  1 
ATOM   1323 C CG  . GLU A 1 206 ? -2.899  -17.936 -11.039 1.00 115.43 ? 199 GLU A CG  1 
ATOM   1324 C CD  . GLU A 1 206 ? -2.154  -18.614 -9.872  1.00 120.69 ? 199 GLU A CD  1 
ATOM   1325 O OE1 . GLU A 1 206 ? -0.986  -19.049 -10.041 1.00 125.79 ? 199 GLU A OE1 1 
ATOM   1326 O OE2 . GLU A 1 206 ? -2.744  -18.713 -8.771  1.00 117.56 ? 199 GLU A OE2 1 
HETATM 1327 O O   . HOH B 2 .   ? 0.363   -13.736 2.437   1.00 21.38  ? 210 HOH A O   1 
HETATM 1328 O O   . HOH B 2 .   ? 4.253   4.974   9.900   1.00 18.76  ? 211 HOH A O   1 
HETATM 1329 O O   . HOH B 2 .   ? 6.078   6.713   -3.154  1.00 39.50  ? 212 HOH A O   1 
HETATM 1330 O O   . HOH B 2 .   ? -1.933  -11.328 0.620   1.00 24.50  ? 213 HOH A O   1 
HETATM 1331 O O   . HOH B 2 .   ? 15.143  -1.918  13.675  1.00 24.31  ? 214 HOH A O   1 
HETATM 1332 O O   . HOH B 2 .   ? 8.176   -14.232 10.833  1.00 24.06  ? 215 HOH A O   1 
HETATM 1333 O O   . HOH B 2 .   ? 2.371   1.206   4.448   1.00 22.72  ? 216 HOH A O   1 
HETATM 1334 O O   . HOH B 2 .   ? -9.076  -15.863 -7.134  1.00 15.85  ? 217 HOH A O   1 
HETATM 1335 O O   . HOH B 2 .   ? 8.136   6.169   16.215  1.00 19.44  ? 218 HOH A O   1 
HETATM 1336 O O   . HOH B 2 .   ? -3.268  4.283   -1.582  1.00 32.14  ? 219 HOH A O   1 
HETATM 1337 O O   . HOH B 2 .   ? 15.453  -0.464  7.573   1.00 4.75   ? 220 HOH A O   1 
HETATM 1338 O O   . HOH B 2 .   ? -5.289  1.636   -15.060 1.00 14.59  ? 221 HOH A O   1 
HETATM 1339 O O   . HOH B 2 .   ? 5.240   10.650  1.011   1.00 21.72  ? 222 HOH A O   1 
HETATM 1340 O O   . HOH B 2 .   ? -6.379  8.467   -18.515 1.00 22.09  ? 223 HOH A O   1 
HETATM 1341 O O   . HOH B 2 .   ? 1.067   8.979   -17.010 1.00 24.46  ? 224 HOH A O   1 
HETATM 1342 O O   . HOH B 2 .   ? 4.832   1.947   6.817   1.00 31.12  ? 225 HOH A O   1 
HETATM 1343 O O   . HOH B 2 .   ? 0.367   -12.556 -0.814  1.00 39.03  ? 226 HOH A O   1 
HETATM 1344 O O   . HOH B 2 .   ? -3.298  6.293   -18.203 1.00 18.98  ? 227 HOH A O   1 
# 
loop_
_pdbx_poly_seq_scheme.asym_id 
_pdbx_poly_seq_scheme.entity_id 
_pdbx_poly_seq_scheme.seq_id 
_pdbx_poly_seq_scheme.mon_id 
_pdbx_poly_seq_scheme.ndb_seq_num 
_pdbx_poly_seq_scheme.pdb_seq_num 
_pdbx_poly_seq_scheme.auth_seq_num 
_pdbx_poly_seq_scheme.pdb_mon_id 
_pdbx_poly_seq_scheme.auth_mon_id 
_pdbx_poly_seq_scheme.pdb_strand_id 
_pdbx_poly_seq_scheme.pdb_ins_code 
_pdbx_poly_seq_scheme.hetero 
A 1 1   GLY 1   -6  ?   ?   ?   A . n 
A 1 2   ILE 2   -5  ?   ?   ?   A . n 
A 1 3   ASP 3   -4  ?   ?   ?   A . n 
A 1 4   PRO 4   -3  ?   ?   ?   A . n 
A 1 5   PHE 5   -2  ?   ?   ?   A . n 
A 1 6   THR 6   -1  ?   ?   ?   A . n 
A 1 7   MET 7   0   ?   ?   ?   A . n 
A 1 8   VAL 8   1   ?   ?   ?   A . n 
A 1 9   SER 9   2   ?   ?   ?   A . n 
A 1 10  VAL 10  3   ?   ?   ?   A . n 
A 1 11  ASP 11  4   ?   ?   ?   A . n 
A 1 12  ASN 12  5   ?   ?   ?   A . n 
A 1 13  THR 13  6   ?   ?   ?   A . n 
A 1 14  TYR 14  7   ?   ?   ?   A . n 
A 1 15  GLN 15  8   ?   ?   ?   A . n 
A 1 16  SER 16  9   ?   ?   ?   A . n 
A 1 17  LEU 17  10  ?   ?   ?   A . n 
A 1 18  GLU 18  11  ?   ?   ?   A . n 
A 1 19  ARG 19  12  ?   ?   ?   A . n 
A 1 20  GLU 20  13  ?   ?   ?   A . n 
A 1 21  LEU 21  14  ?   ?   ?   A . n 
A 1 22  ALA 22  15  ?   ?   ?   A . n 
A 1 23  ASN 23  16  ?   ?   ?   A . n 
A 1 24  ASP 24  17  ?   ?   ?   A . n 
A 1 25  ASP 25  18  ?   ?   ?   A . n 
A 1 26  PRO 26  19  ?   ?   ?   A . n 
A 1 27  TRP 27  20  ?   ?   ?   A . n 
A 1 28  ARG 28  21  ?   ?   ?   A . n 
A 1 29  LEU 29  22  22  LEU LEU A . n 
A 1 30  ASP 30  23  23  ASP ASP A . n 
A 1 31  ASP 31  24  24  ASP ASP A . n 
A 1 32  ASN 32  25  25  ASN ASN A . n 
A 1 33  PRO 33  26  26  PRO PRO A . n 
A 1 34  PHE 34  27  27  PHE PHE A . n 
A 1 35  GLU 35  28  28  GLU GLU A . n 
A 1 36  ARG 36  29  29  ARG ARG A . n 
A 1 37  GLU 37  30  30  GLU GLU A . n 
A 1 38  ARG 38  31  31  ARG ARG A . n 
A 1 39  HIS 39  32  32  HIS HIS A . n 
A 1 40  THR 40  33  33  THR THR A . n 
A 1 41  GLN 41  34  34  GLN GLN A . n 
A 1 42  LEU 42  35  35  LEU LEU A . n 
A 1 43  LEU 43  36  36  LEU LEU A . n 
A 1 44  ARG 44  37  37  ARG ARG A . n 
A 1 45  LEU 45  38  38  LEU LEU A . n 
A 1 46  SER 46  39  39  SER SER A . n 
A 1 47  LEU 47  40  40  LEU LEU A . n 
A 1 48  SER 48  41  41  SER SER A . n 
A 1 49  SER 49  42  42  SER SER A . n 
A 1 50  GLY 50  43  43  GLY GLY A . n 
A 1 51  ALA 51  44  44  ALA ALA A . n 
A 1 52  VAL 52  45  45  VAL VAL A . n 
A 1 53  SER 53  46  46  SER SER A . n 
A 1 54  ASN 54  47  47  ASN ASN A . n 
A 1 55  GLY 55  48  48  GLY GLY A . n 
A 1 56  LEU 56  49  49  LEU LEU A . n 
A 1 57  GLU 57  50  50  GLU GLU A . n 
A 1 58  ILE 58  51  51  ILE ILE A . n 
A 1 59  GLY 59  52  52  GLY GLY A . n 
A 1 60  CYS 60  53  53  CYS CYS A . n 
A 1 61  ALA 61  54  54  ALA ALA A . n 
A 1 62  ALA 62  55  55  ALA ALA A . n 
A 1 63  GLY 63  56  56  GLY GLY A . n 
A 1 64  ALA 64  57  57  ALA ALA A . n 
A 1 65  PHE 65  58  58  PHE PHE A . n 
A 1 66  THR 66  59  59  THR THR A . n 
A 1 67  GLU 67  60  60  GLU GLU A . n 
A 1 68  LYS 68  61  61  LYS LYS A . n 
A 1 69  LEU 69  62  62  LEU LEU A . n 
A 1 70  ALA 70  63  63  ALA ALA A . n 
A 1 71  PRO 71  64  64  PRO PRO A . n 
A 1 72  HIS 72  65  65  HIS HIS A . n 
A 1 73  CYS 73  66  66  CYS CYS A . n 
A 1 74  LYS 74  67  67  LYS LYS A . n 
A 1 75  ARG 75  68  68  ARG ARG A . n 
A 1 76  LEU 76  69  69  LEU LEU A . n 
A 1 77  THR 77  70  70  THR THR A . n 
A 1 78  VAL 78  71  71  VAL VAL A . n 
A 1 79  ILE 79  72  72  ILE ILE A . n 
A 1 80  ASP 80  73  73  ASP ASP A . n 
A 1 81  VAL 81  74  74  VAL VAL A . n 
A 1 82  MET 82  75  75  MET MET A . n 
A 1 83  PRO 83  76  76  PRO PRO A . n 
A 1 84  ARG 84  77  77  ARG ARG A . n 
A 1 85  ALA 85  78  78  ALA ALA A . n 
A 1 86  ILE 86  79  79  ILE ILE A . n 
A 1 87  GLY 87  80  80  GLY GLY A . n 
A 1 88  ARG 88  81  81  ARG ARG A . n 
A 1 89  ALA 89  82  82  ALA ALA A . n 
A 1 90  CYS 90  83  83  CYS CYS A . n 
A 1 91  GLN 91  84  84  GLN GLN A . n 
A 1 92  ARG 92  85  85  ARG ARG A . n 
A 1 93  THR 93  86  86  THR THR A . n 
A 1 94  LYS 94  87  87  LYS LYS A . n 
A 1 95  ARG 95  88  88  ARG ARG A . n 
A 1 96  TRP 96  89  89  TRP TRP A . n 
A 1 97  SER 97  90  90  SER SER A . n 
A 1 98  HIS 98  91  91  HIS HIS A . n 
A 1 99  ILE 99  92  92  ILE ILE A . n 
A 1 100 SER 100 93  93  SER SER A . n 
A 1 101 TRP 101 94  94  TRP TRP A . n 
A 1 102 ALA 102 95  95  ALA ALA A . n 
A 1 103 ALA 103 96  96  ALA ALA A . n 
A 1 104 THR 104 97  97  THR THR A . n 
A 1 105 ASP 105 98  98  ASP ASP A . n 
A 1 106 ILE 106 99  99  ILE ILE A . n 
A 1 107 LEU 107 100 100 LEU LEU A . n 
A 1 108 GLN 108 101 101 GLN GLN A . n 
A 1 109 PHE 109 102 102 PHE PHE A . n 
A 1 110 SER 110 103 103 SER SER A . n 
A 1 111 THR 111 104 104 THR THR A . n 
A 1 112 ALA 112 105 105 ALA ALA A . n 
A 1 113 GLU 113 106 106 GLU GLU A . n 
A 1 114 LEU 114 107 107 LEU LEU A . n 
A 1 115 PHE 115 108 108 PHE PHE A . n 
A 1 116 ASP 116 109 109 ASP ASP A . n 
A 1 117 LEU 117 110 110 LEU LEU A . n 
A 1 118 ILE 118 111 111 ILE ILE A . n 
A 1 119 VAL 119 112 112 VAL VAL A . n 
A 1 120 VAL 120 113 113 VAL VAL A . n 
A 1 121 ALA 121 114 114 ALA ALA A . n 
A 1 122 GLU 122 115 115 GLU GLU A . n 
A 1 123 VAL 123 116 116 VAL VAL A . n 
A 1 124 LEU 124 117 117 LEU LEU A . n 
A 1 125 TYR 125 118 118 TYR TYR A . n 
A 1 126 TYR 126 119 119 TYR TYR A . n 
A 1 127 LEU 127 120 120 LEU LEU A . n 
A 1 128 GLU 128 121 121 GLU GLU A . n 
A 1 129 ASP 129 122 122 ASP ASP A . n 
A 1 130 MET 130 123 123 MET MET A . n 
A 1 131 THR 131 124 124 THR THR A . n 
A 1 132 GLN 132 125 125 GLN GLN A . n 
A 1 133 MET 133 126 126 MET MET A . n 
A 1 134 ARG 134 127 127 ARG ARG A . n 
A 1 135 THR 135 128 128 THR THR A . n 
A 1 136 ALA 136 129 129 ALA ALA A . n 
A 1 137 ILE 137 130 130 ILE ILE A . n 
A 1 138 ASP 138 131 131 ASP ASP A . n 
A 1 139 ASN 139 132 132 ASN ASN A . n 
A 1 140 MET 140 133 133 MET MET A . n 
A 1 141 VAL 141 134 134 VAL VAL A . n 
A 1 142 LYS 142 135 135 LYS LYS A . n 
A 1 143 MET 143 136 136 MET MET A . n 
A 1 144 LEU 144 137 137 LEU LEU A . n 
A 1 145 ALA 145 138 138 ALA ALA A . n 
A 1 146 PRO 146 139 139 PRO PRO A . n 
A 1 147 GLY 147 140 140 GLY GLY A . n 
A 1 148 GLY 148 141 141 GLY GLY A . n 
A 1 149 HIS 149 142 142 HIS HIS A . n 
A 1 150 LEU 150 143 143 LEU LEU A . n 
A 1 151 VAL 151 144 144 VAL VAL A . n 
A 1 152 PHE 152 145 145 PHE PHE A . n 
A 1 153 GLY 153 146 146 GLY GLY A . n 
A 1 154 SER 154 147 147 SER SER A . n 
A 1 155 ALA 155 148 148 ALA ALA A . n 
A 1 156 ARG 156 149 149 ARG ARG A . n 
A 1 157 ASP 157 150 150 ASP ASP A . n 
A 1 158 ALA 158 151 151 ALA ALA A . n 
A 1 159 THR 159 152 152 THR THR A . n 
A 1 160 CYS 160 153 153 CYS CYS A . n 
A 1 161 ARG 161 154 154 ARG ARG A . n 
A 1 162 ARG 162 155 155 ARG ARG A . n 
A 1 163 TRP 163 156 156 TRP TRP A . n 
A 1 164 GLY 164 157 157 GLY GLY A . n 
A 1 165 HIS 165 158 158 HIS HIS A . n 
A 1 166 VAL 166 159 159 VAL VAL A . n 
A 1 167 ALA 167 160 160 ALA ALA A . n 
A 1 168 GLY 168 161 161 GLY GLY A . n 
A 1 169 ALA 169 162 162 ALA ALA A . n 
A 1 170 GLU 170 163 163 GLU GLU A . n 
A 1 171 THR 171 164 164 THR THR A . n 
A 1 172 VAL 172 165 165 VAL VAL A . n 
A 1 173 ILE 173 166 166 ILE ILE A . n 
A 1 174 THR 174 167 167 THR THR A . n 
A 1 175 ILE 175 168 168 ILE ILE A . n 
A 1 176 LEU 176 169 169 LEU LEU A . n 
A 1 177 THR 177 170 170 THR THR A . n 
A 1 178 GLU 178 171 171 GLU GLU A . n 
A 1 179 ALA 179 172 172 ALA ALA A . n 
A 1 180 LEU 180 173 173 LEU LEU A . n 
A 1 181 THR 181 174 174 THR THR A . n 
A 1 182 GLU 182 175 175 GLU GLU A . n 
A 1 183 VAL 183 176 176 VAL VAL A . n 
A 1 184 GLU 184 177 177 GLU GLU A . n 
A 1 185 ARG 185 178 178 ARG ARG A . n 
A 1 186 VAL 186 179 179 VAL VAL A . n 
A 1 187 GLN 187 180 180 GLN GLN A . n 
A 1 188 CYS 188 181 181 CYS CYS A . n 
A 1 189 GLN 189 182 182 GLN GLN A . n 
A 1 190 GLY 190 183 183 GLY GLY A . n 
A 1 191 GLN 191 184 184 GLN GLN A . n 
A 1 192 SER 192 185 185 SER SER A . n 
A 1 193 ALA 193 186 186 ALA ALA A . n 
A 1 194 ASP 194 187 187 ASP ASP A . n 
A 1 195 GLU 195 188 188 GLU GLU A . n 
A 1 196 ASP 196 189 189 ASP ASP A . n 
A 1 197 CYS 197 190 190 CYS CYS A . n 
A 1 198 LEU 198 191 191 LEU LEU A . n 
A 1 199 LEU 199 192 192 LEU LEU A . n 
A 1 200 ALA 200 193 193 ALA ALA A . n 
A 1 201 ARG 201 194 194 ARG ARG A . n 
A 1 202 PHE 202 195 195 PHE PHE A . n 
A 1 203 ARG 203 196 196 ARG ARG A . n 
A 1 204 ASN 204 197 197 ASN ASN A . n 
A 1 205 PRO 205 198 198 PRO PRO A . n 
A 1 206 GLU 206 199 199 GLU GLU A . n 
A 1 207 ARG 207 200 ?   ?   ?   A . n 
A 1 208 SER 208 201 ?   ?   ?   A . n 
A 1 209 SER 209 202 ?   ?   ?   A . n 
A 1 210 ILE 210 203 ?   ?   ?   A . n 
A 1 211 ARG 211 204 ?   ?   ?   A . n 
A 1 212 PRO 212 205 ?   ?   ?   A . n 
A 1 213 ASP 213 206 ?   ?   ?   A . n 
A 1 214 GLY 214 207 ?   ?   ?   A . n 
A 1 215 ARG 215 208 ?   ?   ?   A . n 
A 1 216 ALA 216 209 ?   ?   ?   A . n 
# 
loop_
_pdbx_nonpoly_scheme.asym_id 
_pdbx_nonpoly_scheme.entity_id 
_pdbx_nonpoly_scheme.mon_id 
_pdbx_nonpoly_scheme.ndb_seq_num 
_pdbx_nonpoly_scheme.pdb_seq_num 
_pdbx_nonpoly_scheme.auth_seq_num 
_pdbx_nonpoly_scheme.pdb_mon_id 
_pdbx_nonpoly_scheme.auth_mon_id 
_pdbx_nonpoly_scheme.pdb_strand_id 
_pdbx_nonpoly_scheme.pdb_ins_code 
B 2 HOH 1  210 210 HOH HOH A . 
B 2 HOH 2  211 211 HOH HOH A . 
B 2 HOH 3  212 212 HOH HOH A . 
B 2 HOH 4  213 213 HOH HOH A . 
B 2 HOH 5  214 214 HOH HOH A . 
B 2 HOH 6  215 215 HOH HOH A . 
B 2 HOH 7  216 216 HOH HOH A . 
B 2 HOH 8  217 217 HOH HOH A . 
B 2 HOH 9  218 218 HOH HOH A . 
B 2 HOH 10 219 219 HOH HOH A . 
B 2 HOH 11 220 220 HOH HOH A . 
B 2 HOH 12 221 221 HOH HOH A . 
B 2 HOH 13 222 222 HOH HOH A . 
B 2 HOH 14 223 223 HOH HOH A . 
B 2 HOH 15 224 224 HOH HOH A . 
B 2 HOH 16 225 225 HOH HOH A . 
B 2 HOH 17 226 226 HOH HOH A . 
B 2 HOH 18 227 227 HOH HOH A . 
# 
_pdbx_struct_assembly.id                   1 
_pdbx_struct_assembly.details              author_and_software_defined_assembly 
_pdbx_struct_assembly.method_details       PISA 
_pdbx_struct_assembly.oligomeric_details   monomeric 
_pdbx_struct_assembly.oligomeric_count     1 
# 
_pdbx_struct_assembly_gen.assembly_id       1 
_pdbx_struct_assembly_gen.oper_expression   1 
_pdbx_struct_assembly_gen.asym_id_list      A,B 
# 
_pdbx_struct_oper_list.id                   1 
_pdbx_struct_oper_list.type                 'identity operation' 
_pdbx_struct_oper_list.name                 1_555 
_pdbx_struct_oper_list.symmetry_operation   x,y,z 
_pdbx_struct_oper_list.matrix[1][1]         1.0000000000 
_pdbx_struct_oper_list.matrix[1][2]         0.0000000000 
_pdbx_struct_oper_list.matrix[1][3]         0.0000000000 
_pdbx_struct_oper_list.vector[1]            0.0000000000 
_pdbx_struct_oper_list.matrix[2][1]         0.0000000000 
_pdbx_struct_oper_list.matrix[2][2]         1.0000000000 
_pdbx_struct_oper_list.matrix[2][3]         0.0000000000 
_pdbx_struct_oper_list.vector[2]            0.0000000000 
_pdbx_struct_oper_list.matrix[3][1]         0.0000000000 
_pdbx_struct_oper_list.matrix[3][2]         0.0000000000 
_pdbx_struct_oper_list.matrix[3][3]         1.0000000000 
_pdbx_struct_oper_list.vector[3]            0.0000000000 
# 
loop_
_pdbx_audit_revision_history.ordinal 
_pdbx_audit_revision_history.data_content_type 
_pdbx_audit_revision_history.major_revision 
_pdbx_audit_revision_history.minor_revision 
_pdbx_audit_revision_history.revision_date 
1 'Structure model' 1 0 2010-10-27 
2 'Structure model' 1 1 2011-07-13 
3 'Structure model' 1 2 2023-09-06 
# 
_pdbx_audit_revision_details.ordinal             1 
_pdbx_audit_revision_details.revision_ordinal    1 
_pdbx_audit_revision_details.data_content_type   'Structure model' 
_pdbx_audit_revision_details.provider            repository 
_pdbx_audit_revision_details.type                'Initial release' 
_pdbx_audit_revision_details.description         ? 
_pdbx_audit_revision_details.details             ? 
# 
loop_
_pdbx_audit_revision_group.ordinal 
_pdbx_audit_revision_group.revision_ordinal 
_pdbx_audit_revision_group.data_content_type 
_pdbx_audit_revision_group.group 
1 2 'Structure model' 'Source and taxonomy'       
2 2 'Structure model' 'Version format compliance' 
3 3 'Structure model' 'Data collection'           
4 3 'Structure model' 'Database references'       
5 3 'Structure model' 'Refinement description'    
# 
loop_
_pdbx_audit_revision_category.ordinal 
_pdbx_audit_revision_category.revision_ordinal 
_pdbx_audit_revision_category.data_content_type 
_pdbx_audit_revision_category.category 
1 3 'Structure model' chem_comp_atom                
2 3 'Structure model' chem_comp_bond                
3 3 'Structure model' database_2                    
4 3 'Structure model' diffrn_source                 
5 3 'Structure model' pdbx_initial_refinement_model 
6 3 'Structure model' struct_ref_seq_dif            
# 
loop_
_pdbx_audit_revision_item.ordinal 
_pdbx_audit_revision_item.revision_ordinal 
_pdbx_audit_revision_item.data_content_type 
_pdbx_audit_revision_item.item 
1 3 'Structure model' '_database_2.pdbx_DOI'                 
2 3 'Structure model' '_database_2.pdbx_database_accession'  
3 3 'Structure model' '_diffrn_source.pdbx_synchrotron_site' 
4 3 'Structure model' '_struct_ref_seq_dif.details'          
# 
loop_
_pdbx_refine_tls.pdbx_refine_id 
_pdbx_refine_tls.id 
_pdbx_refine_tls.details 
_pdbx_refine_tls.method 
_pdbx_refine_tls.origin_x 
_pdbx_refine_tls.origin_y 
_pdbx_refine_tls.origin_z 
_pdbx_refine_tls.T[1][1] 
_pdbx_refine_tls.T[2][2] 
_pdbx_refine_tls.T[3][3] 
_pdbx_refine_tls.T[1][2] 
_pdbx_refine_tls.T[1][3] 
_pdbx_refine_tls.T[2][3] 
_pdbx_refine_tls.L[1][1] 
_pdbx_refine_tls.L[2][2] 
_pdbx_refine_tls.L[3][3] 
_pdbx_refine_tls.L[1][2] 
_pdbx_refine_tls.L[1][3] 
_pdbx_refine_tls.L[2][3] 
_pdbx_refine_tls.S[1][1] 
_pdbx_refine_tls.S[1][2] 
_pdbx_refine_tls.S[1][3] 
_pdbx_refine_tls.S[2][1] 
_pdbx_refine_tls.S[2][2] 
_pdbx_refine_tls.S[2][3] 
_pdbx_refine_tls.S[3][1] 
_pdbx_refine_tls.S[3][2] 
_pdbx_refine_tls.S[3][3] 
'X-RAY DIFFRACTION' 1 ? refined 3.9348   -0.5093 0.7206  0.2043 0.1180 0.1227 0.0238  0.0209  -0.0674 3.8033 2.5926 4.8040 -0.2544 0.3609  -2.9296 0.0287 -0.0751 0.2277 0.0025  0.0547 -0.0161 -0.5381 -0.1583 -0.0833 
'X-RAY DIFFRACTION' 2 ? refined -10.1951 1.3070  -1.6971 0.3090 0.5233 0.3503 -0.0275 -0.0751 0.0417  5.4499 7.2292 6.1779 -3.0266 -1.1436 -0.0304 0.0572 -0.1774 0.4081 -0.0016 0.1509 0.2926  -0.7290 -0.3612 -0.2080 
# 
loop_
_pdbx_refine_tls_group.pdbx_refine_id 
_pdbx_refine_tls_group.id 
_pdbx_refine_tls_group.refine_tls_id 
_pdbx_refine_tls_group.beg_auth_asym_id 
_pdbx_refine_tls_group.beg_auth_seq_id 
_pdbx_refine_tls_group.beg_label_asym_id 
_pdbx_refine_tls_group.beg_label_seq_id 
_pdbx_refine_tls_group.end_auth_asym_id 
_pdbx_refine_tls_group.end_auth_seq_id 
_pdbx_refine_tls_group.end_label_asym_id 
_pdbx_refine_tls_group.end_label_seq_id 
_pdbx_refine_tls_group.selection 
_pdbx_refine_tls_group.selection_details 
'X-RAY DIFFRACTION' 1 1 A 22  ? ? A 148 ? ? ? ? 
'X-RAY DIFFRACTION' 2 2 A 149 ? ? A 199 ? ? ? ? 
# 
loop_
_software.name 
_software.classification 
_software.version 
_software.citation_id 
_software.pdbx_ordinal 
MAR345dtb 'data collection' .        ? 1 
PHASER    phasing           .        ? 2 
REFMAC    refinement        5.5.0072 ? 3 
HKL-2000  'data reduction'  .        ? 4 
HKL-2000  'data scaling'    .        ? 5 
# 
_pdbx_entry_details.entry_id                 3OFJ 
_pdbx_entry_details.nonpolymer_details       ? 
_pdbx_entry_details.sequence_details         
;THE AUTHORS STATE THAT VAL1 IS THE FIRST RESIDUE OF THE PROTEIN SEQUENCE AND CORRESPONDS TO STANDARD TRANSLATION OF THE GTG CODON AS VALINE, EVEN THOUGH IN THE SEQUENCE DATABASE REFERENCE THIS POSITION IS OCCUPIED BY METHIONINE.
;
_pdbx_entry_details.compound_details         ? 
_pdbx_entry_details.source_details           ? 
_pdbx_entry_details.has_ligand_of_interest   ? 
# 
loop_
_pdbx_validate_torsion.id 
_pdbx_validate_torsion.PDB_model_num 
_pdbx_validate_torsion.auth_comp_id 
_pdbx_validate_torsion.auth_asym_id 
_pdbx_validate_torsion.auth_seq_id 
_pdbx_validate_torsion.PDB_ins_code 
_pdbx_validate_torsion.label_alt_id 
_pdbx_validate_torsion.phi 
_pdbx_validate_torsion.psi 
1 1 ALA A 54  ? ? 46.70   -124.34 
2 1 LYS A 87  ? ? -39.70  -35.78  
3 1 ARG A 149 ? ? -57.65  173.90  
4 1 CYS A 181 ? ? -113.16 65.79   
5 1 GLN A 182 ? ? -66.51  85.97   
6 1 GLN A 184 ? ? -89.97  -80.65  
7 1 SER A 185 ? ? -70.99  -158.64 
# 
loop_
_pdbx_unobs_or_zero_occ_atoms.id 
_pdbx_unobs_or_zero_occ_atoms.PDB_model_num 
_pdbx_unobs_or_zero_occ_atoms.polymer_flag 
_pdbx_unobs_or_zero_occ_atoms.occupancy_flag 
_pdbx_unobs_or_zero_occ_atoms.auth_asym_id 
_pdbx_unobs_or_zero_occ_atoms.auth_comp_id 
_pdbx_unobs_or_zero_occ_atoms.auth_seq_id 
_pdbx_unobs_or_zero_occ_atoms.PDB_ins_code 
_pdbx_unobs_or_zero_occ_atoms.auth_atom_id 
_pdbx_unobs_or_zero_occ_atoms.label_alt_id 
_pdbx_unobs_or_zero_occ_atoms.label_asym_id 
_pdbx_unobs_or_zero_occ_atoms.label_comp_id 
_pdbx_unobs_or_zero_occ_atoms.label_seq_id 
_pdbx_unobs_or_zero_occ_atoms.label_atom_id 
1  1 Y 1 A ARG 29  ? CG  ? A ARG 36  CG  
2  1 Y 1 A ARG 29  ? CD  ? A ARG 36  CD  
3  1 Y 1 A ARG 29  ? NE  ? A ARG 36  NE  
4  1 Y 1 A ARG 29  ? CZ  ? A ARG 36  CZ  
5  1 Y 1 A ARG 29  ? NH1 ? A ARG 36  NH1 
6  1 Y 1 A ARG 29  ? NH2 ? A ARG 36  NH2 
7  1 Y 1 A ARG 68  ? CG  ? A ARG 75  CG  
8  1 Y 1 A ARG 68  ? CD  ? A ARG 75  CD  
9  1 Y 1 A ARG 68  ? NE  ? A ARG 75  NE  
10 1 Y 1 A ARG 68  ? CZ  ? A ARG 75  CZ  
11 1 Y 1 A ARG 68  ? NH1 ? A ARG 75  NH1 
12 1 Y 1 A ARG 68  ? NH2 ? A ARG 75  NH2 
13 1 Y 1 A ARG 77  ? CG  ? A ARG 84  CG  
14 1 Y 1 A ARG 77  ? CD  ? A ARG 84  CD  
15 1 Y 1 A ARG 77  ? NE  ? A ARG 84  NE  
16 1 Y 1 A ARG 77  ? CZ  ? A ARG 84  CZ  
17 1 Y 1 A ARG 77  ? NH1 ? A ARG 84  NH1 
18 1 Y 1 A ARG 77  ? NH2 ? A ARG 84  NH2 
19 1 Y 1 A ARG 81  ? CG  ? A ARG 88  CG  
20 1 Y 1 A ARG 81  ? CD  ? A ARG 88  CD  
21 1 Y 1 A ARG 81  ? NE  ? A ARG 88  NE  
22 1 Y 1 A ARG 81  ? CZ  ? A ARG 88  CZ  
23 1 Y 1 A ARG 81  ? NH1 ? A ARG 88  NH1 
24 1 Y 1 A ARG 81  ? NH2 ? A ARG 88  NH2 
25 1 Y 1 A LYS 87  ? CG  ? A LYS 94  CG  
26 1 Y 1 A LYS 87  ? CD  ? A LYS 94  CD  
27 1 Y 1 A LYS 87  ? CE  ? A LYS 94  CE  
28 1 Y 1 A LYS 87  ? NZ  ? A LYS 94  NZ  
29 1 Y 1 A GLU 106 ? CG  ? A GLU 113 CG  
30 1 Y 1 A GLU 106 ? CD  ? A GLU 113 CD  
31 1 Y 1 A GLU 106 ? OE1 ? A GLU 113 OE1 
32 1 Y 1 A GLU 106 ? OE2 ? A GLU 113 OE2 
33 1 Y 1 A ARG 149 ? CG  ? A ARG 156 CG  
34 1 Y 1 A ARG 149 ? CD  ? A ARG 156 CD  
35 1 Y 1 A ARG 149 ? NE  ? A ARG 156 NE  
36 1 Y 1 A ARG 149 ? CZ  ? A ARG 156 CZ  
37 1 Y 1 A ARG 149 ? NH1 ? A ARG 156 NH1 
38 1 Y 1 A ARG 149 ? NH2 ? A ARG 156 NH2 
39 1 Y 1 A ARG 154 ? CG  ? A ARG 161 CG  
40 1 Y 1 A ARG 154 ? CD  ? A ARG 161 CD  
41 1 Y 1 A ARG 154 ? NE  ? A ARG 161 NE  
42 1 Y 1 A ARG 154 ? CZ  ? A ARG 161 CZ  
43 1 Y 1 A ARG 154 ? NH1 ? A ARG 161 NH1 
44 1 Y 1 A ARG 154 ? NH2 ? A ARG 161 NH2 
45 1 Y 1 A ARG 155 ? CG  ? A ARG 162 CG  
46 1 Y 1 A ARG 155 ? CD  ? A ARG 162 CD  
47 1 Y 1 A ARG 155 ? NE  ? A ARG 162 NE  
48 1 Y 1 A ARG 155 ? CZ  ? A ARG 162 CZ  
49 1 Y 1 A ARG 155 ? NH1 ? A ARG 162 NH1 
50 1 Y 1 A ARG 155 ? NH2 ? A ARG 162 NH2 
51 1 Y 1 A GLN 184 ? CG  ? A GLN 191 CG  
52 1 Y 1 A GLN 184 ? CD  ? A GLN 191 CD  
53 1 Y 1 A GLN 184 ? OE1 ? A GLN 191 OE1 
54 1 Y 1 A GLN 184 ? NE2 ? A GLN 191 NE2 
55 1 Y 1 A ASP 189 ? CG  ? A ASP 196 CG  
56 1 Y 1 A ASP 189 ? OD1 ? A ASP 196 OD1 
57 1 Y 1 A ASP 189 ? OD2 ? A ASP 196 OD2 
# 
loop_
_pdbx_unobs_or_zero_occ_residues.id 
_pdbx_unobs_or_zero_occ_residues.PDB_model_num 
_pdbx_unobs_or_zero_occ_residues.polymer_flag 
_pdbx_unobs_or_zero_occ_residues.occupancy_flag 
_pdbx_unobs_or_zero_occ_residues.auth_asym_id 
_pdbx_unobs_or_zero_occ_residues.auth_comp_id 
_pdbx_unobs_or_zero_occ_residues.auth_seq_id 
_pdbx_unobs_or_zero_occ_residues.PDB_ins_code 
_pdbx_unobs_or_zero_occ_residues.label_asym_id 
_pdbx_unobs_or_zero_occ_residues.label_comp_id 
_pdbx_unobs_or_zero_occ_residues.label_seq_id 
1  1 Y 1 A GLY -6  ? A GLY 1   
2  1 Y 1 A ILE -5  ? A ILE 2   
3  1 Y 1 A ASP -4  ? A ASP 3   
4  1 Y 1 A PRO -3  ? A PRO 4   
5  1 Y 1 A PHE -2  ? A PHE 5   
6  1 Y 1 A THR -1  ? A THR 6   
7  1 Y 1 A MET 0   ? A MET 7   
8  1 Y 1 A VAL 1   ? A VAL 8   
9  1 Y 1 A SER 2   ? A SER 9   
10 1 Y 1 A VAL 3   ? A VAL 10  
11 1 Y 1 A ASP 4   ? A ASP 11  
12 1 Y 1 A ASN 5   ? A ASN 12  
13 1 Y 1 A THR 6   ? A THR 13  
14 1 Y 1 A TYR 7   ? A TYR 14  
15 1 Y 1 A GLN 8   ? A GLN 15  
16 1 Y 1 A SER 9   ? A SER 16  
17 1 Y 1 A LEU 10  ? A LEU 17  
18 1 Y 1 A GLU 11  ? A GLU 18  
19 1 Y 1 A ARG 12  ? A ARG 19  
20 1 Y 1 A GLU 13  ? A GLU 20  
21 1 Y 1 A LEU 14  ? A LEU 21  
22 1 Y 1 A ALA 15  ? A ALA 22  
23 1 Y 1 A ASN 16  ? A ASN 23  
24 1 Y 1 A ASP 17  ? A ASP 24  
25 1 Y 1 A ASP 18  ? A ASP 25  
26 1 Y 1 A PRO 19  ? A PRO 26  
27 1 Y 1 A TRP 20  ? A TRP 27  
28 1 Y 1 A ARG 21  ? A ARG 28  
29 1 Y 1 A ARG 200 ? A ARG 207 
30 1 Y 1 A SER 201 ? A SER 208 
31 1 Y 1 A SER 202 ? A SER 209 
32 1 Y 1 A ILE 203 ? A ILE 210 
33 1 Y 1 A ARG 204 ? A ARG 211 
34 1 Y 1 A PRO 205 ? A PRO 212 
35 1 Y 1 A ASP 206 ? A ASP 213 
36 1 Y 1 A GLY 207 ? A GLY 214 
37 1 Y 1 A ARG 208 ? A ARG 215 
38 1 Y 1 A ALA 209 ? A ALA 216 
# 
loop_
_chem_comp_atom.comp_id 
_chem_comp_atom.atom_id 
_chem_comp_atom.type_symbol 
_chem_comp_atom.pdbx_aromatic_flag 
_chem_comp_atom.pdbx_stereo_config 
_chem_comp_atom.pdbx_ordinal 
ALA N    N N N 1   
ALA CA   C N S 2   
ALA C    C N N 3   
ALA O    O N N 4   
ALA CB   C N N 5   
ALA OXT  O N N 6   
ALA H    H N N 7   
ALA H2   H N N 8   
ALA HA   H N N 9   
ALA HB1  H N N 10  
ALA HB2  H N N 11  
ALA HB3  H N N 12  
ALA HXT  H N N 13  
ARG N    N N N 14  
ARG CA   C N S 15  
ARG C    C N N 16  
ARG O    O N N 17  
ARG CB   C N N 18  
ARG CG   C N N 19  
ARG CD   C N N 20  
ARG NE   N N N 21  
ARG CZ   C N N 22  
ARG NH1  N N N 23  
ARG NH2  N N N 24  
ARG OXT  O N N 25  
ARG H    H N N 26  
ARG H2   H N N 27  
ARG HA   H N N 28  
ARG HB2  H N N 29  
ARG HB3  H N N 30  
ARG HG2  H N N 31  
ARG HG3  H N N 32  
ARG HD2  H N N 33  
ARG HD3  H N N 34  
ARG HE   H N N 35  
ARG HH11 H N N 36  
ARG HH12 H N N 37  
ARG HH21 H N N 38  
ARG HH22 H N N 39  
ARG HXT  H N N 40  
ASN N    N N N 41  
ASN CA   C N S 42  
ASN C    C N N 43  
ASN O    O N N 44  
ASN CB   C N N 45  
ASN CG   C N N 46  
ASN OD1  O N N 47  
ASN ND2  N N N 48  
ASN OXT  O N N 49  
ASN H    H N N 50  
ASN H2   H N N 51  
ASN HA   H N N 52  
ASN HB2  H N N 53  
ASN HB3  H N N 54  
ASN HD21 H N N 55  
ASN HD22 H N N 56  
ASN HXT  H N N 57  
ASP N    N N N 58  
ASP CA   C N S 59  
ASP C    C N N 60  
ASP O    O N N 61  
ASP CB   C N N 62  
ASP CG   C N N 63  
ASP OD1  O N N 64  
ASP OD2  O N N 65  
ASP OXT  O N N 66  
ASP H    H N N 67  
ASP H2   H N N 68  
ASP HA   H N N 69  
ASP HB2  H N N 70  
ASP HB3  H N N 71  
ASP HD2  H N N 72  
ASP HXT  H N N 73  
CYS N    N N N 74  
CYS CA   C N R 75  
CYS C    C N N 76  
CYS O    O N N 77  
CYS CB   C N N 78  
CYS SG   S N N 79  
CYS OXT  O N N 80  
CYS H    H N N 81  
CYS H2   H N N 82  
CYS HA   H N N 83  
CYS HB2  H N N 84  
CYS HB3  H N N 85  
CYS HG   H N N 86  
CYS HXT  H N N 87  
GLN N    N N N 88  
GLN CA   C N S 89  
GLN C    C N N 90  
GLN O    O N N 91  
GLN CB   C N N 92  
GLN CG   C N N 93  
GLN CD   C N N 94  
GLN OE1  O N N 95  
GLN NE2  N N N 96  
GLN OXT  O N N 97  
GLN H    H N N 98  
GLN H2   H N N 99  
GLN HA   H N N 100 
GLN HB2  H N N 101 
GLN HB3  H N N 102 
GLN HG2  H N N 103 
GLN HG3  H N N 104 
GLN HE21 H N N 105 
GLN HE22 H N N 106 
GLN HXT  H N N 107 
GLU N    N N N 108 
GLU CA   C N S 109 
GLU C    C N N 110 
GLU O    O N N 111 
GLU CB   C N N 112 
GLU CG   C N N 113 
GLU CD   C N N 114 
GLU OE1  O N N 115 
GLU OE2  O N N 116 
GLU OXT  O N N 117 
GLU H    H N N 118 
GLU H2   H N N 119 
GLU HA   H N N 120 
GLU HB2  H N N 121 
GLU HB3  H N N 122 
GLU HG2  H N N 123 
GLU HG3  H N N 124 
GLU HE2  H N N 125 
GLU HXT  H N N 126 
GLY N    N N N 127 
GLY CA   C N N 128 
GLY C    C N N 129 
GLY O    O N N 130 
GLY OXT  O N N 131 
GLY H    H N N 132 
GLY H2   H N N 133 
GLY HA2  H N N 134 
GLY HA3  H N N 135 
GLY HXT  H N N 136 
HIS N    N N N 137 
HIS CA   C N S 138 
HIS C    C N N 139 
HIS O    O N N 140 
HIS CB   C N N 141 
HIS CG   C Y N 142 
HIS ND1  N Y N 143 
HIS CD2  C Y N 144 
HIS CE1  C Y N 145 
HIS NE2  N Y N 146 
HIS OXT  O N N 147 
HIS H    H N N 148 
HIS H2   H N N 149 
HIS HA   H N N 150 
HIS HB2  H N N 151 
HIS HB3  H N N 152 
HIS HD1  H N N 153 
HIS HD2  H N N 154 
HIS HE1  H N N 155 
HIS HE2  H N N 156 
HIS HXT  H N N 157 
HOH O    O N N 158 
HOH H1   H N N 159 
HOH H2   H N N 160 
ILE N    N N N 161 
ILE CA   C N S 162 
ILE C    C N N 163 
ILE O    O N N 164 
ILE CB   C N S 165 
ILE CG1  C N N 166 
ILE CG2  C N N 167 
ILE CD1  C N N 168 
ILE OXT  O N N 169 
ILE H    H N N 170 
ILE H2   H N N 171 
ILE HA   H N N 172 
ILE HB   H N N 173 
ILE HG12 H N N 174 
ILE HG13 H N N 175 
ILE HG21 H N N 176 
ILE HG22 H N N 177 
ILE HG23 H N N 178 
ILE HD11 H N N 179 
ILE HD12 H N N 180 
ILE HD13 H N N 181 
ILE HXT  H N N 182 
LEU N    N N N 183 
LEU CA   C N S 184 
LEU C    C N N 185 
LEU O    O N N 186 
LEU CB   C N N 187 
LEU CG   C N N 188 
LEU CD1  C N N 189 
LEU CD2  C N N 190 
LEU OXT  O N N 191 
LEU H    H N N 192 
LEU H2   H N N 193 
LEU HA   H N N 194 
LEU HB2  H N N 195 
LEU HB3  H N N 196 
LEU HG   H N N 197 
LEU HD11 H N N 198 
LEU HD12 H N N 199 
LEU HD13 H N N 200 
LEU HD21 H N N 201 
LEU HD22 H N N 202 
LEU HD23 H N N 203 
LEU HXT  H N N 204 
LYS N    N N N 205 
LYS CA   C N S 206 
LYS C    C N N 207 
LYS O    O N N 208 
LYS CB   C N N 209 
LYS CG   C N N 210 
LYS CD   C N N 211 
LYS CE   C N N 212 
LYS NZ   N N N 213 
LYS OXT  O N N 214 
LYS H    H N N 215 
LYS H2   H N N 216 
LYS HA   H N N 217 
LYS HB2  H N N 218 
LYS HB3  H N N 219 
LYS HG2  H N N 220 
LYS HG3  H N N 221 
LYS HD2  H N N 222 
LYS HD3  H N N 223 
LYS HE2  H N N 224 
LYS HE3  H N N 225 
LYS HZ1  H N N 226 
LYS HZ2  H N N 227 
LYS HZ3  H N N 228 
LYS HXT  H N N 229 
MET N    N N N 230 
MET CA   C N S 231 
MET C    C N N 232 
MET O    O N N 233 
MET CB   C N N 234 
MET CG   C N N 235 
MET SD   S N N 236 
MET CE   C N N 237 
MET OXT  O N N 238 
MET H    H N N 239 
MET H2   H N N 240 
MET HA   H N N 241 
MET HB2  H N N 242 
MET HB3  H N N 243 
MET HG2  H N N 244 
MET HG3  H N N 245 
MET HE1  H N N 246 
MET HE2  H N N 247 
MET HE3  H N N 248 
MET HXT  H N N 249 
PHE N    N N N 250 
PHE CA   C N S 251 
PHE C    C N N 252 
PHE O    O N N 253 
PHE CB   C N N 254 
PHE CG   C Y N 255 
PHE CD1  C Y N 256 
PHE CD2  C Y N 257 
PHE CE1  C Y N 258 
PHE CE2  C Y N 259 
PHE CZ   C Y N 260 
PHE OXT  O N N 261 
PHE H    H N N 262 
PHE H2   H N N 263 
PHE HA   H N N 264 
PHE HB2  H N N 265 
PHE HB3  H N N 266 
PHE HD1  H N N 267 
PHE HD2  H N N 268 
PHE HE1  H N N 269 
PHE HE2  H N N 270 
PHE HZ   H N N 271 
PHE HXT  H N N 272 
PRO N    N N N 273 
PRO CA   C N S 274 
PRO C    C N N 275 
PRO O    O N N 276 
PRO CB   C N N 277 
PRO CG   C N N 278 
PRO CD   C N N 279 
PRO OXT  O N N 280 
PRO H    H N N 281 
PRO HA   H N N 282 
PRO HB2  H N N 283 
PRO HB3  H N N 284 
PRO HG2  H N N 285 
PRO HG3  H N N 286 
PRO HD2  H N N 287 
PRO HD3  H N N 288 
PRO HXT  H N N 289 
SER N    N N N 290 
SER CA   C N S 291 
SER C    C N N 292 
SER O    O N N 293 
SER CB   C N N 294 
SER OG   O N N 295 
SER OXT  O N N 296 
SER H    H N N 297 
SER H2   H N N 298 
SER HA   H N N 299 
SER HB2  H N N 300 
SER HB3  H N N 301 
SER HG   H N N 302 
SER HXT  H N N 303 
THR N    N N N 304 
THR CA   C N S 305 
THR C    C N N 306 
THR O    O N N 307 
THR CB   C N R 308 
THR OG1  O N N 309 
THR CG2  C N N 310 
THR OXT  O N N 311 
THR H    H N N 312 
THR H2   H N N 313 
THR HA   H N N 314 
THR HB   H N N 315 
THR HG1  H N N 316 
THR HG21 H N N 317 
THR HG22 H N N 318 
THR HG23 H N N 319 
THR HXT  H N N 320 
TRP N    N N N 321 
TRP CA   C N S 322 
TRP C    C N N 323 
TRP O    O N N 324 
TRP CB   C N N 325 
TRP CG   C Y N 326 
TRP CD1  C Y N 327 
TRP CD2  C Y N 328 
TRP NE1  N Y N 329 
TRP CE2  C Y N 330 
TRP CE3  C Y N 331 
TRP CZ2  C Y N 332 
TRP CZ3  C Y N 333 
TRP CH2  C Y N 334 
TRP OXT  O N N 335 
TRP H    H N N 336 
TRP H2   H N N 337 
TRP HA   H N N 338 
TRP HB2  H N N 339 
TRP HB3  H N N 340 
TRP HD1  H N N 341 
TRP HE1  H N N 342 
TRP HE3  H N N 343 
TRP HZ2  H N N 344 
TRP HZ3  H N N 345 
TRP HH2  H N N 346 
TRP HXT  H N N 347 
TYR N    N N N 348 
TYR CA   C N S 349 
TYR C    C N N 350 
TYR O    O N N 351 
TYR CB   C N N 352 
TYR CG   C Y N 353 
TYR CD1  C Y N 354 
TYR CD2  C Y N 355 
TYR CE1  C Y N 356 
TYR CE2  C Y N 357 
TYR CZ   C Y N 358 
TYR OH   O N N 359 
TYR OXT  O N N 360 
TYR H    H N N 361 
TYR H2   H N N 362 
TYR HA   H N N 363 
TYR HB2  H N N 364 
TYR HB3  H N N 365 
TYR HD1  H N N 366 
TYR HD2  H N N 367 
TYR HE1  H N N 368 
TYR HE2  H N N 369 
TYR HH   H N N 370 
TYR HXT  H N N 371 
VAL N    N N N 372 
VAL CA   C N S 373 
VAL C    C N N 374 
VAL O    O N N 375 
VAL CB   C N N 376 
VAL CG1  C N N 377 
VAL CG2  C N N 378 
VAL OXT  O N N 379 
VAL H    H N N 380 
VAL H2   H N N 381 
VAL HA   H N N 382 
VAL HB   H N N 383 
VAL HG11 H N N 384 
VAL HG12 H N N 385 
VAL HG13 H N N 386 
VAL HG21 H N N 387 
VAL HG22 H N N 388 
VAL HG23 H N N 389 
VAL HXT  H N N 390 
# 
loop_
_chem_comp_bond.comp_id 
_chem_comp_bond.atom_id_1 
_chem_comp_bond.atom_id_2 
_chem_comp_bond.value_order 
_chem_comp_bond.pdbx_aromatic_flag 
_chem_comp_bond.pdbx_stereo_config 
_chem_comp_bond.pdbx_ordinal 
ALA N   CA   sing N N 1   
ALA N   H    sing N N 2   
ALA N   H2   sing N N 3   
ALA CA  C    sing N N 4   
ALA CA  CB   sing N N 5   
ALA CA  HA   sing N N 6   
ALA C   O    doub N N 7   
ALA C   OXT  sing N N 8   
ALA CB  HB1  sing N N 9   
ALA CB  HB2  sing N N 10  
ALA CB  HB3  sing N N 11  
ALA OXT HXT  sing N N 12  
ARG N   CA   sing N N 13  
ARG N   H    sing N N 14  
ARG N   H2   sing N N 15  
ARG CA  C    sing N N 16  
ARG CA  CB   sing N N 17  
ARG CA  HA   sing N N 18  
ARG C   O    doub N N 19  
ARG C   OXT  sing N N 20  
ARG CB  CG   sing N N 21  
ARG CB  HB2  sing N N 22  
ARG CB  HB3  sing N N 23  
ARG CG  CD   sing N N 24  
ARG CG  HG2  sing N N 25  
ARG CG  HG3  sing N N 26  
ARG CD  NE   sing N N 27  
ARG CD  HD2  sing N N 28  
ARG CD  HD3  sing N N 29  
ARG NE  CZ   sing N N 30  
ARG NE  HE   sing N N 31  
ARG CZ  NH1  sing N N 32  
ARG CZ  NH2  doub N N 33  
ARG NH1 HH11 sing N N 34  
ARG NH1 HH12 sing N N 35  
ARG NH2 HH21 sing N N 36  
ARG NH2 HH22 sing N N 37  
ARG OXT HXT  sing N N 38  
ASN N   CA   sing N N 39  
ASN N   H    sing N N 40  
ASN N   H2   sing N N 41  
ASN CA  C    sing N N 42  
ASN CA  CB   sing N N 43  
ASN CA  HA   sing N N 44  
ASN C   O    doub N N 45  
ASN C   OXT  sing N N 46  
ASN CB  CG   sing N N 47  
ASN CB  HB2  sing N N 48  
ASN CB  HB3  sing N N 49  
ASN CG  OD1  doub N N 50  
ASN CG  ND2  sing N N 51  
ASN ND2 HD21 sing N N 52  
ASN ND2 HD22 sing N N 53  
ASN OXT HXT  sing N N 54  
ASP N   CA   sing N N 55  
ASP N   H    sing N N 56  
ASP N   H2   sing N N 57  
ASP CA  C    sing N N 58  
ASP CA  CB   sing N N 59  
ASP CA  HA   sing N N 60  
ASP C   O    doub N N 61  
ASP C   OXT  sing N N 62  
ASP CB  CG   sing N N 63  
ASP CB  HB2  sing N N 64  
ASP CB  HB3  sing N N 65  
ASP CG  OD1  doub N N 66  
ASP CG  OD2  sing N N 67  
ASP OD2 HD2  sing N N 68  
ASP OXT HXT  sing N N 69  
CYS N   CA   sing N N 70  
CYS N   H    sing N N 71  
CYS N   H2   sing N N 72  
CYS CA  C    sing N N 73  
CYS CA  CB   sing N N 74  
CYS CA  HA   sing N N 75  
CYS C   O    doub N N 76  
CYS C   OXT  sing N N 77  
CYS CB  SG   sing N N 78  
CYS CB  HB2  sing N N 79  
CYS CB  HB3  sing N N 80  
CYS SG  HG   sing N N 81  
CYS OXT HXT  sing N N 82  
GLN N   CA   sing N N 83  
GLN N   H    sing N N 84  
GLN N   H2   sing N N 85  
GLN CA  C    sing N N 86  
GLN CA  CB   sing N N 87  
GLN CA  HA   sing N N 88  
GLN C   O    doub N N 89  
GLN C   OXT  sing N N 90  
GLN CB  CG   sing N N 91  
GLN CB  HB2  sing N N 92  
GLN CB  HB3  sing N N 93  
GLN CG  CD   sing N N 94  
GLN CG  HG2  sing N N 95  
GLN CG  HG3  sing N N 96  
GLN CD  OE1  doub N N 97  
GLN CD  NE2  sing N N 98  
GLN NE2 HE21 sing N N 99  
GLN NE2 HE22 sing N N 100 
GLN OXT HXT  sing N N 101 
GLU N   CA   sing N N 102 
GLU N   H    sing N N 103 
GLU N   H2   sing N N 104 
GLU CA  C    sing N N 105 
GLU CA  CB   sing N N 106 
GLU CA  HA   sing N N 107 
GLU C   O    doub N N 108 
GLU C   OXT  sing N N 109 
GLU CB  CG   sing N N 110 
GLU CB  HB2  sing N N 111 
GLU CB  HB3  sing N N 112 
GLU CG  CD   sing N N 113 
GLU CG  HG2  sing N N 114 
GLU CG  HG3  sing N N 115 
GLU CD  OE1  doub N N 116 
GLU CD  OE2  sing N N 117 
GLU OE2 HE2  sing N N 118 
GLU OXT HXT  sing N N 119 
GLY N   CA   sing N N 120 
GLY N   H    sing N N 121 
GLY N   H2   sing N N 122 
GLY CA  C    sing N N 123 
GLY CA  HA2  sing N N 124 
GLY CA  HA3  sing N N 125 
GLY C   O    doub N N 126 
GLY C   OXT  sing N N 127 
GLY OXT HXT  sing N N 128 
HIS N   CA   sing N N 129 
HIS N   H    sing N N 130 
HIS N   H2   sing N N 131 
HIS CA  C    sing N N 132 
HIS CA  CB   sing N N 133 
HIS CA  HA   sing N N 134 
HIS C   O    doub N N 135 
HIS C   OXT  sing N N 136 
HIS CB  CG   sing N N 137 
HIS CB  HB2  sing N N 138 
HIS CB  HB3  sing N N 139 
HIS CG  ND1  sing Y N 140 
HIS CG  CD2  doub Y N 141 
HIS ND1 CE1  doub Y N 142 
HIS ND1 HD1  sing N N 143 
HIS CD2 NE2  sing Y N 144 
HIS CD2 HD2  sing N N 145 
HIS CE1 NE2  sing Y N 146 
HIS CE1 HE1  sing N N 147 
HIS NE2 HE2  sing N N 148 
HIS OXT HXT  sing N N 149 
HOH O   H1   sing N N 150 
HOH O   H2   sing N N 151 
ILE N   CA   sing N N 152 
ILE N   H    sing N N 153 
ILE N   H2   sing N N 154 
ILE CA  C    sing N N 155 
ILE CA  CB   sing N N 156 
ILE CA  HA   sing N N 157 
ILE C   O    doub N N 158 
ILE C   OXT  sing N N 159 
ILE CB  CG1  sing N N 160 
ILE CB  CG2  sing N N 161 
ILE CB  HB   sing N N 162 
ILE CG1 CD1  sing N N 163 
ILE CG1 HG12 sing N N 164 
ILE CG1 HG13 sing N N 165 
ILE CG2 HG21 sing N N 166 
ILE CG2 HG22 sing N N 167 
ILE CG2 HG23 sing N N 168 
ILE CD1 HD11 sing N N 169 
ILE CD1 HD12 sing N N 170 
ILE CD1 HD13 sing N N 171 
ILE OXT HXT  sing N N 172 
LEU N   CA   sing N N 173 
LEU N   H    sing N N 174 
LEU N   H2   sing N N 175 
LEU CA  C    sing N N 176 
LEU CA  CB   sing N N 177 
LEU CA  HA   sing N N 178 
LEU C   O    doub N N 179 
LEU C   OXT  sing N N 180 
LEU CB  CG   sing N N 181 
LEU CB  HB2  sing N N 182 
LEU CB  HB3  sing N N 183 
LEU CG  CD1  sing N N 184 
LEU CG  CD2  sing N N 185 
LEU CG  HG   sing N N 186 
LEU CD1 HD11 sing N N 187 
LEU CD1 HD12 sing N N 188 
LEU CD1 HD13 sing N N 189 
LEU CD2 HD21 sing N N 190 
LEU CD2 HD22 sing N N 191 
LEU CD2 HD23 sing N N 192 
LEU OXT HXT  sing N N 193 
LYS N   CA   sing N N 194 
LYS N   H    sing N N 195 
LYS N   H2   sing N N 196 
LYS CA  C    sing N N 197 
LYS CA  CB   sing N N 198 
LYS CA  HA   sing N N 199 
LYS C   O    doub N N 200 
LYS C   OXT  sing N N 201 
LYS CB  CG   sing N N 202 
LYS CB  HB2  sing N N 203 
LYS CB  HB3  sing N N 204 
LYS CG  CD   sing N N 205 
LYS CG  HG2  sing N N 206 
LYS CG  HG3  sing N N 207 
LYS CD  CE   sing N N 208 
LYS CD  HD2  sing N N 209 
LYS CD  HD3  sing N N 210 
LYS CE  NZ   sing N N 211 
LYS CE  HE2  sing N N 212 
LYS CE  HE3  sing N N 213 
LYS NZ  HZ1  sing N N 214 
LYS NZ  HZ2  sing N N 215 
LYS NZ  HZ3  sing N N 216 
LYS OXT HXT  sing N N 217 
MET N   CA   sing N N 218 
MET N   H    sing N N 219 
MET N   H2   sing N N 220 
MET CA  C    sing N N 221 
MET CA  CB   sing N N 222 
MET CA  HA   sing N N 223 
MET C   O    doub N N 224 
MET C   OXT  sing N N 225 
MET CB  CG   sing N N 226 
MET CB  HB2  sing N N 227 
MET CB  HB3  sing N N 228 
MET CG  SD   sing N N 229 
MET CG  HG2  sing N N 230 
MET CG  HG3  sing N N 231 
MET SD  CE   sing N N 232 
MET CE  HE1  sing N N 233 
MET CE  HE2  sing N N 234 
MET CE  HE3  sing N N 235 
MET OXT HXT  sing N N 236 
PHE N   CA   sing N N 237 
PHE N   H    sing N N 238 
PHE N   H2   sing N N 239 
PHE CA  C    sing N N 240 
PHE CA  CB   sing N N 241 
PHE CA  HA   sing N N 242 
PHE C   O    doub N N 243 
PHE C   OXT  sing N N 244 
PHE CB  CG   sing N N 245 
PHE CB  HB2  sing N N 246 
PHE CB  HB3  sing N N 247 
PHE CG  CD1  doub Y N 248 
PHE CG  CD2  sing Y N 249 
PHE CD1 CE1  sing Y N 250 
PHE CD1 HD1  sing N N 251 
PHE CD2 CE2  doub Y N 252 
PHE CD2 HD2  sing N N 253 
PHE CE1 CZ   doub Y N 254 
PHE CE1 HE1  sing N N 255 
PHE CE2 CZ   sing Y N 256 
PHE CE2 HE2  sing N N 257 
PHE CZ  HZ   sing N N 258 
PHE OXT HXT  sing N N 259 
PRO N   CA   sing N N 260 
PRO N   CD   sing N N 261 
PRO N   H    sing N N 262 
PRO CA  C    sing N N 263 
PRO CA  CB   sing N N 264 
PRO CA  HA   sing N N 265 
PRO C   O    doub N N 266 
PRO C   OXT  sing N N 267 
PRO CB  CG   sing N N 268 
PRO CB  HB2  sing N N 269 
PRO CB  HB3  sing N N 270 
PRO CG  CD   sing N N 271 
PRO CG  HG2  sing N N 272 
PRO CG  HG3  sing N N 273 
PRO CD  HD2  sing N N 274 
PRO CD  HD3  sing N N 275 
PRO OXT HXT  sing N N 276 
SER N   CA   sing N N 277 
SER N   H    sing N N 278 
SER N   H2   sing N N 279 
SER CA  C    sing N N 280 
SER CA  CB   sing N N 281 
SER CA  HA   sing N N 282 
SER C   O    doub N N 283 
SER C   OXT  sing N N 284 
SER CB  OG   sing N N 285 
SER CB  HB2  sing N N 286 
SER CB  HB3  sing N N 287 
SER OG  HG   sing N N 288 
SER OXT HXT  sing N N 289 
THR N   CA   sing N N 290 
THR N   H    sing N N 291 
THR N   H2   sing N N 292 
THR CA  C    sing N N 293 
THR CA  CB   sing N N 294 
THR CA  HA   sing N N 295 
THR C   O    doub N N 296 
THR C   OXT  sing N N 297 
THR CB  OG1  sing N N 298 
THR CB  CG2  sing N N 299 
THR CB  HB   sing N N 300 
THR OG1 HG1  sing N N 301 
THR CG2 HG21 sing N N 302 
THR CG2 HG22 sing N N 303 
THR CG2 HG23 sing N N 304 
THR OXT HXT  sing N N 305 
TRP N   CA   sing N N 306 
TRP N   H    sing N N 307 
TRP N   H2   sing N N 308 
TRP CA  C    sing N N 309 
TRP CA  CB   sing N N 310 
TRP CA  HA   sing N N 311 
TRP C   O    doub N N 312 
TRP C   OXT  sing N N 313 
TRP CB  CG   sing N N 314 
TRP CB  HB2  sing N N 315 
TRP CB  HB3  sing N N 316 
TRP CG  CD1  doub Y N 317 
TRP CG  CD2  sing Y N 318 
TRP CD1 NE1  sing Y N 319 
TRP CD1 HD1  sing N N 320 
TRP CD2 CE2  doub Y N 321 
TRP CD2 CE3  sing Y N 322 
TRP NE1 CE2  sing Y N 323 
TRP NE1 HE1  sing N N 324 
TRP CE2 CZ2  sing Y N 325 
TRP CE3 CZ3  doub Y N 326 
TRP CE3 HE3  sing N N 327 
TRP CZ2 CH2  doub Y N 328 
TRP CZ2 HZ2  sing N N 329 
TRP CZ3 CH2  sing Y N 330 
TRP CZ3 HZ3  sing N N 331 
TRP CH2 HH2  sing N N 332 
TRP OXT HXT  sing N N 333 
TYR N   CA   sing N N 334 
TYR N   H    sing N N 335 
TYR N   H2   sing N N 336 
TYR CA  C    sing N N 337 
TYR CA  CB   sing N N 338 
TYR CA  HA   sing N N 339 
TYR C   O    doub N N 340 
TYR C   OXT  sing N N 341 
TYR CB  CG   sing N N 342 
TYR CB  HB2  sing N N 343 
TYR CB  HB3  sing N N 344 
TYR CG  CD1  doub Y N 345 
TYR CG  CD2  sing Y N 346 
TYR CD1 CE1  sing Y N 347 
TYR CD1 HD1  sing N N 348 
TYR CD2 CE2  doub Y N 349 
TYR CD2 HD2  sing N N 350 
TYR CE1 CZ   doub Y N 351 
TYR CE1 HE1  sing N N 352 
TYR CE2 CZ   sing Y N 353 
TYR CE2 HE2  sing N N 354 
TYR CZ  OH   sing N N 355 
TYR OH  HH   sing N N 356 
TYR OXT HXT  sing N N 357 
VAL N   CA   sing N N 358 
VAL N   H    sing N N 359 
VAL N   H2   sing N N 360 
VAL CA  C    sing N N 361 
VAL CA  CB   sing N N 362 
VAL CA  HA   sing N N 363 
VAL C   O    doub N N 364 
VAL C   OXT  sing N N 365 
VAL CB  CG1  sing N N 366 
VAL CB  CG2  sing N N 367 
VAL CB  HB   sing N N 368 
VAL CG1 HG11 sing N N 369 
VAL CG1 HG12 sing N N 370 
VAL CG1 HG13 sing N N 371 
VAL CG2 HG21 sing N N 372 
VAL CG2 HG22 sing N N 373 
VAL CG2 HG23 sing N N 374 
VAL OXT HXT  sing N N 375 
# 
_pdbx_entity_nonpoly.entity_id   2 
_pdbx_entity_nonpoly.name        water 
_pdbx_entity_nonpoly.comp_id     HOH 
# 
_pdbx_initial_refinement_model.id               1 
_pdbx_initial_refinement_model.entity_id_list   ? 
_pdbx_initial_refinement_model.type             'experimental model' 
_pdbx_initial_refinement_model.source_name      PDB 
_pdbx_initial_refinement_model.accession_code   3OFK 
_pdbx_initial_refinement_model.details          'NodS from NodS-SAH complex (3OFK)' 
# 
